data_1ZCE
# 
_entry.id   1ZCE 
# 
_audit_conform.dict_name       mmcif_pdbx.dic 
_audit_conform.dict_version    5.397 
_audit_conform.dict_location   http://mmcif.pdb.org/dictionaries/ascii/mmcif_pdbx.dic 
# 
loop_
_database_2.database_id 
_database_2.database_code 
_database_2.pdbx_database_accession 
_database_2.pdbx_DOI 
PDB   1ZCE         pdb_00001zce 10.2210/pdb1zce/pdb 
RCSB  RCSB032563   ?            ?                   
WWPDB D_1000032563 ?            ?                   
# 
loop_
_pdbx_audit_revision_history.ordinal 
_pdbx_audit_revision_history.data_content_type 
_pdbx_audit_revision_history.major_revision 
_pdbx_audit_revision_history.minor_revision 
_pdbx_audit_revision_history.revision_date 
1 'Structure model' 1 0 2005-04-19 
2 'Structure model' 1 1 2008-04-30 
3 'Structure model' 1 2 2011-07-13 
4 'Structure model' 1 3 2024-10-09 
# 
_pdbx_audit_revision_details.ordinal             1 
_pdbx_audit_revision_details.revision_ordinal    1 
_pdbx_audit_revision_details.data_content_type   'Structure model' 
_pdbx_audit_revision_details.provider            repository 
_pdbx_audit_revision_details.type                'Initial release' 
_pdbx_audit_revision_details.description         ? 
_pdbx_audit_revision_details.details             ? 
# 
loop_
_pdbx_audit_revision_group.ordinal 
_pdbx_audit_revision_group.revision_ordinal 
_pdbx_audit_revision_group.data_content_type 
_pdbx_audit_revision_group.group 
1 2 'Structure model' 'Version format compliance' 
2 3 'Structure model' 'Version format compliance' 
3 4 'Structure model' 'Data collection'           
4 4 'Structure model' 'Database references'       
5 4 'Structure model' 'Derived calculations'      
6 4 'Structure model' 'Structure summary'         
# 
loop_
_pdbx_audit_revision_category.ordinal 
_pdbx_audit_revision_category.revision_ordinal 
_pdbx_audit_revision_category.data_content_type 
_pdbx_audit_revision_category.category 
1 4 'Structure model' chem_comp_atom            
2 4 'Structure model' chem_comp_bond            
3 4 'Structure model' database_2                
4 4 'Structure model' pdbx_entry_details        
5 4 'Structure model' pdbx_modification_feature 
6 4 'Structure model' struct_conn               
7 4 'Structure model' struct_ref_seq_dif        
# 
loop_
_pdbx_audit_revision_item.ordinal 
_pdbx_audit_revision_item.revision_ordinal 
_pdbx_audit_revision_item.data_content_type 
_pdbx_audit_revision_item.item 
1 4 'Structure model' '_database_2.pdbx_DOI'                
2 4 'Structure model' '_database_2.pdbx_database_accession' 
3 4 'Structure model' '_struct_conn.pdbx_leaving_atom_flag' 
4 4 'Structure model' '_struct_ref_seq_dif.details'         
# 
_pdbx_database_status.status_code                     REL 
_pdbx_database_status.entry_id                        1ZCE 
_pdbx_database_status.recvd_initial_deposition_date   2005-04-11 
_pdbx_database_status.deposit_site                    RCSB 
_pdbx_database_status.process_site                    RCSB 
_pdbx_database_status.status_code_sf                  REL 
_pdbx_database_status.status_code_mr                  ? 
_pdbx_database_status.SG_entry                        Y 
_pdbx_database_status.pdb_format_compatible           Y 
_pdbx_database_status.status_code_cs                  ? 
_pdbx_database_status.status_code_nmr_data            ? 
_pdbx_database_status.methods_development_category    ? 
# 
_pdbx_database_related.db_name        TargetDB 
_pdbx_database_related.db_id          AtR33 
_pdbx_database_related.details        . 
_pdbx_database_related.content_type   unspecified 
# 
loop_
_audit_author.name 
_audit_author.pdbx_ordinal 
'Forouhar, F.'                                    1 
'Chen, Y.'                                        2 
'Conover, K.'                                     3 
'Acton, T.B.'                                     4 
'Montelione, G.T.'                                5 
'Hunt, J.F.'                                      6 
'Tong, L.'                                        7 
'Northeast Structural Genomics Consortium (NESG)' 8 
# 
_citation.id                        primary 
_citation.title                     'Structural genomics reveals EVE as a new ASCH/PUA-related domain.' 
_citation.journal_abbrev            Proteins 
_citation.journal_volume            75 
_citation.page_first                760 
_citation.page_last                 773 
_citation.year                      2009 
_citation.journal_id_ASTM           PSFGEY 
_citation.country                   US 
_citation.journal_id_ISSN           0887-3585 
_citation.journal_id_CSD            0867 
_citation.book_publisher            ? 
_citation.pdbx_database_id_PubMed   19191354 
_citation.pdbx_database_id_DOI      10.1002/prot.22287 
# 
loop_
_citation_author.citation_id 
_citation_author.name 
_citation_author.ordinal 
_citation_author.identifier_ORCID 
primary 'Bertonati, C.'    1  ? 
primary 'Punta, M.'        2  ? 
primary 'Fischer, M.'      3  ? 
primary 'Yachdav, G.'      4  ? 
primary 'Forouhar, F.'     5  ? 
primary 'Zhou, W.'         6  ? 
primary 'Kuzin, A.P.'      7  ? 
primary 'Seetharaman, J.'  8  ? 
primary 'Abashidze, M.'    9  ? 
primary 'Ramelot, T.A.'    10 ? 
primary 'Kennedy, M.A.'    11 ? 
primary 'Cort, J.R.'       12 ? 
primary 'Belachew, A.'     13 ? 
primary 'Hunt, J.F.'       14 ? 
primary 'Tong, L.'         15 ? 
primary 'Montelione, G.T.' 16 ? 
primary 'Rost, B.'         17 ? 
# 
loop_
_entity.id 
_entity.type 
_entity.src_method 
_entity.pdbx_description 
_entity.formula_weight 
_entity.pdbx_number_of_molecules 
_entity.pdbx_ec 
_entity.pdbx_mutation 
_entity.pdbx_fragment 
_entity.details 
1 polymer man 'hypothetical protein Atu2648' 18083.438 1   ? ? ? ? 
2 water   nat water                          18.015    319 ? ? ? ? 
# 
_entity_poly.entity_id                      1 
_entity_poly.type                           'polypeptide(L)' 
_entity_poly.nstd_linkage                   no 
_entity_poly.nstd_monomer                   yes 
_entity_poly.pdbx_seq_one_letter_code       
;MANYWLYKSEPFKWSWE(MSE)QKAKGETGEEWTGVRNYQARNN(MSE)RA(MSE)KIGDKGFFYHSNEGLDVVGIVEVC
ALSHPDSTAEGDLKWDCVDIRAVCD(MSE)PQPVSLKDVKANPKLEK(MSE)SLVTS(MSE)RLSVQPVTEEEYLEVCR
(MSE)GGLANPPKSPDLEHHHHHH
;
_entity_poly.pdbx_seq_one_letter_code_can   
;MANYWLYKSEPFKWSWEMQKAKGETGEEWTGVRNYQARNNMRAMKIGDKGFFYHSNEGLDVVGIVEVCALSHPDSTAEGD
LKWDCVDIRAVCDMPQPVSLKDVKANPKLEKMSLVTSMRLSVQPVTEEEYLEVCRMGGLANPPKSPDLEHHHHHH
;
_entity_poly.pdbx_strand_id                 A 
_entity_poly.pdbx_target_identifier         AtR33 
# 
_pdbx_entity_nonpoly.entity_id   2 
_pdbx_entity_nonpoly.name        water 
_pdbx_entity_nonpoly.comp_id     HOH 
# 
loop_
_entity_poly_seq.entity_id 
_entity_poly_seq.num 
_entity_poly_seq.mon_id 
_entity_poly_seq.hetero 
1 1   MET n 
1 2   ALA n 
1 3   ASN n 
1 4   TYR n 
1 5   TRP n 
1 6   LEU n 
1 7   TYR n 
1 8   LYS n 
1 9   SER n 
1 10  GLU n 
1 11  PRO n 
1 12  PHE n 
1 13  LYS n 
1 14  TRP n 
1 15  SER n 
1 16  TRP n 
1 17  GLU n 
1 18  MSE n 
1 19  GLN n 
1 20  LYS n 
1 21  ALA n 
1 22  LYS n 
1 23  GLY n 
1 24  GLU n 
1 25  THR n 
1 26  GLY n 
1 27  GLU n 
1 28  GLU n 
1 29  TRP n 
1 30  THR n 
1 31  GLY n 
1 32  VAL n 
1 33  ARG n 
1 34  ASN n 
1 35  TYR n 
1 36  GLN n 
1 37  ALA n 
1 38  ARG n 
1 39  ASN n 
1 40  ASN n 
1 41  MSE n 
1 42  ARG n 
1 43  ALA n 
1 44  MSE n 
1 45  LYS n 
1 46  ILE n 
1 47  GLY n 
1 48  ASP n 
1 49  LYS n 
1 50  GLY n 
1 51  PHE n 
1 52  PHE n 
1 53  TYR n 
1 54  HIS n 
1 55  SER n 
1 56  ASN n 
1 57  GLU n 
1 58  GLY n 
1 59  LEU n 
1 60  ASP n 
1 61  VAL n 
1 62  VAL n 
1 63  GLY n 
1 64  ILE n 
1 65  VAL n 
1 66  GLU n 
1 67  VAL n 
1 68  CYS n 
1 69  ALA n 
1 70  LEU n 
1 71  SER n 
1 72  HIS n 
1 73  PRO n 
1 74  ASP n 
1 75  SER n 
1 76  THR n 
1 77  ALA n 
1 78  GLU n 
1 79  GLY n 
1 80  ASP n 
1 81  LEU n 
1 82  LYS n 
1 83  TRP n 
1 84  ASP n 
1 85  CYS n 
1 86  VAL n 
1 87  ASP n 
1 88  ILE n 
1 89  ARG n 
1 90  ALA n 
1 91  VAL n 
1 92  CYS n 
1 93  ASP n 
1 94  MSE n 
1 95  PRO n 
1 96  GLN n 
1 97  PRO n 
1 98  VAL n 
1 99  SER n 
1 100 LEU n 
1 101 LYS n 
1 102 ASP n 
1 103 VAL n 
1 104 LYS n 
1 105 ALA n 
1 106 ASN n 
1 107 PRO n 
1 108 LYS n 
1 109 LEU n 
1 110 GLU n 
1 111 LYS n 
1 112 MSE n 
1 113 SER n 
1 114 LEU n 
1 115 VAL n 
1 116 THR n 
1 117 SER n 
1 118 MSE n 
1 119 ARG n 
1 120 LEU n 
1 121 SER n 
1 122 VAL n 
1 123 GLN n 
1 124 PRO n 
1 125 VAL n 
1 126 THR n 
1 127 GLU n 
1 128 GLU n 
1 129 GLU n 
1 130 TYR n 
1 131 LEU n 
1 132 GLU n 
1 133 VAL n 
1 134 CYS n 
1 135 ARG n 
1 136 MSE n 
1 137 GLY n 
1 138 GLY n 
1 139 LEU n 
1 140 ALA n 
1 141 ASN n 
1 142 PRO n 
1 143 PRO n 
1 144 LYS n 
1 145 SER n 
1 146 PRO n 
1 147 ASP n 
1 148 LEU n 
1 149 GLU n 
1 150 HIS n 
1 151 HIS n 
1 152 HIS n 
1 153 HIS n 
1 154 HIS n 
1 155 HIS n 
# 
_entity_src_gen.entity_id                          1 
_entity_src_gen.pdbx_src_id                        1 
_entity_src_gen.pdbx_alt_source_flag               sample 
_entity_src_gen.pdbx_seq_type                      ? 
_entity_src_gen.pdbx_beg_seq_num                   ? 
_entity_src_gen.pdbx_end_seq_num                   ? 
_entity_src_gen.gene_src_common_name               ? 
_entity_src_gen.gene_src_genus                     Agrobacterium 
_entity_src_gen.pdbx_gene_src_gene                 'locus_tag="Atu2648"' 
_entity_src_gen.gene_src_species                   'Agrobacterium tumefaciens' 
_entity_src_gen.gene_src_strain                    'C58 / ATCC 33970' 
_entity_src_gen.gene_src_tissue                    ? 
_entity_src_gen.gene_src_tissue_fraction           ? 
_entity_src_gen.gene_src_details                   ? 
_entity_src_gen.pdbx_gene_src_fragment             ? 
_entity_src_gen.pdbx_gene_src_scientific_name      'Agrobacterium tumefaciens str. C58' 
_entity_src_gen.pdbx_gene_src_ncbi_taxonomy_id     176299 
_entity_src_gen.pdbx_gene_src_variant              ? 
_entity_src_gen.pdbx_gene_src_cell_line            ? 
_entity_src_gen.pdbx_gene_src_atcc                 ? 
_entity_src_gen.pdbx_gene_src_organ                ? 
_entity_src_gen.pdbx_gene_src_organelle            ? 
_entity_src_gen.pdbx_gene_src_cell                 ? 
_entity_src_gen.pdbx_gene_src_cellular_location    ? 
_entity_src_gen.host_org_common_name               ? 
_entity_src_gen.pdbx_host_org_scientific_name      'Escherichia coli' 
_entity_src_gen.pdbx_host_org_ncbi_taxonomy_id     562 
_entity_src_gen.host_org_genus                     Escherichia 
_entity_src_gen.pdbx_host_org_gene                 ? 
_entity_src_gen.pdbx_host_org_organ                ? 
_entity_src_gen.host_org_species                   ? 
_entity_src_gen.pdbx_host_org_tissue               ? 
_entity_src_gen.pdbx_host_org_tissue_fraction      ? 
_entity_src_gen.pdbx_host_org_strain               'BL21(DE3)+Magic' 
_entity_src_gen.pdbx_host_org_variant              ? 
_entity_src_gen.pdbx_host_org_cell_line            ? 
_entity_src_gen.pdbx_host_org_atcc                 ? 
_entity_src_gen.pdbx_host_org_culture_collection   ? 
_entity_src_gen.pdbx_host_org_cell                 ? 
_entity_src_gen.pdbx_host_org_organelle            ? 
_entity_src_gen.pdbx_host_org_cellular_location    ? 
_entity_src_gen.pdbx_host_org_vector_type          pET21 
_entity_src_gen.pdbx_host_org_vector               ? 
_entity_src_gen.host_org_details                   ? 
_entity_src_gen.expression_system_id               ? 
_entity_src_gen.plasmid_name                       BL21 
_entity_src_gen.plasmid_details                    ? 
_entity_src_gen.pdbx_description                   ? 
# 
loop_
_chem_comp.id 
_chem_comp.type 
_chem_comp.mon_nstd_flag 
_chem_comp.name 
_chem_comp.pdbx_synonyms 
_chem_comp.formula 
_chem_comp.formula_weight 
ALA 'L-peptide linking' y ALANINE          ? 'C3 H7 N O2'     89.093  
ARG 'L-peptide linking' y ARGININE         ? 'C6 H15 N4 O2 1' 175.209 
ASN 'L-peptide linking' y ASPARAGINE       ? 'C4 H8 N2 O3'    132.118 
ASP 'L-peptide linking' y 'ASPARTIC ACID'  ? 'C4 H7 N O4'     133.103 
CYS 'L-peptide linking' y CYSTEINE         ? 'C3 H7 N O2 S'   121.158 
GLN 'L-peptide linking' y GLUTAMINE        ? 'C5 H10 N2 O3'   146.144 
GLU 'L-peptide linking' y 'GLUTAMIC ACID'  ? 'C5 H9 N O4'     147.129 
GLY 'peptide linking'   y GLYCINE          ? 'C2 H5 N O2'     75.067  
HIS 'L-peptide linking' y HISTIDINE        ? 'C6 H10 N3 O2 1' 156.162 
HOH non-polymer         . WATER            ? 'H2 O'           18.015  
ILE 'L-peptide linking' y ISOLEUCINE       ? 'C6 H13 N O2'    131.173 
LEU 'L-peptide linking' y LEUCINE          ? 'C6 H13 N O2'    131.173 
LYS 'L-peptide linking' y LYSINE           ? 'C6 H15 N2 O2 1' 147.195 
MET 'L-peptide linking' y METHIONINE       ? 'C5 H11 N O2 S'  149.211 
MSE 'L-peptide linking' n SELENOMETHIONINE ? 'C5 H11 N O2 Se' 196.106 
PHE 'L-peptide linking' y PHENYLALANINE    ? 'C9 H11 N O2'    165.189 
PRO 'L-peptide linking' y PROLINE          ? 'C5 H9 N O2'     115.130 
SER 'L-peptide linking' y SERINE           ? 'C3 H7 N O3'     105.093 
THR 'L-peptide linking' y THREONINE        ? 'C4 H9 N O3'     119.119 
TRP 'L-peptide linking' y TRYPTOPHAN       ? 'C11 H12 N2 O2'  204.225 
TYR 'L-peptide linking' y TYROSINE         ? 'C9 H11 N O3'    181.189 
VAL 'L-peptide linking' y VALINE           ? 'C5 H11 N O2'    117.146 
# 
loop_
_pdbx_poly_seq_scheme.asym_id 
_pdbx_poly_seq_scheme.entity_id 
_pdbx_poly_seq_scheme.seq_id 
_pdbx_poly_seq_scheme.mon_id 
_pdbx_poly_seq_scheme.ndb_seq_num 
_pdbx_poly_seq_scheme.pdb_seq_num 
_pdbx_poly_seq_scheme.auth_seq_num 
_pdbx_poly_seq_scheme.pdb_mon_id 
_pdbx_poly_seq_scheme.auth_mon_id 
_pdbx_poly_seq_scheme.pdb_strand_id 
_pdbx_poly_seq_scheme.pdb_ins_code 
_pdbx_poly_seq_scheme.hetero 
A 1 1   MET 1   1   ?   ?   ?   A . n 
A 1 2   ALA 2   2   2   ALA ALA A . n 
A 1 3   ASN 3   3   3   ASN ASN A . n 
A 1 4   TYR 4   4   4   TYR TYR A . n 
A 1 5   TRP 5   5   5   TRP TRP A . n 
A 1 6   LEU 6   6   6   LEU LEU A . n 
A 1 7   TYR 7   7   7   TYR TYR A . n 
A 1 8   LYS 8   8   8   LYS LYS A . n 
A 1 9   SER 9   9   9   SER SER A . n 
A 1 10  GLU 10  10  10  GLU GLU A . n 
A 1 11  PRO 11  11  11  PRO PRO A . n 
A 1 12  PHE 12  12  12  PHE PHE A . n 
A 1 13  LYS 13  13  13  LYS LYS A . n 
A 1 14  TRP 14  14  14  TRP TRP A . n 
A 1 15  SER 15  15  15  SER SER A . n 
A 1 16  TRP 16  16  16  TRP TRP A . n 
A 1 17  GLU 17  17  17  GLU GLU A . n 
A 1 18  MSE 18  18  18  MSE MSE A . n 
A 1 19  GLN 19  19  19  GLN GLN A . n 
A 1 20  LYS 20  20  20  LYS LYS A . n 
A 1 21  ALA 21  21  21  ALA ALA A . n 
A 1 22  LYS 22  22  22  LYS LYS A . n 
A 1 23  GLY 23  23  23  GLY GLY A . n 
A 1 24  GLU 24  24  24  GLU GLU A . n 
A 1 25  THR 25  25  25  THR THR A . n 
A 1 26  GLY 26  26  26  GLY GLY A . n 
A 1 27  GLU 27  27  27  GLU GLU A . n 
A 1 28  GLU 28  28  28  GLU GLU A . n 
A 1 29  TRP 29  29  29  TRP TRP A . n 
A 1 30  THR 30  30  30  THR THR A . n 
A 1 31  GLY 31  31  31  GLY GLY A . n 
A 1 32  VAL 32  32  32  VAL VAL A . n 
A 1 33  ARG 33  33  33  ARG ARG A . n 
A 1 34  ASN 34  34  34  ASN ASN A . n 
A 1 35  TYR 35  35  35  TYR TYR A . n 
A 1 36  GLN 36  36  36  GLN GLN A . n 
A 1 37  ALA 37  37  37  ALA ALA A . n 
A 1 38  ARG 38  38  38  ARG ARG A . n 
A 1 39  ASN 39  39  39  ASN ASN A . n 
A 1 40  ASN 40  40  40  ASN ASN A . n 
A 1 41  MSE 41  41  41  MSE MSE A . n 
A 1 42  ARG 42  42  42  ARG ARG A . n 
A 1 43  ALA 43  43  43  ALA ALA A . n 
A 1 44  MSE 44  44  44  MSE MSE A . n 
A 1 45  LYS 45  45  45  LYS LYS A . n 
A 1 46  ILE 46  46  46  ILE ILE A . n 
A 1 47  GLY 47  47  47  GLY GLY A . n 
A 1 48  ASP 48  48  48  ASP ASP A . n 
A 1 49  LYS 49  49  49  LYS LYS A . n 
A 1 50  GLY 50  50  50  GLY GLY A . n 
A 1 51  PHE 51  51  51  PHE PHE A . n 
A 1 52  PHE 52  52  52  PHE PHE A . n 
A 1 53  TYR 53  53  53  TYR TYR A . n 
A 1 54  HIS 54  54  54  HIS HIS A . n 
A 1 55  SER 55  55  55  SER SER A . n 
A 1 56  ASN 56  56  56  ASN ASN A . n 
A 1 57  GLU 57  57  57  GLU GLU A . n 
A 1 58  GLY 58  58  58  GLY GLY A . n 
A 1 59  LEU 59  59  59  LEU LEU A . n 
A 1 60  ASP 60  60  60  ASP ASP A . n 
A 1 61  VAL 61  61  61  VAL VAL A . n 
A 1 62  VAL 62  62  62  VAL VAL A . n 
A 1 63  GLY 63  63  63  GLY GLY A . n 
A 1 64  ILE 64  64  64  ILE ILE A . n 
A 1 65  VAL 65  65  65  VAL VAL A . n 
A 1 66  GLU 66  66  66  GLU GLU A . n 
A 1 67  VAL 67  67  67  VAL VAL A . n 
A 1 68  CYS 68  68  68  CYS CYS A . n 
A 1 69  ALA 69  69  69  ALA ALA A . n 
A 1 70  LEU 70  70  70  LEU LEU A . n 
A 1 71  SER 71  71  71  SER SER A . n 
A 1 72  HIS 72  72  72  HIS HIS A . n 
A 1 73  PRO 73  73  73  PRO PRO A . n 
A 1 74  ASP 74  74  74  ASP ASP A . n 
A 1 75  SER 75  75  75  SER SER A . n 
A 1 76  THR 76  76  76  THR THR A . n 
A 1 77  ALA 77  77  77  ALA ALA A . n 
A 1 78  GLU 78  78  78  GLU GLU A . n 
A 1 79  GLY 79  79  79  GLY GLY A . n 
A 1 80  ASP 80  80  80  ASP ASP A . n 
A 1 81  LEU 81  81  81  LEU LEU A . n 
A 1 82  LYS 82  82  82  LYS LYS A . n 
A 1 83  TRP 83  83  83  TRP TRP A . n 
A 1 84  ASP 84  84  84  ASP ASP A . n 
A 1 85  CYS 85  85  85  CYS CYS A . n 
A 1 86  VAL 86  86  86  VAL VAL A . n 
A 1 87  ASP 87  87  87  ASP ASP A . n 
A 1 88  ILE 88  88  88  ILE ILE A . n 
A 1 89  ARG 89  89  89  ARG ARG A . n 
A 1 90  ALA 90  90  90  ALA ALA A . n 
A 1 91  VAL 91  91  91  VAL VAL A . n 
A 1 92  CYS 92  92  92  CYS CYS A . n 
A 1 93  ASP 93  93  93  ASP ASP A . n 
A 1 94  MSE 94  94  94  MSE MSE A . n 
A 1 95  PRO 95  95  95  PRO PRO A . n 
A 1 96  GLN 96  96  96  GLN GLN A . n 
A 1 97  PRO 97  97  97  PRO PRO A . n 
A 1 98  VAL 98  98  98  VAL VAL A . n 
A 1 99  SER 99  99  99  SER SER A . n 
A 1 100 LEU 100 100 100 LEU LEU A . n 
A 1 101 LYS 101 101 101 LYS LYS A . n 
A 1 102 ASP 102 102 102 ASP ASP A . n 
A 1 103 VAL 103 103 103 VAL VAL A . n 
A 1 104 LYS 104 104 104 LYS LYS A . n 
A 1 105 ALA 105 105 105 ALA ALA A . n 
A 1 106 ASN 106 106 106 ASN ASN A . n 
A 1 107 PRO 107 107 107 PRO PRO A . n 
A 1 108 LYS 108 108 108 LYS LYS A . n 
A 1 109 LEU 109 109 109 LEU LEU A . n 
A 1 110 GLU 110 110 110 GLU GLU A . n 
A 1 111 LYS 111 111 111 LYS LYS A . n 
A 1 112 MSE 112 112 112 MSE MSE A . n 
A 1 113 SER 113 113 113 SER SER A . n 
A 1 114 LEU 114 114 114 LEU LEU A . n 
A 1 115 VAL 115 115 115 VAL VAL A . n 
A 1 116 THR 116 116 116 THR THR A . n 
A 1 117 SER 117 117 117 SER SER A . n 
A 1 118 MSE 118 118 118 MSE MSE A . n 
A 1 119 ARG 119 119 119 ARG ARG A . n 
A 1 120 LEU 120 120 120 LEU LEU A . n 
A 1 121 SER 121 121 121 SER SER A . n 
A 1 122 VAL 122 122 122 VAL VAL A . n 
A 1 123 GLN 123 123 123 GLN GLN A . n 
A 1 124 PRO 124 124 124 PRO PRO A . n 
A 1 125 VAL 125 125 125 VAL VAL A . n 
A 1 126 THR 126 126 126 THR THR A . n 
A 1 127 GLU 127 127 127 GLU GLU A . n 
A 1 128 GLU 128 128 128 GLU GLU A . n 
A 1 129 GLU 129 129 129 GLU GLU A . n 
A 1 130 TYR 130 130 130 TYR TYR A . n 
A 1 131 LEU 131 131 131 LEU LEU A . n 
A 1 132 GLU 132 132 132 GLU GLU A . n 
A 1 133 VAL 133 133 133 VAL VAL A . n 
A 1 134 CYS 134 134 134 CYS CYS A . n 
A 1 135 ARG 135 135 135 ARG ARG A . n 
A 1 136 MSE 136 136 136 MSE MSE A . n 
A 1 137 GLY 137 137 137 GLY GLY A . n 
A 1 138 GLY 138 138 138 GLY GLY A . n 
A 1 139 LEU 139 139 139 LEU LEU A . n 
A 1 140 ALA 140 140 140 ALA ALA A . n 
A 1 141 ASN 141 141 141 ASN ASN A . n 
A 1 142 PRO 142 142 142 PRO PRO A . n 
A 1 143 PRO 143 143 143 PRO PRO A . n 
A 1 144 LYS 144 144 144 LYS LYS A . n 
A 1 145 SER 145 145 145 SER SER A . n 
A 1 146 PRO 146 146 146 PRO PRO A . n 
A 1 147 ASP 147 147 147 ASP ASP A . n 
A 1 148 LEU 148 148 ?   ?   ?   A . n 
A 1 149 GLU 149 149 ?   ?   ?   A . n 
A 1 150 HIS 150 150 ?   ?   ?   A . n 
A 1 151 HIS 151 151 ?   ?   ?   A . n 
A 1 152 HIS 152 152 ?   ?   ?   A . n 
A 1 153 HIS 153 153 ?   ?   ?   A . n 
A 1 154 HIS 154 154 ?   ?   ?   A . n 
A 1 155 HIS 155 155 ?   ?   ?   A . n 
# 
loop_
_pdbx_nonpoly_scheme.asym_id 
_pdbx_nonpoly_scheme.entity_id 
_pdbx_nonpoly_scheme.mon_id 
_pdbx_nonpoly_scheme.ndb_seq_num 
_pdbx_nonpoly_scheme.pdb_seq_num 
_pdbx_nonpoly_scheme.auth_seq_num 
_pdbx_nonpoly_scheme.pdb_mon_id 
_pdbx_nonpoly_scheme.auth_mon_id 
_pdbx_nonpoly_scheme.pdb_strand_id 
_pdbx_nonpoly_scheme.pdb_ins_code 
B 2 HOH 1   156 1   HOH HOH A . 
B 2 HOH 2   157 2   HOH HOH A . 
B 2 HOH 3   158 3   HOH HOH A . 
B 2 HOH 4   159 4   HOH HOH A . 
B 2 HOH 5   160 5   HOH HOH A . 
B 2 HOH 6   161 6   HOH HOH A . 
B 2 HOH 7   162 7   HOH HOH A . 
B 2 HOH 8   163 8   HOH HOH A . 
B 2 HOH 9   164 9   HOH HOH A . 
B 2 HOH 10  165 10  HOH HOH A . 
B 2 HOH 11  166 11  HOH HOH A . 
B 2 HOH 12  167 12  HOH HOH A . 
B 2 HOH 13  168 13  HOH HOH A . 
B 2 HOH 14  169 14  HOH HOH A . 
B 2 HOH 15  170 15  HOH HOH A . 
B 2 HOH 16  171 16  HOH HOH A . 
B 2 HOH 17  172 17  HOH HOH A . 
B 2 HOH 18  173 18  HOH HOH A . 
B 2 HOH 19  174 19  HOH HOH A . 
B 2 HOH 20  175 20  HOH HOH A . 
B 2 HOH 21  176 21  HOH HOH A . 
B 2 HOH 22  177 22  HOH HOH A . 
B 2 HOH 23  178 23  HOH HOH A . 
B 2 HOH 24  179 24  HOH HOH A . 
B 2 HOH 25  180 25  HOH HOH A . 
B 2 HOH 26  181 26  HOH HOH A . 
B 2 HOH 27  182 27  HOH HOH A . 
B 2 HOH 28  183 28  HOH HOH A . 
B 2 HOH 29  184 29  HOH HOH A . 
B 2 HOH 30  185 30  HOH HOH A . 
B 2 HOH 31  186 31  HOH HOH A . 
B 2 HOH 32  187 32  HOH HOH A . 
B 2 HOH 33  188 33  HOH HOH A . 
B 2 HOH 34  189 34  HOH HOH A . 
B 2 HOH 35  190 35  HOH HOH A . 
B 2 HOH 36  191 36  HOH HOH A . 
B 2 HOH 37  192 37  HOH HOH A . 
B 2 HOH 38  193 38  HOH HOH A . 
B 2 HOH 39  194 39  HOH HOH A . 
B 2 HOH 40  195 40  HOH HOH A . 
B 2 HOH 41  196 41  HOH HOH A . 
B 2 HOH 42  197 42  HOH HOH A . 
B 2 HOH 43  198 43  HOH HOH A . 
B 2 HOH 44  199 44  HOH HOH A . 
B 2 HOH 45  200 45  HOH HOH A . 
B 2 HOH 46  201 46  HOH HOH A . 
B 2 HOH 47  202 47  HOH HOH A . 
B 2 HOH 48  203 48  HOH HOH A . 
B 2 HOH 49  204 49  HOH HOH A . 
B 2 HOH 50  205 50  HOH HOH A . 
B 2 HOH 51  206 51  HOH HOH A . 
B 2 HOH 52  207 52  HOH HOH A . 
B 2 HOH 53  208 53  HOH HOH A . 
B 2 HOH 54  209 54  HOH HOH A . 
B 2 HOH 55  210 55  HOH HOH A . 
B 2 HOH 56  211 56  HOH HOH A . 
B 2 HOH 57  212 57  HOH HOH A . 
B 2 HOH 58  213 58  HOH HOH A . 
B 2 HOH 59  214 59  HOH HOH A . 
B 2 HOH 60  215 60  HOH HOH A . 
B 2 HOH 61  216 61  HOH HOH A . 
B 2 HOH 62  217 62  HOH HOH A . 
B 2 HOH 63  218 63  HOH HOH A . 
B 2 HOH 64  219 64  HOH HOH A . 
B 2 HOH 65  220 65  HOH HOH A . 
B 2 HOH 66  221 66  HOH HOH A . 
B 2 HOH 67  222 67  HOH HOH A . 
B 2 HOH 68  223 68  HOH HOH A . 
B 2 HOH 69  224 69  HOH HOH A . 
B 2 HOH 70  225 70  HOH HOH A . 
B 2 HOH 71  226 71  HOH HOH A . 
B 2 HOH 72  227 72  HOH HOH A . 
B 2 HOH 73  228 73  HOH HOH A . 
B 2 HOH 74  229 74  HOH HOH A . 
B 2 HOH 75  230 75  HOH HOH A . 
B 2 HOH 76  231 76  HOH HOH A . 
B 2 HOH 77  232 77  HOH HOH A . 
B 2 HOH 78  233 78  HOH HOH A . 
B 2 HOH 79  234 79  HOH HOH A . 
B 2 HOH 80  235 80  HOH HOH A . 
B 2 HOH 81  236 81  HOH HOH A . 
B 2 HOH 82  237 82  HOH HOH A . 
B 2 HOH 83  238 83  HOH HOH A . 
B 2 HOH 84  239 84  HOH HOH A . 
B 2 HOH 85  240 85  HOH HOH A . 
B 2 HOH 86  241 86  HOH HOH A . 
B 2 HOH 87  242 87  HOH HOH A . 
B 2 HOH 88  243 88  HOH HOH A . 
B 2 HOH 89  244 89  HOH HOH A . 
B 2 HOH 90  245 90  HOH HOH A . 
B 2 HOH 91  246 91  HOH HOH A . 
B 2 HOH 92  247 92  HOH HOH A . 
B 2 HOH 93  248 93  HOH HOH A . 
B 2 HOH 94  249 94  HOH HOH A . 
B 2 HOH 95  250 95  HOH HOH A . 
B 2 HOH 96  251 96  HOH HOH A . 
B 2 HOH 97  252 97  HOH HOH A . 
B 2 HOH 98  253 98  HOH HOH A . 
B 2 HOH 99  254 99  HOH HOH A . 
B 2 HOH 100 255 100 HOH HOH A . 
B 2 HOH 101 256 101 HOH HOH A . 
B 2 HOH 102 257 102 HOH HOH A . 
B 2 HOH 103 258 103 HOH HOH A . 
B 2 HOH 104 259 104 HOH HOH A . 
B 2 HOH 105 260 105 HOH HOH A . 
B 2 HOH 106 261 106 HOH HOH A . 
B 2 HOH 107 262 107 HOH HOH A . 
B 2 HOH 108 263 108 HOH HOH A . 
B 2 HOH 109 264 109 HOH HOH A . 
B 2 HOH 110 265 110 HOH HOH A . 
B 2 HOH 111 266 111 HOH HOH A . 
B 2 HOH 112 267 112 HOH HOH A . 
B 2 HOH 113 268 113 HOH HOH A . 
B 2 HOH 114 269 114 HOH HOH A . 
B 2 HOH 115 270 115 HOH HOH A . 
B 2 HOH 116 271 116 HOH HOH A . 
B 2 HOH 117 272 117 HOH HOH A . 
B 2 HOH 118 273 118 HOH HOH A . 
B 2 HOH 119 274 119 HOH HOH A . 
B 2 HOH 120 275 120 HOH HOH A . 
B 2 HOH 121 276 121 HOH HOH A . 
B 2 HOH 122 277 122 HOH HOH A . 
B 2 HOH 123 278 123 HOH HOH A . 
B 2 HOH 124 279 124 HOH HOH A . 
B 2 HOH 125 280 125 HOH HOH A . 
B 2 HOH 126 281 126 HOH HOH A . 
B 2 HOH 127 282 127 HOH HOH A . 
B 2 HOH 128 283 128 HOH HOH A . 
B 2 HOH 129 284 129 HOH HOH A . 
B 2 HOH 130 285 130 HOH HOH A . 
B 2 HOH 131 286 131 HOH HOH A . 
B 2 HOH 132 287 132 HOH HOH A . 
B 2 HOH 133 288 133 HOH HOH A . 
B 2 HOH 134 289 134 HOH HOH A . 
B 2 HOH 135 290 135 HOH HOH A . 
B 2 HOH 136 291 136 HOH HOH A . 
B 2 HOH 137 292 137 HOH HOH A . 
B 2 HOH 138 293 138 HOH HOH A . 
B 2 HOH 139 294 139 HOH HOH A . 
B 2 HOH 140 295 140 HOH HOH A . 
B 2 HOH 141 296 141 HOH HOH A . 
B 2 HOH 142 297 142 HOH HOH A . 
B 2 HOH 143 298 143 HOH HOH A . 
B 2 HOH 144 299 144 HOH HOH A . 
B 2 HOH 145 300 145 HOH HOH A . 
B 2 HOH 146 301 146 HOH HOH A . 
B 2 HOH 147 302 147 HOH HOH A . 
B 2 HOH 148 303 148 HOH HOH A . 
B 2 HOH 149 304 149 HOH HOH A . 
B 2 HOH 150 305 150 HOH HOH A . 
B 2 HOH 151 306 151 HOH HOH A . 
B 2 HOH 152 307 152 HOH HOH A . 
B 2 HOH 153 308 153 HOH HOH A . 
B 2 HOH 154 309 154 HOH HOH A . 
B 2 HOH 155 310 155 HOH HOH A . 
B 2 HOH 156 311 156 HOH HOH A . 
B 2 HOH 157 312 157 HOH HOH A . 
B 2 HOH 158 313 158 HOH HOH A . 
B 2 HOH 159 314 159 HOH HOH A . 
B 2 HOH 160 315 160 HOH HOH A . 
B 2 HOH 161 316 161 HOH HOH A . 
B 2 HOH 162 317 162 HOH HOH A . 
B 2 HOH 163 318 163 HOH HOH A . 
B 2 HOH 164 319 164 HOH HOH A . 
B 2 HOH 165 320 165 HOH HOH A . 
B 2 HOH 166 321 166 HOH HOH A . 
B 2 HOH 167 322 167 HOH HOH A . 
B 2 HOH 168 323 168 HOH HOH A . 
B 2 HOH 169 324 169 HOH HOH A . 
B 2 HOH 170 325 170 HOH HOH A . 
B 2 HOH 171 326 171 HOH HOH A . 
B 2 HOH 172 327 172 HOH HOH A . 
B 2 HOH 173 328 173 HOH HOH A . 
B 2 HOH 174 329 174 HOH HOH A . 
B 2 HOH 175 330 175 HOH HOH A . 
B 2 HOH 176 331 176 HOH HOH A . 
B 2 HOH 177 332 177 HOH HOH A . 
B 2 HOH 178 333 178 HOH HOH A . 
B 2 HOH 179 334 179 HOH HOH A . 
B 2 HOH 180 335 180 HOH HOH A . 
B 2 HOH 181 336 181 HOH HOH A . 
B 2 HOH 182 337 182 HOH HOH A . 
B 2 HOH 183 338 183 HOH HOH A . 
B 2 HOH 184 339 184 HOH HOH A . 
B 2 HOH 185 340 185 HOH HOH A . 
B 2 HOH 186 341 186 HOH HOH A . 
B 2 HOH 187 342 187 HOH HOH A . 
B 2 HOH 188 343 188 HOH HOH A . 
B 2 HOH 189 344 189 HOH HOH A . 
B 2 HOH 190 345 190 HOH HOH A . 
B 2 HOH 191 346 191 HOH HOH A . 
B 2 HOH 192 347 192 HOH HOH A . 
B 2 HOH 193 348 193 HOH HOH A . 
B 2 HOH 194 349 194 HOH HOH A . 
B 2 HOH 195 350 195 HOH HOH A . 
B 2 HOH 196 351 196 HOH HOH A . 
B 2 HOH 197 352 197 HOH HOH A . 
B 2 HOH 198 353 198 HOH HOH A . 
B 2 HOH 199 354 199 HOH HOH A . 
B 2 HOH 200 355 200 HOH HOH A . 
B 2 HOH 201 356 201 HOH HOH A . 
B 2 HOH 202 357 202 HOH HOH A . 
B 2 HOH 203 358 203 HOH HOH A . 
B 2 HOH 204 359 204 HOH HOH A . 
B 2 HOH 205 360 205 HOH HOH A . 
B 2 HOH 206 361 206 HOH HOH A . 
B 2 HOH 207 362 207 HOH HOH A . 
B 2 HOH 208 363 208 HOH HOH A . 
B 2 HOH 209 364 209 HOH HOH A . 
B 2 HOH 210 365 210 HOH HOH A . 
B 2 HOH 211 366 211 HOH HOH A . 
B 2 HOH 212 367 212 HOH HOH A . 
B 2 HOH 213 368 213 HOH HOH A . 
B 2 HOH 214 369 214 HOH HOH A . 
B 2 HOH 215 370 215 HOH HOH A . 
B 2 HOH 216 371 216 HOH HOH A . 
B 2 HOH 217 372 217 HOH HOH A . 
B 2 HOH 218 373 218 HOH HOH A . 
B 2 HOH 219 374 219 HOH HOH A . 
B 2 HOH 220 375 220 HOH HOH A . 
B 2 HOH 221 376 221 HOH HOH A . 
B 2 HOH 222 377 222 HOH HOH A . 
B 2 HOH 223 378 223 HOH HOH A . 
B 2 HOH 224 379 224 HOH HOH A . 
B 2 HOH 225 380 225 HOH HOH A . 
B 2 HOH 226 381 226 HOH HOH A . 
B 2 HOH 227 382 227 HOH HOH A . 
B 2 HOH 228 383 228 HOH HOH A . 
B 2 HOH 229 384 229 HOH HOH A . 
B 2 HOH 230 385 230 HOH HOH A . 
B 2 HOH 231 386 231 HOH HOH A . 
B 2 HOH 232 387 232 HOH HOH A . 
B 2 HOH 233 388 233 HOH HOH A . 
B 2 HOH 234 389 234 HOH HOH A . 
B 2 HOH 235 390 235 HOH HOH A . 
B 2 HOH 236 391 236 HOH HOH A . 
B 2 HOH 237 392 237 HOH HOH A . 
B 2 HOH 238 393 238 HOH HOH A . 
B 2 HOH 239 394 239 HOH HOH A . 
B 2 HOH 240 395 240 HOH HOH A . 
B 2 HOH 241 396 241 HOH HOH A . 
B 2 HOH 242 397 242 HOH HOH A . 
B 2 HOH 243 398 243 HOH HOH A . 
B 2 HOH 244 399 244 HOH HOH A . 
B 2 HOH 245 400 245 HOH HOH A . 
B 2 HOH 246 401 246 HOH HOH A . 
B 2 HOH 247 402 247 HOH HOH A . 
B 2 HOH 248 403 248 HOH HOH A . 
B 2 HOH 249 404 249 HOH HOH A . 
B 2 HOH 250 405 250 HOH HOH A . 
B 2 HOH 251 406 251 HOH HOH A . 
B 2 HOH 252 407 252 HOH HOH A . 
B 2 HOH 253 408 253 HOH HOH A . 
B 2 HOH 254 409 254 HOH HOH A . 
B 2 HOH 255 410 255 HOH HOH A . 
B 2 HOH 256 411 256 HOH HOH A . 
B 2 HOH 257 412 257 HOH HOH A . 
B 2 HOH 258 413 258 HOH HOH A . 
B 2 HOH 259 414 259 HOH HOH A . 
B 2 HOH 260 415 260 HOH HOH A . 
B 2 HOH 261 416 261 HOH HOH A . 
B 2 HOH 262 417 262 HOH HOH A . 
B 2 HOH 263 418 263 HOH HOH A . 
B 2 HOH 264 419 264 HOH HOH A . 
B 2 HOH 265 420 265 HOH HOH A . 
B 2 HOH 266 421 267 HOH HOH A . 
B 2 HOH 267 422 268 HOH HOH A . 
B 2 HOH 268 423 269 HOH HOH A . 
B 2 HOH 269 424 270 HOH HOH A . 
B 2 HOH 270 425 271 HOH HOH A . 
B 2 HOH 271 426 272 HOH HOH A . 
B 2 HOH 272 427 273 HOH HOH A . 
B 2 HOH 273 428 274 HOH HOH A . 
B 2 HOH 274 429 275 HOH HOH A . 
B 2 HOH 275 430 276 HOH HOH A . 
B 2 HOH 276 431 277 HOH HOH A . 
B 2 HOH 277 432 278 HOH HOH A . 
B 2 HOH 278 433 279 HOH HOH A . 
B 2 HOH 279 434 280 HOH HOH A . 
B 2 HOH 280 435 281 HOH HOH A . 
B 2 HOH 281 436 282 HOH HOH A . 
B 2 HOH 282 437 283 HOH HOH A . 
B 2 HOH 283 438 284 HOH HOH A . 
B 2 HOH 284 439 285 HOH HOH A . 
B 2 HOH 285 440 286 HOH HOH A . 
B 2 HOH 286 441 287 HOH HOH A . 
B 2 HOH 287 442 288 HOH HOH A . 
B 2 HOH 288 443 289 HOH HOH A . 
B 2 HOH 289 444 290 HOH HOH A . 
B 2 HOH 290 445 291 HOH HOH A . 
B 2 HOH 291 446 292 HOH HOH A . 
B 2 HOH 292 447 293 HOH HOH A . 
B 2 HOH 293 448 294 HOH HOH A . 
B 2 HOH 294 449 295 HOH HOH A . 
B 2 HOH 295 450 296 HOH HOH A . 
B 2 HOH 296 451 297 HOH HOH A . 
B 2 HOH 297 452 298 HOH HOH A . 
B 2 HOH 298 453 299 HOH HOH A . 
B 2 HOH 299 454 300 HOH HOH A . 
B 2 HOH 300 455 301 HOH HOH A . 
B 2 HOH 301 456 302 HOH HOH A . 
B 2 HOH 302 457 303 HOH HOH A . 
B 2 HOH 303 458 304 HOH HOH A . 
B 2 HOH 304 459 305 HOH HOH A . 
B 2 HOH 305 460 306 HOH HOH A . 
B 2 HOH 306 461 307 HOH HOH A . 
B 2 HOH 307 462 308 HOH HOH A . 
B 2 HOH 308 463 309 HOH HOH A . 
B 2 HOH 309 464 310 HOH HOH A . 
B 2 HOH 310 465 311 HOH HOH A . 
B 2 HOH 311 466 312 HOH HOH A . 
B 2 HOH 312 467 313 HOH HOH A . 
B 2 HOH 313 468 314 HOH HOH A . 
B 2 HOH 314 469 315 HOH HOH A . 
B 2 HOH 315 470 316 HOH HOH A . 
B 2 HOH 316 471 317 HOH HOH A . 
B 2 HOH 317 472 318 HOH HOH A . 
B 2 HOH 318 473 319 HOH HOH A . 
B 2 HOH 319 474 320 HOH HOH A . 
# 
loop_
_software.name 
_software.classification 
_software.version 
_software.citation_id 
_software.pdbx_ordinal 
CNS       refinement       1.1 ? 1 
DENZO     'data reduction' .   ? 2 
SCALEPACK 'data scaling'   .   ? 3 
SOLVE     phasing          .   ? 4 
XTALVIEW  refinement       .   ? 5 
# 
_cell.entry_id           1ZCE 
_cell.length_a           40.642 
_cell.length_b           42.791 
_cell.length_c           43.684 
_cell.angle_alpha        90.00 
_cell.angle_beta         113.67 
_cell.angle_gamma        90.00 
_cell.Z_PDB              2 
_cell.pdbx_unique_axis   ? 
# 
_symmetry.entry_id                         1ZCE 
_symmetry.space_group_name_H-M             'P 1 21 1' 
_symmetry.pdbx_full_space_group_name_H-M   ? 
_symmetry.cell_setting                     ? 
_symmetry.Int_Tables_number                4 
_symmetry.space_group_name_Hall            ? 
# 
_exptl.entry_id          1ZCE 
_exptl.method            'X-RAY DIFFRACTION' 
_exptl.crystals_number   1 
# 
_exptl_crystal.id                    1 
_exptl_crystal.density_meas          ? 
_exptl_crystal.density_Matthews      2.1 
_exptl_crystal.density_percent_sol   40 
_exptl_crystal.description           ? 
_exptl_crystal.F_000                 ? 
_exptl_crystal.preparation           ? 
# 
_exptl_crystal_grow.crystal_id      1 
_exptl_crystal_grow.method          'VAPOR DIFFUSION, SITTING DROP' 
_exptl_crystal_grow.temp            293 
_exptl_crystal_grow.temp_details    ? 
_exptl_crystal_grow.pH              6 
_exptl_crystal_grow.pdbx_details    
'100 mM MES (pH 6), 40% PEG 20K, 100 mM magnesium acetate, 5 mM DTT, VAPOR DIFFUSION, SITTING DROP, temperature 293K' 
_exptl_crystal_grow.pdbx_pH_range   . 
# 
_diffrn.id                     1 
_diffrn.ambient_temp           100 
_diffrn.ambient_temp_details   ? 
_diffrn.crystal_id             1 
# 
_diffrn_detector.diffrn_id              1 
_diffrn_detector.detector               CCD 
_diffrn_detector.type                   'ADSC QUANTUM 4' 
_diffrn_detector.pdbx_collection_date   2005-03-07 
_diffrn_detector.details                mirrors 
# 
_diffrn_radiation.diffrn_id                        1 
_diffrn_radiation.wavelength_id                    1 
_diffrn_radiation.pdbx_monochromatic_or_laue_m_l   M 
_diffrn_radiation.monochromator                    'Si 111 CHANNEL' 
_diffrn_radiation.pdbx_diffrn_protocol             'SINGLE WAVELENGTH' 
_diffrn_radiation.pdbx_scattering_type             x-ray 
# 
_diffrn_radiation_wavelength.id           1 
_diffrn_radiation_wavelength.wavelength   0.97914 
_diffrn_radiation_wavelength.wt           1.0 
# 
_diffrn_source.diffrn_id                   1 
_diffrn_source.source                      SYNCHROTRON 
_diffrn_source.type                        'NSLS BEAMLINE X4A' 
_diffrn_source.pdbx_synchrotron_site       NSLS 
_diffrn_source.pdbx_synchrotron_beamline   X4A 
_diffrn_source.pdbx_wavelength             ? 
_diffrn_source.pdbx_wavelength_list        0.97914 
# 
_reflns.entry_id                     1ZCE 
_reflns.observed_criterion_sigma_I   0 
_reflns.observed_criterion_sigma_F   0 
_reflns.d_resolution_low             30 
_reflns.d_resolution_high            1.3 
_reflns.number_obs                   63550 
_reflns.number_all                   66474 
_reflns.percent_possible_obs         95.6 
_reflns.pdbx_Rmerge_I_obs            0.058 
_reflns.pdbx_Rsym_value              0.079 
_reflns.pdbx_netI_over_sigmaI        16.75 
_reflns.B_iso_Wilson_estimate        9.5 
_reflns.pdbx_redundancy              4.1 
_reflns.R_free_details               ? 
_reflns.limit_h_max                  ? 
_reflns.limit_h_min                  ? 
_reflns.limit_k_max                  ? 
_reflns.limit_k_min                  ? 
_reflns.limit_l_max                  ? 
_reflns.limit_l_min                  ? 
_reflns.observed_criterion_F_max     ? 
_reflns.observed_criterion_F_min     ? 
_reflns.pdbx_chi_squared             ? 
_reflns.pdbx_scaling_rejects         ? 
_reflns.pdbx_diffrn_id               1 
_reflns.pdbx_ordinal                 1 
# 
_reflns_shell.d_res_high             1.30 
_reflns_shell.d_res_low              1.35 
_reflns_shell.percent_possible_all   98.8 
_reflns_shell.Rmerge_I_obs           0.107 
_reflns_shell.pdbx_Rsym_value        0.108 
_reflns_shell.meanI_over_sigI_obs    7.53 
_reflns_shell.pdbx_redundancy        3.3 
_reflns_shell.percent_possible_obs   ? 
_reflns_shell.number_unique_all      6561 
_reflns_shell.number_measured_all    ? 
_reflns_shell.number_measured_obs    ? 
_reflns_shell.number_unique_obs      ? 
_reflns_shell.pdbx_chi_squared       ? 
_reflns_shell.pdbx_diffrn_id         ? 
_reflns_shell.pdbx_ordinal           1 
# 
_refine.entry_id                                 1ZCE 
_refine.ls_number_reflns_obs                     62726 
_refine.ls_number_reflns_all                     63550 
_refine.pdbx_ls_sigma_I                          2.0 
_refine.pdbx_ls_sigma_F                          2.0 
_refine.pdbx_data_cutoff_high_absF               1300233.25 
_refine.pdbx_data_cutoff_low_absF                0.000000 
_refine.pdbx_data_cutoff_high_rms_absF           ? 
_refine.ls_d_res_low                             27.18 
_refine.ls_d_res_high                            1.30 
_refine.ls_percent_reflns_obs                    94.5 
_refine.ls_R_factor_obs                          0.195 
_refine.ls_R_factor_all                          0.197 
_refine.ls_R_factor_R_work                       0.195 
_refine.ls_R_factor_R_free                       0.211 
_refine.ls_R_factor_R_free_error                 0.003 
_refine.ls_R_factor_R_free_error_details         ? 
_refine.ls_percent_reflns_R_free                 9.7 
_refine.ls_number_reflns_R_free                  6055 
_refine.ls_number_parameters                     ? 
_refine.ls_number_restraints                     ? 
_refine.occupancy_min                            ? 
_refine.occupancy_max                            ? 
_refine.correlation_coeff_Fo_to_Fc               ? 
_refine.correlation_coeff_Fo_to_Fc_free          ? 
_refine.B_iso_mean                               12.3 
_refine.aniso_B[1][1]                            -0.78 
_refine.aniso_B[2][2]                            -0.57 
_refine.aniso_B[3][3]                            1.35 
_refine.aniso_B[1][2]                            0.00 
_refine.aniso_B[1][3]                            0.68 
_refine.aniso_B[2][3]                            0.00 
_refine.solvent_model_details                    'FLAT MODEL' 
_refine.solvent_model_param_ksol                 0.371491 
_refine.solvent_model_param_bsol                 48.8842 
_refine.pdbx_solvent_vdw_probe_radii             ? 
_refine.pdbx_solvent_ion_probe_radii             ? 
_refine.pdbx_solvent_shrinkage_radii             ? 
_refine.pdbx_ls_cross_valid_method               THROUGHOUT 
_refine.details                                  ? 
_refine.pdbx_starting_model                      ? 
_refine.pdbx_method_to_determine_struct          SAD 
_refine.pdbx_isotropic_thermal_model             OVERALL 
_refine.pdbx_stereochemistry_target_values       'Engh & Huber' 
_refine.pdbx_stereochem_target_val_spec_case     ? 
_refine.pdbx_R_Free_selection_details            RANDOM 
_refine.pdbx_overall_ESU_R                       ? 
_refine.pdbx_overall_ESU_R_Free                  ? 
_refine.overall_SU_ML                            ? 
_refine.overall_SU_B                             ? 
_refine.ls_redundancy_reflns_obs                 ? 
_refine.B_iso_min                                ? 
_refine.B_iso_max                                ? 
_refine.overall_SU_R_Cruickshank_DPI             ? 
_refine.overall_SU_R_free                        ? 
_refine.ls_wR_factor_R_free                      ? 
_refine.ls_wR_factor_R_work                      ? 
_refine.overall_FOM_free_R_set                   ? 
_refine.overall_FOM_work_R_set                   ? 
_refine.pdbx_refine_id                           'X-RAY DIFFRACTION' 
_refine.pdbx_diffrn_id                           1 
_refine.pdbx_TLS_residual_ADP_flag               ? 
_refine.pdbx_overall_phase_error                 ? 
_refine.pdbx_overall_SU_R_free_Cruickshank_DPI   ? 
_refine.pdbx_overall_SU_R_Blow_DPI               ? 
_refine.pdbx_overall_SU_R_free_Blow_DPI          ? 
# 
_refine_analyze.entry_id                        1ZCE 
_refine_analyze.Luzzati_coordinate_error_obs    0.14 
_refine_analyze.Luzzati_sigma_a_obs             0.04 
_refine_analyze.Luzzati_d_res_low_obs           5.00 
_refine_analyze.Luzzati_coordinate_error_free   0.15 
_refine_analyze.Luzzati_sigma_a_free            0.06 
_refine_analyze.Luzzati_d_res_low_free          ? 
_refine_analyze.number_disordered_residues      ? 
_refine_analyze.occupancy_sum_hydrogen          ? 
_refine_analyze.occupancy_sum_non_hydrogen      ? 
_refine_analyze.pdbx_Luzzati_d_res_high_obs     ? 
_refine_analyze.pdbx_refine_id                  'X-RAY DIFFRACTION' 
# 
_refine_hist.pdbx_refine_id                   'X-RAY DIFFRACTION' 
_refine_hist.cycle_id                         LAST 
_refine_hist.pdbx_number_atoms_protein        1156 
_refine_hist.pdbx_number_atoms_nucleic_acid   0 
_refine_hist.pdbx_number_atoms_ligand         0 
_refine_hist.number_atoms_solvent             319 
_refine_hist.number_atoms_total               1475 
_refine_hist.d_res_high                       1.30 
_refine_hist.d_res_low                        27.18 
# 
loop_
_refine_ls_restr.type 
_refine_ls_restr.dev_ideal 
_refine_ls_restr.dev_ideal_target 
_refine_ls_restr.weight 
_refine_ls_restr.number 
_refine_ls_restr.pdbx_refine_id 
_refine_ls_restr.pdbx_restraint_function 
c_bond_d           0.004 ? ? ? 'X-RAY DIFFRACTION' ? 
c_angle_deg        1.3   ? ? ? 'X-RAY DIFFRACTION' ? 
c_dihedral_angle_d 23.5  ? ? ? 'X-RAY DIFFRACTION' ? 
c_improper_angle_d 0.77  ? ? ? 'X-RAY DIFFRACTION' ? 
# 
_refine_ls_shell.pdbx_total_number_of_bins_used   6 
_refine_ls_shell.d_res_high                       1.30 
_refine_ls_shell.d_res_low                        1.38 
_refine_ls_shell.number_reflns_R_work             9491 
_refine_ls_shell.R_factor_R_work                  0.204 
_refine_ls_shell.percent_reflns_obs               94.7 
_refine_ls_shell.R_factor_R_free                  0.216 
_refine_ls_shell.R_factor_R_free_error            0.007 
_refine_ls_shell.percent_reflns_R_free            9.4 
_refine_ls_shell.number_reflns_R_free             990 
_refine_ls_shell.number_reflns_obs                9491 
_refine_ls_shell.redundancy_reflns_obs            ? 
_refine_ls_shell.number_reflns_all                ? 
_refine_ls_shell.pdbx_refine_id                   'X-RAY DIFFRACTION' 
_refine_ls_shell.R_factor_all                     ? 
# 
_struct.entry_id                  1ZCE 
_struct.title                     
'X-Ray Crystal Structure of Protein Atu2648 from Agrobacterium tumefaciens. Northeast Structural Genomics Consortium Target AtR33.' 
_struct.pdbx_model_details        ? 
_struct.pdbx_CASP_flag            ? 
_struct.pdbx_model_type_details   ? 
# 
_struct_keywords.entry_id        1ZCE 
_struct_keywords.pdbx_keywords   'STRUCTURAL GENOMICS, UNKNOWN FUNCTION' 
_struct_keywords.text            
;alpha-beta protein., Structural Genomics, PSI, Protein Structure Initiative, Northeast Structural Genomics Consortium, NESG, UNKNOWN FUNCTION
;
# 
loop_
_struct_asym.id 
_struct_asym.pdbx_blank_PDB_chainid_flag 
_struct_asym.pdbx_modified 
_struct_asym.entity_id 
_struct_asym.details 
A N N 1 ? 
B N N 2 ? 
# 
_struct_ref.id                         1 
_struct_ref.db_name                    UNP 
_struct_ref.db_code                    Q8UC50_AGRT5 
_struct_ref.pdbx_db_accession          Q8UC50 
_struct_ref.entity_id                  1 
_struct_ref.pdbx_seq_one_letter_code   
;MANYWLYKSEPFKWSWEMQKAKGETGEEWTGVRNYQARNNMRAMKIGDKGFFYHSNEGLDVVGIVEVCALSHPDSTAEGD
LKWDCVDIRAVCDMPQPVSLKDVKANPKLEKMSLVTSMRLSVQPVTEEEYLEVCRMGGLANPPKSPD
;
_struct_ref.pdbx_align_begin           1 
_struct_ref.pdbx_db_isoform            ? 
# 
_struct_ref_seq.align_id                      1 
_struct_ref_seq.ref_id                        1 
_struct_ref_seq.pdbx_PDB_id_code              1ZCE 
_struct_ref_seq.pdbx_strand_id                A 
_struct_ref_seq.seq_align_beg                 1 
_struct_ref_seq.pdbx_seq_align_beg_ins_code   ? 
_struct_ref_seq.seq_align_end                 147 
_struct_ref_seq.pdbx_seq_align_end_ins_code   ? 
_struct_ref_seq.pdbx_db_accession             Q8UC50 
_struct_ref_seq.db_align_beg                  1 
_struct_ref_seq.pdbx_db_align_beg_ins_code    ? 
_struct_ref_seq.db_align_end                  147 
_struct_ref_seq.pdbx_db_align_end_ins_code    ? 
_struct_ref_seq.pdbx_auth_seq_align_beg       1 
_struct_ref_seq.pdbx_auth_seq_align_end       147 
# 
loop_
_struct_ref_seq_dif.align_id 
_struct_ref_seq_dif.pdbx_pdb_id_code 
_struct_ref_seq_dif.mon_id 
_struct_ref_seq_dif.pdbx_pdb_strand_id 
_struct_ref_seq_dif.seq_num 
_struct_ref_seq_dif.pdbx_pdb_ins_code 
_struct_ref_seq_dif.pdbx_seq_db_name 
_struct_ref_seq_dif.pdbx_seq_db_accession_code 
_struct_ref_seq_dif.db_mon_id 
_struct_ref_seq_dif.pdbx_seq_db_seq_num 
_struct_ref_seq_dif.details 
_struct_ref_seq_dif.pdbx_auth_seq_num 
_struct_ref_seq_dif.pdbx_ordinal 
1 1ZCE MSE A 18  ? UNP Q8UC50 MET 18  'modified residue' 18  1  
1 1ZCE MSE A 41  ? UNP Q8UC50 MET 41  'modified residue' 41  2  
1 1ZCE MSE A 44  ? UNP Q8UC50 MET 44  'modified residue' 44  3  
1 1ZCE MSE A 94  ? UNP Q8UC50 MET 94  'modified residue' 94  4  
1 1ZCE MSE A 112 ? UNP Q8UC50 MET 112 'modified residue' 112 5  
1 1ZCE MSE A 118 ? UNP Q8UC50 MET 118 'modified residue' 118 6  
1 1ZCE MSE A 136 ? UNP Q8UC50 MET 136 'modified residue' 136 7  
1 1ZCE LEU A 148 ? UNP Q8UC50 ?   ?   'cloning artifact' 148 8  
1 1ZCE GLU A 149 ? UNP Q8UC50 ?   ?   'cloning artifact' 149 9  
1 1ZCE HIS A 150 ? UNP Q8UC50 ?   ?   'expression tag'   150 10 
1 1ZCE HIS A 151 ? UNP Q8UC50 ?   ?   'expression tag'   151 11 
1 1ZCE HIS A 152 ? UNP Q8UC50 ?   ?   'expression tag'   152 12 
1 1ZCE HIS A 153 ? UNP Q8UC50 ?   ?   'expression tag'   153 13 
1 1ZCE HIS A 154 ? UNP Q8UC50 ?   ?   'expression tag'   154 14 
1 1ZCE HIS A 155 ? UNP Q8UC50 ?   ?   'expression tag'   155 15 
# 
_pdbx_struct_assembly.id                   1 
_pdbx_struct_assembly.details              author_defined_assembly 
_pdbx_struct_assembly.method_details       ? 
_pdbx_struct_assembly.oligomeric_details   monomeric 
_pdbx_struct_assembly.oligomeric_count     1 
# 
_pdbx_struct_assembly_gen.assembly_id       1 
_pdbx_struct_assembly_gen.oper_expression   1 
_pdbx_struct_assembly_gen.asym_id_list      A,B 
# 
_pdbx_struct_oper_list.id                   1 
_pdbx_struct_oper_list.type                 'identity operation' 
_pdbx_struct_oper_list.name                 1_555 
_pdbx_struct_oper_list.symmetry_operation   x,y,z 
_pdbx_struct_oper_list.matrix[1][1]         1.0000000000 
_pdbx_struct_oper_list.matrix[1][2]         0.0000000000 
_pdbx_struct_oper_list.matrix[1][3]         0.0000000000 
_pdbx_struct_oper_list.vector[1]            0.0000000000 
_pdbx_struct_oper_list.matrix[2][1]         0.0000000000 
_pdbx_struct_oper_list.matrix[2][2]         1.0000000000 
_pdbx_struct_oper_list.matrix[2][3]         0.0000000000 
_pdbx_struct_oper_list.vector[2]            0.0000000000 
_pdbx_struct_oper_list.matrix[3][1]         0.0000000000 
_pdbx_struct_oper_list.matrix[3][2]         0.0000000000 
_pdbx_struct_oper_list.matrix[3][3]         1.0000000000 
_pdbx_struct_oper_list.vector[3]            0.0000000000 
# 
_struct_biol.id   1 
# 
loop_
_struct_conf.conf_type_id 
_struct_conf.id 
_struct_conf.pdbx_PDB_helix_id 
_struct_conf.beg_label_comp_id 
_struct_conf.beg_label_asym_id 
_struct_conf.beg_label_seq_id 
_struct_conf.pdbx_beg_PDB_ins_code 
_struct_conf.end_label_comp_id 
_struct_conf.end_label_asym_id 
_struct_conf.end_label_seq_id 
_struct_conf.pdbx_end_PDB_ins_code 
_struct_conf.beg_auth_comp_id 
_struct_conf.beg_auth_asym_id 
_struct_conf.beg_auth_seq_id 
_struct_conf.end_auth_comp_id 
_struct_conf.end_auth_asym_id 
_struct_conf.end_auth_seq_id 
_struct_conf.pdbx_PDB_helix_class 
_struct_conf.details 
_struct_conf.pdbx_PDB_helix_length 
HELX_P HELX_P1 1 SER A 15  ? GLY A 23  ? SER A 15  GLY A 23  1 ? 9  
HELX_P HELX_P2 2 GLU A 24  ? GLY A 26  ? GLU A 24  GLY A 26  5 ? 3  
HELX_P HELX_P3 3 ASN A 34  ? ALA A 43  ? ASN A 34  ALA A 43  1 ? 10 
HELX_P HELX_P4 4 LEU A 100 ? ASN A 106 ? LEU A 100 ASN A 106 1 ? 7  
HELX_P HELX_P5 5 PRO A 107 ? GLU A 110 ? PRO A 107 GLU A 110 5 ? 4  
HELX_P HELX_P6 6 MSE A 112 ? SER A 117 ? MSE A 112 SER A 117 1 ? 6  
HELX_P HELX_P7 7 THR A 126 ? GLY A 137 ? THR A 126 GLY A 137 1 ? 12 
# 
_struct_conf_type.id          HELX_P 
_struct_conf_type.criteria    ? 
_struct_conf_type.reference   ? 
# 
loop_
_struct_conn.id 
_struct_conn.conn_type_id 
_struct_conn.pdbx_leaving_atom_flag 
_struct_conn.pdbx_PDB_id 
_struct_conn.ptnr1_label_asym_id 
_struct_conn.ptnr1_label_comp_id 
_struct_conn.ptnr1_label_seq_id 
_struct_conn.ptnr1_label_atom_id 
_struct_conn.pdbx_ptnr1_label_alt_id 
_struct_conn.pdbx_ptnr1_PDB_ins_code 
_struct_conn.pdbx_ptnr1_standard_comp_id 
_struct_conn.ptnr1_symmetry 
_struct_conn.ptnr2_label_asym_id 
_struct_conn.ptnr2_label_comp_id 
_struct_conn.ptnr2_label_seq_id 
_struct_conn.ptnr2_label_atom_id 
_struct_conn.pdbx_ptnr2_label_alt_id 
_struct_conn.pdbx_ptnr2_PDB_ins_code 
_struct_conn.ptnr1_auth_asym_id 
_struct_conn.ptnr1_auth_comp_id 
_struct_conn.ptnr1_auth_seq_id 
_struct_conn.ptnr2_auth_asym_id 
_struct_conn.ptnr2_auth_comp_id 
_struct_conn.ptnr2_auth_seq_id 
_struct_conn.ptnr2_symmetry 
_struct_conn.pdbx_ptnr3_label_atom_id 
_struct_conn.pdbx_ptnr3_label_seq_id 
_struct_conn.pdbx_ptnr3_label_comp_id 
_struct_conn.pdbx_ptnr3_label_asym_id 
_struct_conn.pdbx_ptnr3_label_alt_id 
_struct_conn.pdbx_ptnr3_PDB_ins_code 
_struct_conn.details 
_struct_conn.pdbx_dist_value 
_struct_conn.pdbx_value_order 
_struct_conn.pdbx_role 
covale1  covale both ? A GLU 17  C ? ? ? 1_555 A MSE 18  N ? ? A GLU 17  A MSE 18  1_555 ? ? ? ? ? ? ? 1.331 ? ? 
covale2  covale both ? A MSE 18  C ? ? ? 1_555 A GLN 19  N ? ? A MSE 18  A GLN 19  1_555 ? ? ? ? ? ? ? 1.330 ? ? 
covale3  covale both ? A ASN 40  C ? ? ? 1_555 A MSE 41  N ? ? A ASN 40  A MSE 41  1_555 ? ? ? ? ? ? ? 1.327 ? ? 
covale4  covale both ? A MSE 41  C ? ? ? 1_555 A ARG 42  N ? ? A MSE 41  A ARG 42  1_555 ? ? ? ? ? ? ? 1.329 ? ? 
covale5  covale both ? A ALA 43  C ? ? ? 1_555 A MSE 44  N ? ? A ALA 43  A MSE 44  1_555 ? ? ? ? ? ? ? 1.330 ? ? 
covale6  covale both ? A MSE 44  C ? ? ? 1_555 A LYS 45  N ? ? A MSE 44  A LYS 45  1_555 ? ? ? ? ? ? ? 1.328 ? ? 
covale7  covale both ? A ASP 93  C ? ? ? 1_555 A MSE 94  N ? ? A ASP 93  A MSE 94  1_555 ? ? ? ? ? ? ? 1.324 ? ? 
covale8  covale both ? A MSE 94  C ? ? ? 1_555 A PRO 95  N ? ? A MSE 94  A PRO 95  1_555 ? ? ? ? ? ? ? 1.345 ? ? 
covale9  covale both ? A LYS 111 C ? ? ? 1_555 A MSE 112 N ? ? A LYS 111 A MSE 112 1_555 ? ? ? ? ? ? ? 1.327 ? ? 
covale10 covale both ? A MSE 112 C ? ? ? 1_555 A SER 113 N ? ? A MSE 112 A SER 113 1_555 ? ? ? ? ? ? ? 1.328 ? ? 
covale11 covale both ? A SER 117 C ? ? ? 1_555 A MSE 118 N ? ? A SER 117 A MSE 118 1_555 ? ? ? ? ? ? ? 1.328 ? ? 
covale12 covale both ? A MSE 118 C ? ? ? 1_555 A ARG 119 N ? ? A MSE 118 A ARG 119 1_555 ? ? ? ? ? ? ? 1.330 ? ? 
covale13 covale both ? A ARG 135 C ? ? ? 1_555 A MSE 136 N ? ? A ARG 135 A MSE 136 1_555 ? ? ? ? ? ? ? 1.328 ? ? 
covale14 covale both ? A MSE 136 C ? ? ? 1_555 A GLY 137 N ? ? A MSE 136 A GLY 137 1_555 ? ? ? ? ? ? ? 1.330 ? ? 
# 
_struct_conn_type.id          covale 
_struct_conn_type.criteria    ? 
_struct_conn_type.reference   ? 
# 
loop_
_pdbx_modification_feature.ordinal 
_pdbx_modification_feature.label_comp_id 
_pdbx_modification_feature.label_asym_id 
_pdbx_modification_feature.label_seq_id 
_pdbx_modification_feature.label_alt_id 
_pdbx_modification_feature.modified_residue_label_comp_id 
_pdbx_modification_feature.modified_residue_label_asym_id 
_pdbx_modification_feature.modified_residue_label_seq_id 
_pdbx_modification_feature.modified_residue_label_alt_id 
_pdbx_modification_feature.auth_comp_id 
_pdbx_modification_feature.auth_asym_id 
_pdbx_modification_feature.auth_seq_id 
_pdbx_modification_feature.PDB_ins_code 
_pdbx_modification_feature.symmetry 
_pdbx_modification_feature.modified_residue_auth_comp_id 
_pdbx_modification_feature.modified_residue_auth_asym_id 
_pdbx_modification_feature.modified_residue_auth_seq_id 
_pdbx_modification_feature.modified_residue_PDB_ins_code 
_pdbx_modification_feature.modified_residue_symmetry 
_pdbx_modification_feature.comp_id_linking_atom 
_pdbx_modification_feature.modified_residue_id_linking_atom 
_pdbx_modification_feature.modified_residue_id 
_pdbx_modification_feature.ref_pcm_id 
_pdbx_modification_feature.ref_comp_id 
_pdbx_modification_feature.type 
_pdbx_modification_feature.category 
1 MSE A 18  ? . . . . MSE A 18  ? 1_555 . . . . . . . MET 1 MSE Selenomethionine 'Named protein modification' 
2 MSE A 41  ? . . . . MSE A 41  ? 1_555 . . . . . . . MET 1 MSE Selenomethionine 'Named protein modification' 
3 MSE A 44  ? . . . . MSE A 44  ? 1_555 . . . . . . . MET 1 MSE Selenomethionine 'Named protein modification' 
4 MSE A 94  ? . . . . MSE A 94  ? 1_555 . . . . . . . MET 1 MSE Selenomethionine 'Named protein modification' 
5 MSE A 112 ? . . . . MSE A 112 ? 1_555 . . . . . . . MET 1 MSE Selenomethionine 'Named protein modification' 
6 MSE A 118 ? . . . . MSE A 118 ? 1_555 . . . . . . . MET 1 MSE Selenomethionine 'Named protein modification' 
7 MSE A 136 ? . . . . MSE A 136 ? 1_555 . . . . . . . MET 1 MSE Selenomethionine 'Named protein modification' 
# 
_struct_sheet.id               A 
_struct_sheet.type             ? 
_struct_sheet.number_strands   6 
_struct_sheet.details          ? 
# 
loop_
_struct_sheet_order.sheet_id 
_struct_sheet_order.range_id_1 
_struct_sheet_order.range_id_2 
_struct_sheet_order.offset 
_struct_sheet_order.sense 
A 1 2 ? anti-parallel 
A 2 3 ? anti-parallel 
A 3 4 ? anti-parallel 
A 4 5 ? parallel      
A 5 6 ? anti-parallel 
# 
loop_
_struct_sheet_range.sheet_id 
_struct_sheet_range.id 
_struct_sheet_range.beg_label_comp_id 
_struct_sheet_range.beg_label_asym_id 
_struct_sheet_range.beg_label_seq_id 
_struct_sheet_range.pdbx_beg_PDB_ins_code 
_struct_sheet_range.end_label_comp_id 
_struct_sheet_range.end_label_asym_id 
_struct_sheet_range.end_label_seq_id 
_struct_sheet_range.pdbx_end_PDB_ins_code 
_struct_sheet_range.beg_auth_comp_id 
_struct_sheet_range.beg_auth_asym_id 
_struct_sheet_range.beg_auth_seq_id 
_struct_sheet_range.end_auth_comp_id 
_struct_sheet_range.end_auth_asym_id 
_struct_sheet_range.end_auth_seq_id 
A 1 GLU A 27  ? GLU A 28  ? GLU A 27  GLU A 28  
A 2 ASP A 84  ? SER A 99  ? ASP A 84  SER A 99  
A 3 ASP A 60  ? PRO A 73  ? ASP A 60  PRO A 73  
A 4 LYS A 49  ? HIS A 54  ? LYS A 49  HIS A 54  
A 5 TYR A 4   ? SER A 9   ? TYR A 4   SER A 9   
A 6 VAL A 122 ? VAL A 125 ? VAL A 122 VAL A 125 
# 
loop_
_pdbx_struct_sheet_hbond.sheet_id 
_pdbx_struct_sheet_hbond.range_id_1 
_pdbx_struct_sheet_hbond.range_id_2 
_pdbx_struct_sheet_hbond.range_1_label_atom_id 
_pdbx_struct_sheet_hbond.range_1_label_comp_id 
_pdbx_struct_sheet_hbond.range_1_label_asym_id 
_pdbx_struct_sheet_hbond.range_1_label_seq_id 
_pdbx_struct_sheet_hbond.range_1_PDB_ins_code 
_pdbx_struct_sheet_hbond.range_1_auth_atom_id 
_pdbx_struct_sheet_hbond.range_1_auth_comp_id 
_pdbx_struct_sheet_hbond.range_1_auth_asym_id 
_pdbx_struct_sheet_hbond.range_1_auth_seq_id 
_pdbx_struct_sheet_hbond.range_2_label_atom_id 
_pdbx_struct_sheet_hbond.range_2_label_comp_id 
_pdbx_struct_sheet_hbond.range_2_label_asym_id 
_pdbx_struct_sheet_hbond.range_2_label_seq_id 
_pdbx_struct_sheet_hbond.range_2_PDB_ins_code 
_pdbx_struct_sheet_hbond.range_2_auth_atom_id 
_pdbx_struct_sheet_hbond.range_2_auth_comp_id 
_pdbx_struct_sheet_hbond.range_2_auth_asym_id 
_pdbx_struct_sheet_hbond.range_2_auth_seq_id 
A 1 2 N GLU A 27 ? N GLU A 27 O ILE A 88  ? O ILE A 88  
A 2 3 O CYS A 92 ? O CYS A 92 N ILE A 64  ? N ILE A 64  
A 3 4 O GLY A 63 ? O GLY A 63 N PHE A 52  ? N PHE A 52  
A 4 5 O PHE A 51 ? O PHE A 51 N TYR A 7   ? N TYR A 7   
A 5 6 N LEU A 6  ? N LEU A 6  O GLN A 123 ? O GLN A 123 
# 
_pdbx_entry_details.entry_id                   1ZCE 
_pdbx_entry_details.compound_details           ? 
_pdbx_entry_details.source_details             ? 
_pdbx_entry_details.nonpolymer_details         ? 
_pdbx_entry_details.sequence_details           ? 
_pdbx_entry_details.has_ligand_of_interest     ? 
_pdbx_entry_details.has_protein_modification   Y 
# 
loop_
_pdbx_validate_torsion.id 
_pdbx_validate_torsion.PDB_model_num 
_pdbx_validate_torsion.auth_comp_id 
_pdbx_validate_torsion.auth_asym_id 
_pdbx_validate_torsion.auth_seq_id 
_pdbx_validate_torsion.PDB_ins_code 
_pdbx_validate_torsion.label_alt_id 
_pdbx_validate_torsion.phi 
_pdbx_validate_torsion.psi 
1 1 ASN A 56  ? ? 75.56   -62.17  
2 1 GLU A 78  ? ? 38.51   57.49   
3 1 ASP A 80  ? ? -68.99  -177.31 
4 1 ALA A 140 ? ? -60.98  -70.26  
5 1 ASN A 141 ? ? -105.59 79.65   
# 
_pdbx_SG_project.id                    1 
_pdbx_SG_project.project_name          'PSI, Protein Structure Initiative' 
_pdbx_SG_project.full_name_of_center   'Northeast Structural Genomics Consortium' 
_pdbx_SG_project.initial_of_center     NESG 
# 
loop_
_pdbx_struct_mod_residue.id 
_pdbx_struct_mod_residue.label_asym_id 
_pdbx_struct_mod_residue.label_comp_id 
_pdbx_struct_mod_residue.label_seq_id 
_pdbx_struct_mod_residue.auth_asym_id 
_pdbx_struct_mod_residue.auth_comp_id 
_pdbx_struct_mod_residue.auth_seq_id 
_pdbx_struct_mod_residue.PDB_ins_code 
_pdbx_struct_mod_residue.parent_comp_id 
_pdbx_struct_mod_residue.details 
1 A MSE 18  A MSE 18  ? MET SELENOMETHIONINE 
2 A MSE 41  A MSE 41  ? MET SELENOMETHIONINE 
3 A MSE 44  A MSE 44  ? MET SELENOMETHIONINE 
4 A MSE 94  A MSE 94  ? MET SELENOMETHIONINE 
5 A MSE 112 A MSE 112 ? MET SELENOMETHIONINE 
6 A MSE 118 A MSE 118 ? MET SELENOMETHIONINE 
7 A MSE 136 A MSE 136 ? MET SELENOMETHIONINE 
# 
loop_
_pdbx_unobs_or_zero_occ_residues.id 
_pdbx_unobs_or_zero_occ_residues.PDB_model_num 
_pdbx_unobs_or_zero_occ_residues.polymer_flag 
_pdbx_unobs_or_zero_occ_residues.occupancy_flag 
_pdbx_unobs_or_zero_occ_residues.auth_asym_id 
_pdbx_unobs_or_zero_occ_residues.auth_comp_id 
_pdbx_unobs_or_zero_occ_residues.auth_seq_id 
_pdbx_unobs_or_zero_occ_residues.PDB_ins_code 
_pdbx_unobs_or_zero_occ_residues.label_asym_id 
_pdbx_unobs_or_zero_occ_residues.label_comp_id 
_pdbx_unobs_or_zero_occ_residues.label_seq_id 
1 1 Y 1 A MET 1   ? A MET 1   
2 1 Y 1 A LEU 148 ? A LEU 148 
3 1 Y 1 A GLU 149 ? A GLU 149 
4 1 Y 1 A HIS 150 ? A HIS 150 
5 1 Y 1 A HIS 151 ? A HIS 151 
6 1 Y 1 A HIS 152 ? A HIS 152 
7 1 Y 1 A HIS 153 ? A HIS 153 
8 1 Y 1 A HIS 154 ? A HIS 154 
9 1 Y 1 A HIS 155 ? A HIS 155 
# 
loop_
_chem_comp_atom.comp_id 
_chem_comp_atom.atom_id 
_chem_comp_atom.type_symbol 
_chem_comp_atom.pdbx_aromatic_flag 
_chem_comp_atom.pdbx_stereo_config 
_chem_comp_atom.pdbx_ordinal 
ALA N    N  N N 1   
ALA CA   C  N S 2   
ALA C    C  N N 3   
ALA O    O  N N 4   
ALA CB   C  N N 5   
ALA OXT  O  N N 6   
ALA H    H  N N 7   
ALA H2   H  N N 8   
ALA HA   H  N N 9   
ALA HB1  H  N N 10  
ALA HB2  H  N N 11  
ALA HB3  H  N N 12  
ALA HXT  H  N N 13  
ARG N    N  N N 14  
ARG CA   C  N S 15  
ARG C    C  N N 16  
ARG O    O  N N 17  
ARG CB   C  N N 18  
ARG CG   C  N N 19  
ARG CD   C  N N 20  
ARG NE   N  N N 21  
ARG CZ   C  N N 22  
ARG NH1  N  N N 23  
ARG NH2  N  N N 24  
ARG OXT  O  N N 25  
ARG H    H  N N 26  
ARG H2   H  N N 27  
ARG HA   H  N N 28  
ARG HB2  H  N N 29  
ARG HB3  H  N N 30  
ARG HG2  H  N N 31  
ARG HG3  H  N N 32  
ARG HD2  H  N N 33  
ARG HD3  H  N N 34  
ARG HE   H  N N 35  
ARG HH11 H  N N 36  
ARG HH12 H  N N 37  
ARG HH21 H  N N 38  
ARG HH22 H  N N 39  
ARG HXT  H  N N 40  
ASN N    N  N N 41  
ASN CA   C  N S 42  
ASN C    C  N N 43  
ASN O    O  N N 44  
ASN CB   C  N N 45  
ASN CG   C  N N 46  
ASN OD1  O  N N 47  
ASN ND2  N  N N 48  
ASN OXT  O  N N 49  
ASN H    H  N N 50  
ASN H2   H  N N 51  
ASN HA   H  N N 52  
ASN HB2  H  N N 53  
ASN HB3  H  N N 54  
ASN HD21 H  N N 55  
ASN HD22 H  N N 56  
ASN HXT  H  N N 57  
ASP N    N  N N 58  
ASP CA   C  N S 59  
ASP C    C  N N 60  
ASP O    O  N N 61  
ASP CB   C  N N 62  
ASP CG   C  N N 63  
ASP OD1  O  N N 64  
ASP OD2  O  N N 65  
ASP OXT  O  N N 66  
ASP H    H  N N 67  
ASP H2   H  N N 68  
ASP HA   H  N N 69  
ASP HB2  H  N N 70  
ASP HB3  H  N N 71  
ASP HD2  H  N N 72  
ASP HXT  H  N N 73  
CYS N    N  N N 74  
CYS CA   C  N R 75  
CYS C    C  N N 76  
CYS O    O  N N 77  
CYS CB   C  N N 78  
CYS SG   S  N N 79  
CYS OXT  O  N N 80  
CYS H    H  N N 81  
CYS H2   H  N N 82  
CYS HA   H  N N 83  
CYS HB2  H  N N 84  
CYS HB3  H  N N 85  
CYS HG   H  N N 86  
CYS HXT  H  N N 87  
GLN N    N  N N 88  
GLN CA   C  N S 89  
GLN C    C  N N 90  
GLN O    O  N N 91  
GLN CB   C  N N 92  
GLN CG   C  N N 93  
GLN CD   C  N N 94  
GLN OE1  O  N N 95  
GLN NE2  N  N N 96  
GLN OXT  O  N N 97  
GLN H    H  N N 98  
GLN H2   H  N N 99  
GLN HA   H  N N 100 
GLN HB2  H  N N 101 
GLN HB3  H  N N 102 
GLN HG2  H  N N 103 
GLN HG3  H  N N 104 
GLN HE21 H  N N 105 
GLN HE22 H  N N 106 
GLN HXT  H  N N 107 
GLU N    N  N N 108 
GLU CA   C  N S 109 
GLU C    C  N N 110 
GLU O    O  N N 111 
GLU CB   C  N N 112 
GLU CG   C  N N 113 
GLU CD   C  N N 114 
GLU OE1  O  N N 115 
GLU OE2  O  N N 116 
GLU OXT  O  N N 117 
GLU H    H  N N 118 
GLU H2   H  N N 119 
GLU HA   H  N N 120 
GLU HB2  H  N N 121 
GLU HB3  H  N N 122 
GLU HG2  H  N N 123 
GLU HG3  H  N N 124 
GLU HE2  H  N N 125 
GLU HXT  H  N N 126 
GLY N    N  N N 127 
GLY CA   C  N N 128 
GLY C    C  N N 129 
GLY O    O  N N 130 
GLY OXT  O  N N 131 
GLY H    H  N N 132 
GLY H2   H  N N 133 
GLY HA2  H  N N 134 
GLY HA3  H  N N 135 
GLY HXT  H  N N 136 
HIS N    N  N N 137 
HIS CA   C  N S 138 
HIS C    C  N N 139 
HIS O    O  N N 140 
HIS CB   C  N N 141 
HIS CG   C  Y N 142 
HIS ND1  N  Y N 143 
HIS CD2  C  Y N 144 
HIS CE1  C  Y N 145 
HIS NE2  N  Y N 146 
HIS OXT  O  N N 147 
HIS H    H  N N 148 
HIS H2   H  N N 149 
HIS HA   H  N N 150 
HIS HB2  H  N N 151 
HIS HB3  H  N N 152 
HIS HD1  H  N N 153 
HIS HD2  H  N N 154 
HIS HE1  H  N N 155 
HIS HE2  H  N N 156 
HIS HXT  H  N N 157 
HOH O    O  N N 158 
HOH H1   H  N N 159 
HOH H2   H  N N 160 
ILE N    N  N N 161 
ILE CA   C  N S 162 
ILE C    C  N N 163 
ILE O    O  N N 164 
ILE CB   C  N S 165 
ILE CG1  C  N N 166 
ILE CG2  C  N N 167 
ILE CD1  C  N N 168 
ILE OXT  O  N N 169 
ILE H    H  N N 170 
ILE H2   H  N N 171 
ILE HA   H  N N 172 
ILE HB   H  N N 173 
ILE HG12 H  N N 174 
ILE HG13 H  N N 175 
ILE HG21 H  N N 176 
ILE HG22 H  N N 177 
ILE HG23 H  N N 178 
ILE HD11 H  N N 179 
ILE HD12 H  N N 180 
ILE HD13 H  N N 181 
ILE HXT  H  N N 182 
LEU N    N  N N 183 
LEU CA   C  N S 184 
LEU C    C  N N 185 
LEU O    O  N N 186 
LEU CB   C  N N 187 
LEU CG   C  N N 188 
LEU CD1  C  N N 189 
LEU CD2  C  N N 190 
LEU OXT  O  N N 191 
LEU H    H  N N 192 
LEU H2   H  N N 193 
LEU HA   H  N N 194 
LEU HB2  H  N N 195 
LEU HB3  H  N N 196 
LEU HG   H  N N 197 
LEU HD11 H  N N 198 
LEU HD12 H  N N 199 
LEU HD13 H  N N 200 
LEU HD21 H  N N 201 
LEU HD22 H  N N 202 
LEU HD23 H  N N 203 
LEU HXT  H  N N 204 
LYS N    N  N N 205 
LYS CA   C  N S 206 
LYS C    C  N N 207 
LYS O    O  N N 208 
LYS CB   C  N N 209 
LYS CG   C  N N 210 
LYS CD   C  N N 211 
LYS CE   C  N N 212 
LYS NZ   N  N N 213 
LYS OXT  O  N N 214 
LYS H    H  N N 215 
LYS H2   H  N N 216 
LYS HA   H  N N 217 
LYS HB2  H  N N 218 
LYS HB3  H  N N 219 
LYS HG2  H  N N 220 
LYS HG3  H  N N 221 
LYS HD2  H  N N 222 
LYS HD3  H  N N 223 
LYS HE2  H  N N 224 
LYS HE3  H  N N 225 
LYS HZ1  H  N N 226 
LYS HZ2  H  N N 227 
LYS HZ3  H  N N 228 
LYS HXT  H  N N 229 
MET N    N  N N 230 
MET CA   C  N S 231 
MET C    C  N N 232 
MET O    O  N N 233 
MET CB   C  N N 234 
MET CG   C  N N 235 
MET SD   S  N N 236 
MET CE   C  N N 237 
MET OXT  O  N N 238 
MET H    H  N N 239 
MET H2   H  N N 240 
MET HA   H  N N 241 
MET HB2  H  N N 242 
MET HB3  H  N N 243 
MET HG2  H  N N 244 
MET HG3  H  N N 245 
MET HE1  H  N N 246 
MET HE2  H  N N 247 
MET HE3  H  N N 248 
MET HXT  H  N N 249 
MSE N    N  N N 250 
MSE CA   C  N S 251 
MSE C    C  N N 252 
MSE O    O  N N 253 
MSE OXT  O  N N 254 
MSE CB   C  N N 255 
MSE CG   C  N N 256 
MSE SE   SE N N 257 
MSE CE   C  N N 258 
MSE H    H  N N 259 
MSE H2   H  N N 260 
MSE HA   H  N N 261 
MSE HXT  H  N N 262 
MSE HB2  H  N N 263 
MSE HB3  H  N N 264 
MSE HG2  H  N N 265 
MSE HG3  H  N N 266 
MSE HE1  H  N N 267 
MSE HE2  H  N N 268 
MSE HE3  H  N N 269 
PHE N    N  N N 270 
PHE CA   C  N S 271 
PHE C    C  N N 272 
PHE O    O  N N 273 
PHE CB   C  N N 274 
PHE CG   C  Y N 275 
PHE CD1  C  Y N 276 
PHE CD2  C  Y N 277 
PHE CE1  C  Y N 278 
PHE CE2  C  Y N 279 
PHE CZ   C  Y N 280 
PHE OXT  O  N N 281 
PHE H    H  N N 282 
PHE H2   H  N N 283 
PHE HA   H  N N 284 
PHE HB2  H  N N 285 
PHE HB3  H  N N 286 
PHE HD1  H  N N 287 
PHE HD2  H  N N 288 
PHE HE1  H  N N 289 
PHE HE2  H  N N 290 
PHE HZ   H  N N 291 
PHE HXT  H  N N 292 
PRO N    N  N N 293 
PRO CA   C  N S 294 
PRO C    C  N N 295 
PRO O    O  N N 296 
PRO CB   C  N N 297 
PRO CG   C  N N 298 
PRO CD   C  N N 299 
PRO OXT  O  N N 300 
PRO H    H  N N 301 
PRO HA   H  N N 302 
PRO HB2  H  N N 303 
PRO HB3  H  N N 304 
PRO HG2  H  N N 305 
PRO HG3  H  N N 306 
PRO HD2  H  N N 307 
PRO HD3  H  N N 308 
PRO HXT  H  N N 309 
SER N    N  N N 310 
SER CA   C  N S 311 
SER C    C  N N 312 
SER O    O  N N 313 
SER CB   C  N N 314 
SER OG   O  N N 315 
SER OXT  O  N N 316 
SER H    H  N N 317 
SER H2   H  N N 318 
SER HA   H  N N 319 
SER HB2  H  N N 320 
SER HB3  H  N N 321 
SER HG   H  N N 322 
SER HXT  H  N N 323 
THR N    N  N N 324 
THR CA   C  N S 325 
THR C    C  N N 326 
THR O    O  N N 327 
THR CB   C  N R 328 
THR OG1  O  N N 329 
THR CG2  C  N N 330 
THR OXT  O  N N 331 
THR H    H  N N 332 
THR H2   H  N N 333 
THR HA   H  N N 334 
THR HB   H  N N 335 
THR HG1  H  N N 336 
THR HG21 H  N N 337 
THR HG22 H  N N 338 
THR HG23 H  N N 339 
THR HXT  H  N N 340 
TRP N    N  N N 341 
TRP CA   C  N S 342 
TRP C    C  N N 343 
TRP O    O  N N 344 
TRP CB   C  N N 345 
TRP CG   C  Y N 346 
TRP CD1  C  Y N 347 
TRP CD2  C  Y N 348 
TRP NE1  N  Y N 349 
TRP CE2  C  Y N 350 
TRP CE3  C  Y N 351 
TRP CZ2  C  Y N 352 
TRP CZ3  C  Y N 353 
TRP CH2  C  Y N 354 
TRP OXT  O  N N 355 
TRP H    H  N N 356 
TRP H2   H  N N 357 
TRP HA   H  N N 358 
TRP HB2  H  N N 359 
TRP HB3  H  N N 360 
TRP HD1  H  N N 361 
TRP HE1  H  N N 362 
TRP HE3  H  N N 363 
TRP HZ2  H  N N 364 
TRP HZ3  H  N N 365 
TRP HH2  H  N N 366 
TRP HXT  H  N N 367 
TYR N    N  N N 368 
TYR CA   C  N S 369 
TYR C    C  N N 370 
TYR O    O  N N 371 
TYR CB   C  N N 372 
TYR CG   C  Y N 373 
TYR CD1  C  Y N 374 
TYR CD2  C  Y N 375 
TYR CE1  C  Y N 376 
TYR CE2  C  Y N 377 
TYR CZ   C  Y N 378 
TYR OH   O  N N 379 
TYR OXT  O  N N 380 
TYR H    H  N N 381 
TYR H2   H  N N 382 
TYR HA   H  N N 383 
TYR HB2  H  N N 384 
TYR HB3  H  N N 385 
TYR HD1  H  N N 386 
TYR HD2  H  N N 387 
TYR HE1  H  N N 388 
TYR HE2  H  N N 389 
TYR HH   H  N N 390 
TYR HXT  H  N N 391 
VAL N    N  N N 392 
VAL CA   C  N S 393 
VAL C    C  N N 394 
VAL O    O  N N 395 
VAL CB   C  N N 396 
VAL CG1  C  N N 397 
VAL CG2  C  N N 398 
VAL OXT  O  N N 399 
VAL H    H  N N 400 
VAL H2   H  N N 401 
VAL HA   H  N N 402 
VAL HB   H  N N 403 
VAL HG11 H  N N 404 
VAL HG12 H  N N 405 
VAL HG13 H  N N 406 
VAL HG21 H  N N 407 
VAL HG22 H  N N 408 
VAL HG23 H  N N 409 
VAL HXT  H  N N 410 
# 
loop_
_chem_comp_bond.comp_id 
_chem_comp_bond.atom_id_1 
_chem_comp_bond.atom_id_2 
_chem_comp_bond.value_order 
_chem_comp_bond.pdbx_aromatic_flag 
_chem_comp_bond.pdbx_stereo_config 
_chem_comp_bond.pdbx_ordinal 
ALA N   CA   sing N N 1   
ALA N   H    sing N N 2   
ALA N   H2   sing N N 3   
ALA CA  C    sing N N 4   
ALA CA  CB   sing N N 5   
ALA CA  HA   sing N N 6   
ALA C   O    doub N N 7   
ALA C   OXT  sing N N 8   
ALA CB  HB1  sing N N 9   
ALA CB  HB2  sing N N 10  
ALA CB  HB3  sing N N 11  
ALA OXT HXT  sing N N 12  
ARG N   CA   sing N N 13  
ARG N   H    sing N N 14  
ARG N   H2   sing N N 15  
ARG CA  C    sing N N 16  
ARG CA  CB   sing N N 17  
ARG CA  HA   sing N N 18  
ARG C   O    doub N N 19  
ARG C   OXT  sing N N 20  
ARG CB  CG   sing N N 21  
ARG CB  HB2  sing N N 22  
ARG CB  HB3  sing N N 23  
ARG CG  CD   sing N N 24  
ARG CG  HG2  sing N N 25  
ARG CG  HG3  sing N N 26  
ARG CD  NE   sing N N 27  
ARG CD  HD2  sing N N 28  
ARG CD  HD3  sing N N 29  
ARG NE  CZ   sing N N 30  
ARG NE  HE   sing N N 31  
ARG CZ  NH1  sing N N 32  
ARG CZ  NH2  doub N N 33  
ARG NH1 HH11 sing N N 34  
ARG NH1 HH12 sing N N 35  
ARG NH2 HH21 sing N N 36  
ARG NH2 HH22 sing N N 37  
ARG OXT HXT  sing N N 38  
ASN N   CA   sing N N 39  
ASN N   H    sing N N 40  
ASN N   H2   sing N N 41  
ASN CA  C    sing N N 42  
ASN CA  CB   sing N N 43  
ASN CA  HA   sing N N 44  
ASN C   O    doub N N 45  
ASN C   OXT  sing N N 46  
ASN CB  CG   sing N N 47  
ASN CB  HB2  sing N N 48  
ASN CB  HB3  sing N N 49  
ASN CG  OD1  doub N N 50  
ASN CG  ND2  sing N N 51  
ASN ND2 HD21 sing N N 52  
ASN ND2 HD22 sing N N 53  
ASN OXT HXT  sing N N 54  
ASP N   CA   sing N N 55  
ASP N   H    sing N N 56  
ASP N   H2   sing N N 57  
ASP CA  C    sing N N 58  
ASP CA  CB   sing N N 59  
ASP CA  HA   sing N N 60  
ASP C   O    doub N N 61  
ASP C   OXT  sing N N 62  
ASP CB  CG   sing N N 63  
ASP CB  HB2  sing N N 64  
ASP CB  HB3  sing N N 65  
ASP CG  OD1  doub N N 66  
ASP CG  OD2  sing N N 67  
ASP OD2 HD2  sing N N 68  
ASP OXT HXT  sing N N 69  
CYS N   CA   sing N N 70  
CYS N   H    sing N N 71  
CYS N   H2   sing N N 72  
CYS CA  C    sing N N 73  
CYS CA  CB   sing N N 74  
CYS CA  HA   sing N N 75  
CYS C   O    doub N N 76  
CYS C   OXT  sing N N 77  
CYS CB  SG   sing N N 78  
CYS CB  HB2  sing N N 79  
CYS CB  HB3  sing N N 80  
CYS SG  HG   sing N N 81  
CYS OXT HXT  sing N N 82  
GLN N   CA   sing N N 83  
GLN N   H    sing N N 84  
GLN N   H2   sing N N 85  
GLN CA  C    sing N N 86  
GLN CA  CB   sing N N 87  
GLN CA  HA   sing N N 88  
GLN C   O    doub N N 89  
GLN C   OXT  sing N N 90  
GLN CB  CG   sing N N 91  
GLN CB  HB2  sing N N 92  
GLN CB  HB3  sing N N 93  
GLN CG  CD   sing N N 94  
GLN CG  HG2  sing N N 95  
GLN CG  HG3  sing N N 96  
GLN CD  OE1  doub N N 97  
GLN CD  NE2  sing N N 98  
GLN NE2 HE21 sing N N 99  
GLN NE2 HE22 sing N N 100 
GLN OXT HXT  sing N N 101 
GLU N   CA   sing N N 102 
GLU N   H    sing N N 103 
GLU N   H2   sing N N 104 
GLU CA  C    sing N N 105 
GLU CA  CB   sing N N 106 
GLU CA  HA   sing N N 107 
GLU C   O    doub N N 108 
GLU C   OXT  sing N N 109 
GLU CB  CG   sing N N 110 
GLU CB  HB2  sing N N 111 
GLU CB  HB3  sing N N 112 
GLU CG  CD   sing N N 113 
GLU CG  HG2  sing N N 114 
GLU CG  HG3  sing N N 115 
GLU CD  OE1  doub N N 116 
GLU CD  OE2  sing N N 117 
GLU OE2 HE2  sing N N 118 
GLU OXT HXT  sing N N 119 
GLY N   CA   sing N N 120 
GLY N   H    sing N N 121 
GLY N   H2   sing N N 122 
GLY CA  C    sing N N 123 
GLY CA  HA2  sing N N 124 
GLY CA  HA3  sing N N 125 
GLY C   O    doub N N 126 
GLY C   OXT  sing N N 127 
GLY OXT HXT  sing N N 128 
HIS N   CA   sing N N 129 
HIS N   H    sing N N 130 
HIS N   H2   sing N N 131 
HIS CA  C    sing N N 132 
HIS CA  CB   sing N N 133 
HIS CA  HA   sing N N 134 
HIS C   O    doub N N 135 
HIS C   OXT  sing N N 136 
HIS CB  CG   sing N N 137 
HIS CB  HB2  sing N N 138 
HIS CB  HB3  sing N N 139 
HIS CG  ND1  sing Y N 140 
HIS CG  CD2  doub Y N 141 
HIS ND1 CE1  doub Y N 142 
HIS ND1 HD1  sing N N 143 
HIS CD2 NE2  sing Y N 144 
HIS CD2 HD2  sing N N 145 
HIS CE1 NE2  sing Y N 146 
HIS CE1 HE1  sing N N 147 
HIS NE2 HE2  sing N N 148 
HIS OXT HXT  sing N N 149 
HOH O   H1   sing N N 150 
HOH O   H2   sing N N 151 
ILE N   CA   sing N N 152 
ILE N   H    sing N N 153 
ILE N   H2   sing N N 154 
ILE CA  C    sing N N 155 
ILE CA  CB   sing N N 156 
ILE CA  HA   sing N N 157 
ILE C   O    doub N N 158 
ILE C   OXT  sing N N 159 
ILE CB  CG1  sing N N 160 
ILE CB  CG2  sing N N 161 
ILE CB  HB   sing N N 162 
ILE CG1 CD1  sing N N 163 
ILE CG1 HG12 sing N N 164 
ILE CG1 HG13 sing N N 165 
ILE CG2 HG21 sing N N 166 
ILE CG2 HG22 sing N N 167 
ILE CG2 HG23 sing N N 168 
ILE CD1 HD11 sing N N 169 
ILE CD1 HD12 sing N N 170 
ILE CD1 HD13 sing N N 171 
ILE OXT HXT  sing N N 172 
LEU N   CA   sing N N 173 
LEU N   H    sing N N 174 
LEU N   H2   sing N N 175 
LEU CA  C    sing N N 176 
LEU CA  CB   sing N N 177 
LEU CA  HA   sing N N 178 
LEU C   O    doub N N 179 
LEU C   OXT  sing N N 180 
LEU CB  CG   sing N N 181 
LEU CB  HB2  sing N N 182 
LEU CB  HB3  sing N N 183 
LEU CG  CD1  sing N N 184 
LEU CG  CD2  sing N N 185 
LEU CG  HG   sing N N 186 
LEU CD1 HD11 sing N N 187 
LEU CD1 HD12 sing N N 188 
LEU CD1 HD13 sing N N 189 
LEU CD2 HD21 sing N N 190 
LEU CD2 HD22 sing N N 191 
LEU CD2 HD23 sing N N 192 
LEU OXT HXT  sing N N 193 
LYS N   CA   sing N N 194 
LYS N   H    sing N N 195 
LYS N   H2   sing N N 196 
LYS CA  C    sing N N 197 
LYS CA  CB   sing N N 198 
LYS CA  HA   sing N N 199 
LYS C   O    doub N N 200 
LYS C   OXT  sing N N 201 
LYS CB  CG   sing N N 202 
LYS CB  HB2  sing N N 203 
LYS CB  HB3  sing N N 204 
LYS CG  CD   sing N N 205 
LYS CG  HG2  sing N N 206 
LYS CG  HG3  sing N N 207 
LYS CD  CE   sing N N 208 
LYS CD  HD2  sing N N 209 
LYS CD  HD3  sing N N 210 
LYS CE  NZ   sing N N 211 
LYS CE  HE2  sing N N 212 
LYS CE  HE3  sing N N 213 
LYS NZ  HZ1  sing N N 214 
LYS NZ  HZ2  sing N N 215 
LYS NZ  HZ3  sing N N 216 
LYS OXT HXT  sing N N 217 
MET N   CA   sing N N 218 
MET N   H    sing N N 219 
MET N   H2   sing N N 220 
MET CA  C    sing N N 221 
MET CA  CB   sing N N 222 
MET CA  HA   sing N N 223 
MET C   O    doub N N 224 
MET C   OXT  sing N N 225 
MET CB  CG   sing N N 226 
MET CB  HB2  sing N N 227 
MET CB  HB3  sing N N 228 
MET CG  SD   sing N N 229 
MET CG  HG2  sing N N 230 
MET CG  HG3  sing N N 231 
MET SD  CE   sing N N 232 
MET CE  HE1  sing N N 233 
MET CE  HE2  sing N N 234 
MET CE  HE3  sing N N 235 
MET OXT HXT  sing N N 236 
MSE N   CA   sing N N 237 
MSE N   H    sing N N 238 
MSE N   H2   sing N N 239 
MSE CA  C    sing N N 240 
MSE CA  CB   sing N N 241 
MSE CA  HA   sing N N 242 
MSE C   O    doub N N 243 
MSE C   OXT  sing N N 244 
MSE OXT HXT  sing N N 245 
MSE CB  CG   sing N N 246 
MSE CB  HB2  sing N N 247 
MSE CB  HB3  sing N N 248 
MSE CG  SE   sing N N 249 
MSE CG  HG2  sing N N 250 
MSE CG  HG3  sing N N 251 
MSE SE  CE   sing N N 252 
MSE CE  HE1  sing N N 253 
MSE CE  HE2  sing N N 254 
MSE CE  HE3  sing N N 255 
PHE N   CA   sing N N 256 
PHE N   H    sing N N 257 
PHE N   H2   sing N N 258 
PHE CA  C    sing N N 259 
PHE CA  CB   sing N N 260 
PHE CA  HA   sing N N 261 
PHE C   O    doub N N 262 
PHE C   OXT  sing N N 263 
PHE CB  CG   sing N N 264 
PHE CB  HB2  sing N N 265 
PHE CB  HB3  sing N N 266 
PHE CG  CD1  doub Y N 267 
PHE CG  CD2  sing Y N 268 
PHE CD1 CE1  sing Y N 269 
PHE CD1 HD1  sing N N 270 
PHE CD2 CE2  doub Y N 271 
PHE CD2 HD2  sing N N 272 
PHE CE1 CZ   doub Y N 273 
PHE CE1 HE1  sing N N 274 
PHE CE2 CZ   sing Y N 275 
PHE CE2 HE2  sing N N 276 
PHE CZ  HZ   sing N N 277 
PHE OXT HXT  sing N N 278 
PRO N   CA   sing N N 279 
PRO N   CD   sing N N 280 
PRO N   H    sing N N 281 
PRO CA  C    sing N N 282 
PRO CA  CB   sing N N 283 
PRO CA  HA   sing N N 284 
PRO C   O    doub N N 285 
PRO C   OXT  sing N N 286 
PRO CB  CG   sing N N 287 
PRO CB  HB2  sing N N 288 
PRO CB  HB3  sing N N 289 
PRO CG  CD   sing N N 290 
PRO CG  HG2  sing N N 291 
PRO CG  HG3  sing N N 292 
PRO CD  HD2  sing N N 293 
PRO CD  HD3  sing N N 294 
PRO OXT HXT  sing N N 295 
SER N   CA   sing N N 296 
SER N   H    sing N N 297 
SER N   H2   sing N N 298 
SER CA  C    sing N N 299 
SER CA  CB   sing N N 300 
SER CA  HA   sing N N 301 
SER C   O    doub N N 302 
SER C   OXT  sing N N 303 
SER CB  OG   sing N N 304 
SER CB  HB2  sing N N 305 
SER CB  HB3  sing N N 306 
SER OG  HG   sing N N 307 
SER OXT HXT  sing N N 308 
THR N   CA   sing N N 309 
THR N   H    sing N N 310 
THR N   H2   sing N N 311 
THR CA  C    sing N N 312 
THR CA  CB   sing N N 313 
THR CA  HA   sing N N 314 
THR C   O    doub N N 315 
THR C   OXT  sing N N 316 
THR CB  OG1  sing N N 317 
THR CB  CG2  sing N N 318 
THR CB  HB   sing N N 319 
THR OG1 HG1  sing N N 320 
THR CG2 HG21 sing N N 321 
THR CG2 HG22 sing N N 322 
THR CG2 HG23 sing N N 323 
THR OXT HXT  sing N N 324 
TRP N   CA   sing N N 325 
TRP N   H    sing N N 326 
TRP N   H2   sing N N 327 
TRP CA  C    sing N N 328 
TRP CA  CB   sing N N 329 
TRP CA  HA   sing N N 330 
TRP C   O    doub N N 331 
TRP C   OXT  sing N N 332 
TRP CB  CG   sing N N 333 
TRP CB  HB2  sing N N 334 
TRP CB  HB3  sing N N 335 
TRP CG  CD1  doub Y N 336 
TRP CG  CD2  sing Y N 337 
TRP CD1 NE1  sing Y N 338 
TRP CD1 HD1  sing N N 339 
TRP CD2 CE2  doub Y N 340 
TRP CD2 CE3  sing Y N 341 
TRP NE1 CE2  sing Y N 342 
TRP NE1 HE1  sing N N 343 
TRP CE2 CZ2  sing Y N 344 
TRP CE3 CZ3  doub Y N 345 
TRP CE3 HE3  sing N N 346 
TRP CZ2 CH2  doub Y N 347 
TRP CZ2 HZ2  sing N N 348 
TRP CZ3 CH2  sing Y N 349 
TRP CZ3 HZ3  sing N N 350 
TRP CH2 HH2  sing N N 351 
TRP OXT HXT  sing N N 352 
TYR N   CA   sing N N 353 
TYR N   H    sing N N 354 
TYR N   H2   sing N N 355 
TYR CA  C    sing N N 356 
TYR CA  CB   sing N N 357 
TYR CA  HA   sing N N 358 
TYR C   O    doub N N 359 
TYR C   OXT  sing N N 360 
TYR CB  CG   sing N N 361 
TYR CB  HB2  sing N N 362 
TYR CB  HB3  sing N N 363 
TYR CG  CD1  doub Y N 364 
TYR CG  CD2  sing Y N 365 
TYR CD1 CE1  sing Y N 366 
TYR CD1 HD1  sing N N 367 
TYR CD2 CE2  doub Y N 368 
TYR CD2 HD2  sing N N 369 
TYR CE1 CZ   doub Y N 370 
TYR CE1 HE1  sing N N 371 
TYR CE2 CZ   sing Y N 372 
TYR CE2 HE2  sing N N 373 
TYR CZ  OH   sing N N 374 
TYR OH  HH   sing N N 375 
TYR OXT HXT  sing N N 376 
VAL N   CA   sing N N 377 
VAL N   H    sing N N 378 
VAL N   H2   sing N N 379 
VAL CA  C    sing N N 380 
VAL CA  CB   sing N N 381 
VAL CA  HA   sing N N 382 
VAL C   O    doub N N 383 
VAL C   OXT  sing N N 384 
VAL CB  CG1  sing N N 385 
VAL CB  CG2  sing N N 386 
VAL CB  HB   sing N N 387 
VAL CG1 HG11 sing N N 388 
VAL CG1 HG12 sing N N 389 
VAL CG1 HG13 sing N N 390 
VAL CG2 HG21 sing N N 391 
VAL CG2 HG22 sing N N 392 
VAL CG2 HG23 sing N N 393 
VAL OXT HXT  sing N N 394 
# 
_atom_sites.entry_id                    1ZCE 
_atom_sites.fract_transf_matrix[1][1]   0.02478504 
_atom_sites.fract_transf_matrix[1][2]   0.00963156 
_atom_sites.fract_transf_matrix[1][3]   -0.00383128 
_atom_sites.fract_transf_matrix[2][1]   0.00891142 
_atom_sites.fract_transf_matrix[2][2]   -0.02111454 
_atom_sites.fract_transf_matrix[2][3]   0.00456870 
_atom_sites.fract_transf_matrix[3][1]   0.00791255 
_atom_sites.fract_transf_matrix[3][2]   -0.00177605 
_atom_sites.fract_transf_matrix[3][3]   -0.02364185 
_atom_sites.fract_transf_vector[1]      0.365192 
_atom_sites.fract_transf_vector[2]      0.378198 
_atom_sites.fract_transf_vector[3]      0.200680 
# 
loop_
_atom_type.symbol 
C  
N  
O  
S  
SE 
# 
loop_
_atom_site.group_PDB 
_atom_site.id 
_atom_site.type_symbol 
_atom_site.label_atom_id 
_atom_site.label_alt_id 
_atom_site.label_comp_id 
_atom_site.label_asym_id 
_atom_site.label_entity_id 
_atom_site.label_seq_id 
_atom_site.pdbx_PDB_ins_code 
_atom_site.Cartn_x 
_atom_site.Cartn_y 
_atom_site.Cartn_z 
_atom_site.occupancy 
_atom_site.B_iso_or_equiv 
_atom_site.pdbx_formal_charge 
_atom_site.auth_seq_id 
_atom_site.auth_comp_id 
_atom_site.auth_asym_id 
_atom_site.auth_atom_id 
_atom_site.pdbx_PDB_model_num 
ATOM   1    N  N   . ALA A 1 2   ? 1.012   2.571   15.938  1.00 14.42 ? 2   ALA A N   1 
ATOM   2    C  CA  . ALA A 1 2   ? 0.185   2.246   14.745  1.00 12.19 ? 2   ALA A CA  1 
ATOM   3    C  C   . ALA A 1 2   ? 1.083   1.872   13.573  1.00 10.75 ? 2   ALA A C   1 
ATOM   4    O  O   . ALA A 1 2   ? 2.161   2.442   13.401  1.00 11.21 ? 2   ALA A O   1 
ATOM   5    C  CB  . ALA A 1 2   ? -0.687  3.437   14.377  1.00 13.55 ? 2   ALA A CB  1 
ATOM   6    N  N   . ASN A 1 3   ? 0.631   0.912   12.771  1.00 8.51  ? 3   ASN A N   1 
ATOM   7    C  CA  . ASN A 1 3   ? 1.401   0.456   11.618  1.00 6.40  ? 3   ASN A CA  1 
ATOM   8    C  C   . ASN A 1 3   ? 0.858   0.981   10.296  1.00 6.01  ? 3   ASN A C   1 
ATOM   9    O  O   . ASN A 1 3   ? -0.354  1.021   10.078  1.00 5.46  ? 3   ASN A O   1 
ATOM   10   C  CB  . ASN A 1 3   ? 1.444   -1.074  11.587  1.00 7.49  ? 3   ASN A CB  1 
ATOM   11   C  CG  . ASN A 1 3   ? 2.082   -1.660  12.830  1.00 7.36  ? 3   ASN A CG  1 
ATOM   12   O  OD1 . ASN A 1 3   ? 3.118   -1.186  13.286  1.00 9.64  ? 3   ASN A OD1 1 
ATOM   13   N  ND2 . ASN A 1 3   ? 1.470   -2.702  13.378  1.00 8.18  ? 3   ASN A ND2 1 
ATOM   14   N  N   . TYR A 1 4   ? 1.779   1.380   9.423   1.00 4.66  ? 4   TYR A N   1 
ATOM   15   C  CA  . TYR A 1 4   ? 1.457   1.910   8.101   1.00 4.49  ? 4   TYR A CA  1 
ATOM   16   C  C   . TYR A 1 4   ? 2.132   1.056   7.039   1.00 3.52  ? 4   TYR A C   1 
ATOM   17   O  O   . TYR A 1 4   ? 3.164   0.437   7.297   1.00 4.02  ? 4   TYR A O   1 
ATOM   18   C  CB  . TYR A 1 4   ? 1.902   3.370   8.008   1.00 4.89  ? 4   TYR A CB  1 
ATOM   19   C  CG  . TYR A 1 4   ? 1.099   4.252   8.930   1.00 4.75  ? 4   TYR A CG  1 
ATOM   20   C  CD1 . TYR A 1 4   ? -0.110  4.800   8.513   1.00 4.43  ? 4   TYR A CD1 1 
ATOM   21   C  CD2 . TYR A 1 4   ? 1.494   4.458   10.254  1.00 5.61  ? 4   TYR A CD2 1 
ATOM   22   C  CE1 . TYR A 1 4   ? -0.910  5.527   9.384   1.00 5.90  ? 4   TYR A CE1 1 
ATOM   23   C  CE2 . TYR A 1 4   ? 0.695   5.188   11.138  1.00 6.65  ? 4   TYR A CE2 1 
ATOM   24   C  CZ  . TYR A 1 4   ? -0.505  5.713   10.693  1.00 5.73  ? 4   TYR A CZ  1 
ATOM   25   O  OH  . TYR A 1 4   ? -1.322  6.411   11.552  1.00 8.48  ? 4   TYR A OH  1 
ATOM   26   N  N   . TRP A 1 5   ? 1.551   1.035   5.844   1.00 4.15  ? 5   TRP A N   1 
ATOM   27   C  CA  . TRP A 1 5   ? 2.049   0.179   4.780   1.00 4.16  ? 5   TRP A CA  1 
ATOM   28   C  C   . TRP A 1 5   ? 2.035   0.817   3.398   1.00 3.57  ? 5   TRP A C   1 
ATOM   29   O  O   . TRP A 1 5   ? 1.559   1.938   3.220   1.00 3.05  ? 5   TRP A O   1 
ATOM   30   C  CB  . TRP A 1 5   ? 1.187   -1.087  4.744   1.00 4.20  ? 5   TRP A CB  1 
ATOM   31   C  CG  . TRP A 1 5   ? 0.938   -1.672  6.102   1.00 3.84  ? 5   TRP A CG  1 
ATOM   32   C  CD1 . TRP A 1 5   ? -0.115  -1.417  6.942   1.00 4.47  ? 5   TRP A CD1 1 
ATOM   33   C  CD2 . TRP A 1 5   ? 1.786   -2.584  6.791   1.00 3.43  ? 5   TRP A CD2 1 
ATOM   34   N  NE1 . TRP A 1 5   ? 0.031   -2.123  8.115   1.00 4.86  ? 5   TRP A NE1 1 
ATOM   35   C  CE2 . TRP A 1 5   ? 1.196   -2.850  8.049   1.00 4.80  ? 5   TRP A CE2 1 
ATOM   36   C  CE3 . TRP A 1 5   ? 2.997   -3.209  6.470   1.00 4.63  ? 5   TRP A CE3 1 
ATOM   37   C  CZ2 . TRP A 1 5   ? 1.776   -3.717  8.986   1.00 4.46  ? 5   TRP A CZ2 1 
ATOM   38   C  CZ3 . TRP A 1 5   ? 3.576   -4.067  7.393   1.00 4.42  ? 5   TRP A CZ3 1 
ATOM   39   C  CH2 . TRP A 1 5   ? 2.966   -4.314  8.638   1.00 4.69  ? 5   TRP A CH2 1 
ATOM   40   N  N   . LEU A 1 6   ? 2.575   0.090   2.424   1.00 2.98  ? 6   LEU A N   1 
ATOM   41   C  CA  . LEU A 1 6   ? 2.576   0.534   1.033   1.00 3.11  ? 6   LEU A CA  1 
ATOM   42   C  C   . LEU A 1 6   ? 2.335   -0.683  0.146   1.00 3.38  ? 6   LEU A C   1 
ATOM   43   O  O   . LEU A 1 6   ? 2.918   -1.747  0.360   1.00 3.52  ? 6   LEU A O   1 
ATOM   44   C  CB  . LEU A 1 6   ? 3.893   1.229   0.648   1.00 4.19  ? 6   LEU A CB  1 
ATOM   45   C  CG  . LEU A 1 6   ? 3.985   1.731   -0.805  1.00 3.63  ? 6   LEU A CG  1 
ATOM   46   C  CD1 . LEU A 1 6   ? 4.812   3.015   -0.878  1.00 4.59  ? 6   LEU A CD1 1 
ATOM   47   C  CD2 . LEU A 1 6   ? 4.580   0.650   -1.695  1.00 4.81  ? 6   LEU A CD2 1 
ATOM   48   N  N   . TYR A 1 7   ? 1.452   -0.514  -0.835  1.00 3.24  ? 7   TYR A N   1 
ATOM   49   C  CA  . TYR A 1 7   ? 1.094   -1.577  -1.768  1.00 4.06  ? 7   TYR A CA  1 
ATOM   50   C  C   . TYR A 1 7   ? 1.429   -1.134  -3.182  1.00 4.66  ? 7   TYR A C   1 
ATOM   51   O  O   . TYR A 1 7   ? 0.956   -0.090  -3.639  1.00 5.56  ? 7   TYR A O   1 
ATOM   52   C  CB  . TYR A 1 7   ? -0.410  -1.884  -1.704  1.00 5.01  ? 7   TYR A CB  1 
ATOM   53   C  CG  . TYR A 1 7   ? -0.966  -2.038  -0.311  1.00 5.27  ? 7   TYR A CG  1 
ATOM   54   C  CD1 . TYR A 1 7   ? -1.195  -0.923  0.492   1.00 5.43  ? 7   TYR A CD1 1 
ATOM   55   C  CD2 . TYR A 1 7   ? -1.235  -3.297  0.220   1.00 6.08  ? 7   TYR A CD2 1 
ATOM   56   C  CE1 . TYR A 1 7   ? -1.670  -1.053  1.792   1.00 7.31  ? 7   TYR A CE1 1 
ATOM   57   C  CE2 . TYR A 1 7   ? -1.711  -3.437  1.525   1.00 7.18  ? 7   TYR A CE2 1 
ATOM   58   C  CZ  . TYR A 1 7   ? -1.922  -2.311  2.303   1.00 7.60  ? 7   TYR A CZ  1 
ATOM   59   O  OH  . TYR A 1 7   ? -2.353  -2.430  3.607   1.00 8.70  ? 7   TYR A OH  1 
ATOM   60   N  N   . LYS A 1 8   ? 2.253   -1.913  -3.870  1.00 4.82  ? 8   LYS A N   1 
ATOM   61   C  CA  . LYS A 1 8   ? 2.599   -1.599  -5.249  1.00 5.72  ? 8   LYS A CA  1 
ATOM   62   C  C   . LYS A 1 8   ? 1.550   -2.228  -6.163  1.00 6.09  ? 8   LYS A C   1 
ATOM   63   O  O   . LYS A 1 8   ? 1.145   -3.378  -5.965  1.00 7.28  ? 8   LYS A O   1 
ATOM   64   C  CB  . LYS A 1 8   ? 3.975   -2.159  -5.607  1.00 6.25  ? 8   LYS A CB  1 
ATOM   65   C  CG  . LYS A 1 8   ? 5.138   -1.528  -4.867  1.00 7.89  ? 8   LYS A CG  1 
ATOM   66   C  CD  . LYS A 1 8   ? 6.459   -1.977  -5.479  1.00 11.05 ? 8   LYS A CD  1 
ATOM   67   C  CE  . LYS A 1 8   ? 7.642   -1.246  -4.871  1.00 11.88 ? 8   LYS A CE  1 
ATOM   68   N  NZ  . LYS A 1 8   ? 8.925   -1.630  -5.531  1.00 14.42 ? 8   LYS A NZ  1 
ATOM   69   N  N   . SER A 1 9   ? 1.107   -1.477  -7.163  1.00 5.36  ? 9   SER A N   1 
ATOM   70   C  CA  . SER A 1 9   ? 0.119   -1.980  -8.109  1.00 7.04  ? 9   SER A CA  1 
ATOM   71   C  C   . SER A 1 9   ? 0.436   -1.387  -9.479  1.00 6.69  ? 9   SER A C   1 
ATOM   72   O  O   . SER A 1 9   ? 0.622   -0.178  -9.605  1.00 6.37  ? 9   SER A O   1 
ATOM   73   C  CB  . SER A 1 9   ? -1.287  -1.569  -7.667  1.00 7.19  ? 9   SER A CB  1 
ATOM   74   O  OG  . SER A 1 9   ? -2.292  -2.239  -8.414  1.00 8.51  ? 9   SER A OG  1 
ATOM   75   N  N   . GLU A 1 10  ? 0.524   -2.234  -10.498 1.00 6.64  ? 10  GLU A N   1 
ATOM   76   C  CA  . GLU A 1 10  ? 0.809   -1.759  -11.849 1.00 6.82  ? 10  GLU A CA  1 
ATOM   77   C  C   . GLU A 1 10  ? -0.505  -1.260  -12.425 1.00 7.06  ? 10  GLU A C   1 
ATOM   78   O  O   . GLU A 1 10  ? -1.446  -2.032  -12.581 1.00 7.68  ? 10  GLU A O   1 
ATOM   79   C  CB  . GLU A 1 10  ? 1.375   -2.893  -12.698 1.00 9.65  ? 10  GLU A CB  1 
ATOM   80   C  CG  . GLU A 1 10  ? 2.663   -3.456  -12.143 1.00 12.36 ? 10  GLU A CG  1 
ATOM   81   C  CD  . GLU A 1 10  ? 3.257   -4.540  -13.015 1.00 15.11 ? 10  GLU A CD  1 
ATOM   82   O  OE1 . GLU A 1 10  ? 4.324   -5.070  -12.642 1.00 17.85 ? 10  GLU A OE1 1 
ATOM   83   O  OE2 . GLU A 1 10  ? 2.662   -4.860  -14.066 1.00 17.07 ? 10  GLU A OE2 1 
ATOM   84   N  N   . PRO A 1 11  ? -0.581  0.036   -12.768 1.00 7.15  ? 11  PRO A N   1 
ATOM   85   C  CA  . PRO A 1 11  ? -1.817  0.606   -13.315 1.00 9.16  ? 11  PRO A CA  1 
ATOM   86   C  C   . PRO A 1 11  ? -2.431  -0.093  -14.522 1.00 10.30 ? 11  PRO A C   1 
ATOM   87   O  O   . PRO A 1 11  ? -3.646  -0.050  -14.708 1.00 11.43 ? 11  PRO A O   1 
ATOM   88   C  CB  . PRO A 1 11  ? -1.438  2.062   -13.588 1.00 10.04 ? 11  PRO A CB  1 
ATOM   89   C  CG  . PRO A 1 11  ? 0.030   1.997   -13.851 1.00 8.50  ? 11  PRO A CG  1 
ATOM   90   C  CD  . PRO A 1 11  ? 0.521   1.013   -12.818 1.00 6.99  ? 11  PRO A CD  1 
ATOM   91   N  N   . PHE A 1 12  ? -1.600  -0.744  -15.329 1.00 11.33 ? 12  PHE A N   1 
ATOM   92   C  CA  . PHE A 1 12  ? -2.086  -1.460  -16.502 1.00 14.27 ? 12  PHE A CA  1 
ATOM   93   C  C   . PHE A 1 12  ? -2.939  -2.648  -16.056 1.00 14.20 ? 12  PHE A C   1 
ATOM   94   O  O   . PHE A 1 12  ? -3.896  -3.036  -16.731 1.00 15.61 ? 12  PHE A O   1 
ATOM   95   C  CB  . PHE A 1 12  ? -0.894  -1.934  -17.340 1.00 16.53 ? 12  PHE A CB  1 
ATOM   96   C  CG  . PHE A 1 12  ? -1.277  -2.542  -18.658 1.00 20.57 ? 12  PHE A CG  1 
ATOM   97   C  CD1 . PHE A 1 12  ? -1.715  -3.859  -18.734 1.00 21.30 ? 12  PHE A CD1 1 
ATOM   98   C  CD2 . PHE A 1 12  ? -1.210  -1.789  -19.826 1.00 21.97 ? 12  PHE A CD2 1 
ATOM   99   C  CE1 . PHE A 1 12  ? -2.077  -4.420  -19.957 1.00 22.80 ? 12  PHE A CE1 1 
ATOM   100  C  CE2 . PHE A 1 12  ? -1.570  -2.339  -21.053 1.00 22.97 ? 12  PHE A CE2 1 
ATOM   101  C  CZ  . PHE A 1 12  ? -2.005  -3.657  -21.117 1.00 23.65 ? 12  PHE A CZ  1 
ATOM   102  N  N   . LYS A 1 13  ? -2.596  -3.210  -14.901 1.00 13.15 ? 13  LYS A N   1 
ATOM   103  C  CA  . LYS A 1 13  ? -3.315  -4.354  -14.352 1.00 12.94 ? 13  LYS A CA  1 
ATOM   104  C  C   . LYS A 1 13  ? -4.400  -3.933  -13.370 1.00 11.67 ? 13  LYS A C   1 
ATOM   105  O  O   . LYS A 1 13  ? -5.555  -4.341  -13.492 1.00 12.51 ? 13  LYS A O   1 
ATOM   106  C  CB  . LYS A 1 13  ? -2.336  -5.299  -13.650 1.00 13.90 ? 13  LYS A CB  1 
ATOM   107  C  CG  . LYS A 1 13  ? -1.393  -6.033  -14.590 1.00 16.47 ? 13  LYS A CG  1 
ATOM   108  C  CD  . LYS A 1 13  ? -0.414  -6.906  -13.823 1.00 18.76 ? 13  LYS A CD  1 
ATOM   109  C  CE  . LYS A 1 13  ? 0.345   -7.830  -14.764 1.00 20.88 ? 13  LYS A CE  1 
ATOM   110  N  NZ  . LYS A 1 13  ? 1.010   -7.081  -15.862 1.00 23.59 ? 13  LYS A NZ  1 
ATOM   111  N  N   . TRP A 1 14  ? -4.018  -3.125  -12.388 1.00 9.32  ? 14  TRP A N   1 
ATOM   112  C  CA  . TRP A 1 14  ? -4.954  -2.660  -11.376 1.00 8.57  ? 14  TRP A CA  1 
ATOM   113  C  C   . TRP A 1 14  ? -4.596  -1.232  -10.984 1.00 8.58  ? 14  TRP A C   1 
ATOM   114  O  O   . TRP A 1 14  ? -3.643  -0.995  -10.236 1.00 8.46  ? 14  TRP A O   1 
ATOM   115  C  CB  . TRP A 1 14  ? -4.897  -3.582  -10.157 1.00 7.29  ? 14  TRP A CB  1 
ATOM   116  C  CG  . TRP A 1 14  ? -5.968  -3.289  -9.163  1.00 6.48  ? 14  TRP A CG  1 
ATOM   117  C  CD1 . TRP A 1 14  ? -5.814  -2.718  -7.933  1.00 7.26  ? 14  TRP A CD1 1 
ATOM   118  C  CD2 . TRP A 1 14  ? -7.372  -3.526  -9.324  1.00 6.93  ? 14  TRP A CD2 1 
ATOM   119  N  NE1 . TRP A 1 14  ? -7.033  -2.585  -7.317  1.00 6.22  ? 14  TRP A NE1 1 
ATOM   120  C  CE2 . TRP A 1 14  ? -8.008  -3.074  -8.149  1.00 7.02  ? 14  TRP A CE2 1 
ATOM   121  C  CE3 . TRP A 1 14  ? -8.154  -4.077  -10.348 1.00 8.79  ? 14  TRP A CE3 1 
ATOM   122  C  CZ2 . TRP A 1 14  ? -9.397  -3.155  -7.968  1.00 6.70  ? 14  TRP A CZ2 1 
ATOM   123  C  CZ3 . TRP A 1 14  ? -9.531  -4.159  -10.170 1.00 8.25  ? 14  TRP A CZ3 1 
ATOM   124  C  CH2 . TRP A 1 14  ? -10.138 -3.700  -8.988  1.00 8.46  ? 14  TRP A CH2 1 
ATOM   125  N  N   . SER A 1 15  ? -5.371  -0.283  -11.494 1.00 8.18  ? 15  SER A N   1 
ATOM   126  C  CA  . SER A 1 15  ? -5.122  1.127   -11.233 1.00 8.34  ? 15  SER A CA  1 
ATOM   127  C  C   . SER A 1 15  ? -5.876  1.662   -10.029 1.00 7.48  ? 15  SER A C   1 
ATOM   128  O  O   . SER A 1 15  ? -6.824  1.045   -9.533  1.00 7.05  ? 15  SER A O   1 
ATOM   129  C  CB  . SER A 1 15  ? -5.517  1.961   -12.448 1.00 9.47  ? 15  SER A CB  1 
ATOM   130  O  OG  . SER A 1 15  ? -6.926  1.948   -12.596 1.00 10.79 ? 15  SER A OG  1 
ATOM   131  N  N   . TRP A 1 16  ? -5.449  2.835   -9.583  1.00 6.60  ? 16  TRP A N   1 
ATOM   132  C  CA  . TRP A 1 16  ? -6.068  3.515   -8.461  1.00 7.28  ? 16  TRP A CA  1 
ATOM   133  C  C   . TRP A 1 16  ? -7.543  3.771   -8.782  1.00 7.13  ? 16  TRP A C   1 
ATOM   134  O  O   . TRP A 1 16  ? -8.403  3.652   -7.913  1.00 7.55  ? 16  TRP A O   1 
ATOM   135  C  CB  . TRP A 1 16  ? -5.327  4.830   -8.201  1.00 5.91  ? 16  TRP A CB  1 
ATOM   136  C  CG  . TRP A 1 16  ? -5.959  5.713   -7.180  1.00 6.47  ? 16  TRP A CG  1 
ATOM   137  C  CD1 . TRP A 1 16  ? -6.313  7.018   -7.348  1.00 7.09  ? 16  TRP A CD1 1 
ATOM   138  C  CD2 . TRP A 1 16  ? -6.305  5.373   -5.832  1.00 6.13  ? 16  TRP A CD2 1 
ATOM   139  N  NE1 . TRP A 1 16  ? -6.859  7.515   -6.193  1.00 7.27  ? 16  TRP A NE1 1 
ATOM   140  C  CE2 . TRP A 1 16  ? -6.867  6.526   -5.243  1.00 5.91  ? 16  TRP A CE2 1 
ATOM   141  C  CE3 . TRP A 1 16  ? -6.196  4.204   -5.063  1.00 7.04  ? 16  TRP A CE3 1 
ATOM   142  C  CZ2 . TRP A 1 16  ? -7.320  6.553   -3.922  1.00 7.50  ? 16  TRP A CZ2 1 
ATOM   143  C  CZ3 . TRP A 1 16  ? -6.647  4.230   -3.744  1.00 6.86  ? 16  TRP A CZ3 1 
ATOM   144  C  CH2 . TRP A 1 16  ? -7.203  5.398   -3.190  1.00 6.57  ? 16  TRP A CH2 1 
ATOM   145  N  N   . GLU A 1 17  ? -7.837  4.117   -10.032 1.00 8.64  ? 17  GLU A N   1 
ATOM   146  C  CA  . GLU A 1 17  ? -9.219  4.368   -10.427 1.00 9.23  ? 17  GLU A CA  1 
ATOM   147  C  C   . GLU A 1 17  ? -10.051 3.104   -10.233 1.00 9.00  ? 17  GLU A C   1 
ATOM   148  O  O   . GLU A 1 17  ? -11.175 3.164   -9.742  1.00 8.33  ? 17  GLU A O   1 
ATOM   149  C  CB  . GLU A 1 17  ? -9.283  4.828   -11.885 1.00 11.99 ? 17  GLU A CB  1 
ATOM   150  C  CG  . GLU A 1 17  ? -8.704  6.217   -12.127 1.00 17.47 ? 17  GLU A CG  1 
ATOM   151  C  CD  . GLU A 1 17  ? -9.557  7.327   -11.537 1.00 19.67 ? 17  GLU A CD  1 
ATOM   152  O  OE1 . GLU A 1 17  ? -9.119  8.497   -11.575 1.00 22.94 ? 17  GLU A OE1 1 
ATOM   153  O  OE2 . GLU A 1 17  ? -10.665 7.035   -11.041 1.00 22.50 ? 17  GLU A OE2 1 
HETATM 154  N  N   . MSE A 1 18  ? -9.494  1.956   -10.610 1.00 7.96  ? 18  MSE A N   1 
HETATM 155  C  CA  . MSE A 1 18  ? -10.203 0.693   -10.451 1.00 8.37  ? 18  MSE A CA  1 
HETATM 156  C  C   . MSE A 1 18  ? -10.390 0.387   -8.967  1.00 6.94  ? 18  MSE A C   1 
HETATM 157  O  O   . MSE A 1 18  ? -11.431 -0.130  -8.554  1.00 7.71  ? 18  MSE A O   1 
HETATM 158  C  CB  . MSE A 1 18  ? -9.432  -0.440  -11.127 1.00 10.10 ? 18  MSE A CB  1 
HETATM 159  C  CG  . MSE A 1 18  ? -9.335  -0.293  -12.639 1.00 11.49 ? 18  MSE A CG  1 
HETATM 160  SE SE  . MSE A 1 18  ? -8.168  -1.608  -13.437 1.00 20.50 ? 18  MSE A SE  1 
HETATM 161  C  CE  . MSE A 1 18  ? -9.489  -2.899  -13.979 1.00 19.18 ? 18  MSE A CE  1 
ATOM   162  N  N   . GLN A 1 19  ? -9.377  0.710   -8.168  1.00 6.31  ? 19  GLN A N   1 
ATOM   163  C  CA  . GLN A 1 19  ? -9.446  0.481   -6.734  1.00 6.30  ? 19  GLN A CA  1 
ATOM   164  C  C   . GLN A 1 19  ? -10.591 1.307   -6.143  1.00 5.96  ? 19  GLN A C   1 
ATOM   165  O  O   . GLN A 1 19  ? -11.410 0.789   -5.387  1.00 6.56  ? 19  GLN A O   1 
ATOM   166  C  CB  . GLN A 1 19  ? -8.112  0.855   -6.075  1.00 5.56  ? 19  GLN A CB  1 
ATOM   167  C  CG  . GLN A 1 19  ? -8.070  0.602   -4.577  1.00 6.30  ? 19  GLN A CG  1 
ATOM   168  C  CD  . GLN A 1 19  ? -8.270  -0.862  -4.230  1.00 6.56  ? 19  GLN A CD  1 
ATOM   169  O  OE1 . GLN A 1 19  ? -7.523  -1.724  -4.685  1.00 5.51  ? 19  GLN A OE1 1 
ATOM   170  N  NE2 . GLN A 1 19  ? -9.286  -1.148  -3.420  1.00 8.94  ? 19  GLN A NE2 1 
ATOM   171  N  N   . LYS A 1 20  ? -10.656 2.589   -6.493  1.00 6.58  ? 20  LYS A N   1 
ATOM   172  C  CA  . LYS A 1 20  ? -11.722 3.443   -5.980  1.00 7.48  ? 20  LYS A CA  1 
ATOM   173  C  C   . LYS A 1 20  ? -13.100 2.953   -6.420  1.00 7.79  ? 20  LYS A C   1 
ATOM   174  O  O   . LYS A 1 20  ? -14.069 3.047   -5.666  1.00 9.12  ? 20  LYS A O   1 
ATOM   175  C  CB  . LYS A 1 20  ? -11.519 4.895   -6.426  1.00 8.18  ? 20  LYS A CB  1 
ATOM   176  C  CG  . LYS A 1 20  ? -10.331 5.570   -5.760  1.00 7.96  ? 20  LYS A CG  1 
ATOM   177  C  CD  . LYS A 1 20  ? -10.284 7.060   -6.054  1.00 9.33  ? 20  LYS A CD  1 
ATOM   178  C  CE  . LYS A 1 20  ? -10.015 7.344   -7.520  1.00 9.94  ? 20  LYS A CE  1 
ATOM   179  N  NZ  . LYS A 1 20  ? -9.871  8.808   -7.749  1.00 12.79 ? 20  LYS A NZ  1 
ATOM   180  N  N   . ALA A 1 21  ? -13.180 2.417   -7.635  1.00 7.97  ? 21  ALA A N   1 
ATOM   181  C  CA  . ALA A 1 21  ? -14.442 1.920   -8.170  1.00 9.66  ? 21  ALA A CA  1 
ATOM   182  C  C   . ALA A 1 21  ? -15.005 0.762   -7.350  1.00 9.82  ? 21  ALA A C   1 
ATOM   183  O  O   . ALA A 1 21  ? -16.215 0.535   -7.336  1.00 11.23 ? 21  ALA A O   1 
ATOM   184  C  CB  . ALA A 1 21  ? -14.263 1.496   -9.621  1.00 9.97  ? 21  ALA A CB  1 
ATOM   185  N  N   . LYS A 1 22  ? -14.132 0.024   -6.670  1.00 9.26  ? 22  LYS A N   1 
ATOM   186  C  CA  . LYS A 1 22  ? -14.585 -1.094  -5.849  1.00 9.19  ? 22  LYS A CA  1 
ATOM   187  C  C   . LYS A 1 22  ? -15.316 -0.597  -4.611  1.00 9.68  ? 22  LYS A C   1 
ATOM   188  O  O   . LYS A 1 22  ? -16.103 -1.326  -4.008  1.00 10.77 ? 22  LYS A O   1 
ATOM   189  C  CB  . LYS A 1 22  ? -13.406 -1.976  -5.429  1.00 9.99  ? 22  LYS A CB  1 
ATOM   190  C  CG  . LYS A 1 22  ? -12.824 -2.820  -6.556  1.00 11.21 ? 22  LYS A CG  1 
ATOM   191  C  CD  . LYS A 1 22  ? -13.897 -3.670  -7.235  1.00 10.20 ? 22  LYS A CD  1 
ATOM   192  C  CE  . LYS A 1 22  ? -14.543 -4.671  -6.281  1.00 11.62 ? 22  LYS A CE  1 
ATOM   193  N  NZ  . LYS A 1 22  ? -13.613 -5.753  -5.847  1.00 12.02 ? 22  LYS A NZ  1 
ATOM   194  N  N   . GLY A 1 23  ? -15.049 0.647   -4.231  1.00 9.67  ? 23  GLY A N   1 
ATOM   195  C  CA  . GLY A 1 23  ? -15.707 1.218   -3.071  1.00 10.18 ? 23  GLY A CA  1 
ATOM   196  C  C   . GLY A 1 23  ? -15.477 0.461   -1.775  1.00 9.40  ? 23  GLY A C   1 
ATOM   197  O  O   . GLY A 1 23  ? -14.435 -0.172  -1.589  1.00 9.43  ? 23  GLY A O   1 
ATOM   198  N  N   . GLU A 1 24  ? -16.462 0.516   -0.881  1.00 9.84  ? 24  GLU A N   1 
ATOM   199  C  CA  . GLU A 1 24  ? -16.364 -0.143  0.419   1.00 9.29  ? 24  GLU A CA  1 
ATOM   200  C  C   . GLU A 1 24  ? -16.198 -1.657  0.345   1.00 8.51  ? 24  GLU A C   1 
ATOM   201  O  O   . GLU A 1 24  ? -15.739 -2.273  1.305   1.00 8.75  ? 24  GLU A O   1 
ATOM   202  C  CB  . GLU A 1 24  ? -17.571 0.225   1.293   1.00 10.18 ? 24  GLU A CB  1 
ATOM   203  C  CG  . GLU A 1 24  ? -18.926 -0.051  0.666   1.00 12.04 ? 24  GLU A CG  1 
ATOM   204  C  CD  . GLU A 1 24  ? -19.480 -1.421  1.011   1.00 12.44 ? 24  GLU A CD  1 
ATOM   205  O  OE1 . GLU A 1 24  ? -20.499 -1.809  0.409   1.00 14.96 ? 24  GLU A OE1 1 
ATOM   206  O  OE2 . GLU A 1 24  ? -18.909 -2.103  1.885   1.00 13.09 ? 24  GLU A OE2 1 
ATOM   207  N  N   . THR A 1 25  ? -16.560 -2.248  -0.793  1.00 9.61  ? 25  THR A N   1 
ATOM   208  C  CA  . THR A 1 25  ? -16.431 -3.691  -0.995  1.00 11.06 ? 25  THR A CA  1 
ATOM   209  C  C   . THR A 1 25  ? -14.954 -4.070  -0.947  1.00 10.57 ? 25  THR A C   1 
ATOM   210  O  O   . THR A 1 25  ? -14.596 -5.168  -0.524  1.00 11.85 ? 25  THR A O   1 
ATOM   211  C  CB  . THR A 1 25  ? -17.006 -4.120  -2.364  1.00 11.61 ? 25  THR A CB  1 
ATOM   212  O  OG1 . THR A 1 25  ? -18.414 -3.855  -2.395  1.00 13.08 ? 25  THR A OG1 1 
ATOM   213  C  CG2 . THR A 1 25  ? -16.765 -5.604  -2.608  1.00 13.33 ? 25  THR A CG2 1 
ATOM   214  N  N   . GLY A 1 26  ? -14.103 -3.149  -1.385  1.00 9.20  ? 26  GLY A N   1 
ATOM   215  C  CA  . GLY A 1 26  ? -12.677 -3.403  -1.375  1.00 8.87  ? 26  GLY A CA  1 
ATOM   216  C  C   . GLY A 1 26  ? -12.228 -4.345  -2.471  1.00 7.77  ? 26  GLY A C   1 
ATOM   217  O  O   . GLY A 1 26  ? -13.003 -4.721  -3.353  1.00 8.55  ? 26  GLY A O   1 
ATOM   218  N  N   . GLU A 1 27  ? -10.959 -4.731  -2.399  1.00 6.63  ? 27  GLU A N   1 
ATOM   219  C  CA  . GLU A 1 27  ? -10.358 -5.624  -3.374  1.00 6.56  ? 27  GLU A CA  1 
ATOM   220  C  C   . GLU A 1 27  ? -9.418  -6.608  -2.687  1.00 5.26  ? 27  GLU A C   1 
ATOM   221  O  O   . GLU A 1 27  ? -8.570  -6.212  -1.890  1.00 5.09  ? 27  GLU A O   1 
ATOM   222  C  CB  . GLU A 1 27  ? -9.572  -4.806  -4.400  1.00 6.96  ? 27  GLU A CB  1 
ATOM   223  C  CG  . GLU A 1 27  ? -8.842  -5.629  -5.447  1.00 8.72  ? 27  GLU A CG  1 
ATOM   224  C  CD  . GLU A 1 27  ? -9.775  -6.234  -6.475  1.00 10.49 ? 27  GLU A CD  1 
ATOM   225  O  OE1 . GLU A 1 27  ? -9.290  -6.984  -7.349  1.00 13.53 ? 27  GLU A OE1 1 
ATOM   226  O  OE2 . GLU A 1 27  ? -10.990 -5.956  -6.417  1.00 11.68 ? 27  GLU A OE2 1 
ATOM   227  N  N   . GLU A 1 28  ? -9.576  -7.890  -2.996  1.00 5.52  ? 28  GLU A N   1 
ATOM   228  C  CA  . GLU A 1 28  ? -8.716  -8.921  -2.434  1.00 5.07  ? 28  GLU A CA  1 
ATOM   229  C  C   . GLU A 1 28  ? -7.342  -8.697  -3.055  1.00 4.73  ? 28  GLU A C   1 
ATOM   230  O  O   . GLU A 1 28  ? -7.219  -8.590  -4.278  1.00 5.43  ? 28  GLU A O   1 
ATOM   231  C  CB  . GLU A 1 28  ? -9.238  -10.310 -2.810  1.00 6.03  ? 28  GLU A CB  1 
ATOM   232  C  CG  . GLU A 1 28  ? -8.468  -11.442 -2.153  1.00 6.68  ? 28  GLU A CG  1 
ATOM   233  C  CD  . GLU A 1 28  ? -8.866  -12.817 -2.661  1.00 8.13  ? 28  GLU A CD  1 
ATOM   234  O  OE1 . GLU A 1 28  ? -8.332  -13.813 -2.131  1.00 8.57  ? 28  GLU A OE1 1 
ATOM   235  O  OE2 . GLU A 1 28  ? -9.698  -12.904 -3.587  1.00 9.98  ? 28  GLU A OE2 1 
ATOM   236  N  N   . TRP A 1 29  ? -6.305  -8.623  -2.225  1.00 4.29  ? 29  TRP A N   1 
ATOM   237  C  CA  . TRP A 1 29  ? -4.964  -8.373  -2.744  1.00 4.13  ? 29  TRP A CA  1 
ATOM   238  C  C   . TRP A 1 29  ? -4.258  -9.660  -3.166  1.00 4.48  ? 29  TRP A C   1 
ATOM   239  O  O   . TRP A 1 29  ? -3.272  -10.086 -2.564  1.00 5.31  ? 29  TRP A O   1 
ATOM   240  C  CB  . TRP A 1 29  ? -4.128  -7.616  -1.710  1.00 5.24  ? 29  TRP A CB  1 
ATOM   241  C  CG  . TRP A 1 29  ? -3.157  -6.689  -2.354  1.00 4.70  ? 29  TRP A CG  1 
ATOM   242  C  CD1 . TRP A 1 29  ? -1.798  -6.724  -2.260  1.00 5.40  ? 29  TRP A CD1 1 
ATOM   243  C  CD2 . TRP A 1 29  ? -3.471  -5.615  -3.246  1.00 4.64  ? 29  TRP A CD2 1 
ATOM   244  N  NE1 . TRP A 1 29  ? -1.242  -5.740  -3.042  1.00 5.09  ? 29  TRP A NE1 1 
ATOM   245  C  CE2 . TRP A 1 29  ? -2.249  -5.044  -3.659  1.00 5.31  ? 29  TRP A CE2 1 
ATOM   246  C  CE3 . TRP A 1 29  ? -4.669  -5.081  -3.740  1.00 6.44  ? 29  TRP A CE3 1 
ATOM   247  C  CZ2 . TRP A 1 29  ? -2.186  -3.963  -4.546  1.00 4.86  ? 29  TRP A CZ2 1 
ATOM   248  C  CZ3 . TRP A 1 29  ? -4.610  -4.006  -4.624  1.00 5.94  ? 29  TRP A CZ3 1 
ATOM   249  C  CH2 . TRP A 1 29  ? -3.376  -3.459  -5.016  1.00 7.09  ? 29  TRP A CH2 1 
ATOM   250  N  N   . THR A 1 30  ? -4.771  -10.250 -4.239  1.00 6.21  ? 30  THR A N   1 
ATOM   251  C  CA  . THR A 1 30  ? -4.269  -11.510 -4.778  1.00 6.23  ? 30  THR A CA  1 
ATOM   252  C  C   . THR A 1 30  ? -2.982  -11.396 -5.582  1.00 6.63  ? 30  THR A C   1 
ATOM   253  O  O   . THR A 1 30  ? -2.548  -10.304 -5.936  1.00 7.98  ? 30  THR A O   1 
ATOM   254  C  CB  . THR A 1 30  ? -5.316  -12.147 -5.701  1.00 7.78  ? 30  THR A CB  1 
ATOM   255  O  OG1 . THR A 1 30  ? -5.569  -11.264 -6.800  1.00 10.03 ? 30  THR A OG1 1 
ATOM   256  C  CG2 . THR A 1 30  ? -6.612  -12.380 -4.953  1.00 8.72  ? 30  THR A CG2 1 
ATOM   257  N  N   . GLY A 1 31  ? -2.374  -12.546 -5.857  1.00 7.18  ? 31  GLY A N   1 
ATOM   258  C  CA  . GLY A 1 31  ? -1.168  -12.577 -6.666  1.00 7.43  ? 31  GLY A CA  1 
ATOM   259  C  C   . GLY A 1 31  ? 0.171   -12.397 -5.983  1.00 7.79  ? 31  GLY A C   1 
ATOM   260  O  O   . GLY A 1 31  ? 1.203   -12.487 -6.645  1.00 8.58  ? 31  GLY A O   1 
ATOM   261  N  N   . VAL A 1 32  ? 0.181   -12.132 -4.683  1.00 6.67  ? 32  VAL A N   1 
ATOM   262  C  CA  . VAL A 1 32  ? 1.447   -11.966 -3.983  1.00 6.73  ? 32  VAL A CA  1 
ATOM   263  C  C   . VAL A 1 32  ? 2.081   -13.337 -3.789  1.00 5.86  ? 32  VAL A C   1 
ATOM   264  O  O   . VAL A 1 32  ? 1.481   -14.229 -3.195  1.00 6.06  ? 32  VAL A O   1 
ATOM   265  C  CB  . VAL A 1 32  ? 1.243   -11.276 -2.619  1.00 6.70  ? 32  VAL A CB  1 
ATOM   266  C  CG1 . VAL A 1 32  ? 2.551   -11.265 -1.834  1.00 7.90  ? 32  VAL A CG1 1 
ATOM   267  C  CG2 . VAL A 1 32  ? 0.745   -9.855  -2.833  1.00 7.23  ? 32  VAL A CG2 1 
ATOM   268  N  N   . ARG A 1 33  ? 3.290   -13.498 -4.320  1.00 5.68  ? 33  ARG A N   1 
ATOM   269  C  CA  . ARG A 1 33  ? 4.023   -14.758 -4.222  1.00 5.43  ? 33  ARG A CA  1 
ATOM   270  C  C   . ARG A 1 33  ? 5.424   -14.487 -3.673  1.00 5.78  ? 33  ARG A C   1 
ATOM   271  O  O   . ARG A 1 33  ? 6.430   -14.990 -4.180  1.00 5.62  ? 33  ARG A O   1 
ATOM   272  C  CB  . ARG A 1 33  ? 4.104   -15.425 -5.599  1.00 6.32  ? 33  ARG A CB  1 
ATOM   273  C  CG  . ARG A 1 33  ? 2.742   -15.731 -6.223  1.00 7.61  ? 33  ARG A CG  1 
ATOM   274  C  CD  . ARG A 1 33  ? 1.978   -16.791 -5.435  1.00 8.57  ? 33  ARG A CD  1 
ATOM   275  N  NE  . ARG A 1 33  ? 0.690   -17.131 -6.043  1.00 10.24 ? 33  ARG A NE  1 
ATOM   276  C  CZ  . ARG A 1 33  ? -0.477  -16.585 -5.705  1.00 8.88  ? 33  ARG A CZ  1 
ATOM   277  N  NH1 . ARG A 1 33  ? -0.534  -15.664 -4.752  1.00 9.42  ? 33  ARG A NH1 1 
ATOM   278  N  NH2 . ARG A 1 33  ? -1.591  -16.957 -6.324  1.00 10.59 ? 33  ARG A NH2 1 
ATOM   279  N  N   . ASN A 1 34  ? 5.461   -13.674 -2.624  1.00 6.46  ? 34  ASN A N   1 
ATOM   280  C  CA  . ASN A 1 34  ? 6.688   -13.285 -1.945  1.00 6.31  ? 34  ASN A CA  1 
ATOM   281  C  C   . ASN A 1 34  ? 6.396   -13.479 -0.460  1.00 5.19  ? 34  ASN A C   1 
ATOM   282  O  O   . ASN A 1 34  ? 5.417   -12.937 0.058   1.00 5.04  ? 34  ASN A O   1 
ATOM   283  C  CB  . ASN A 1 34  ? 7.000   -11.817 -2.261  1.00 7.35  ? 34  ASN A CB  1 
ATOM   284  C  CG  . ASN A 1 34  ? 8.235   -11.306 -1.544  1.00 8.93  ? 34  ASN A CG  1 
ATOM   285  O  OD1 . ASN A 1 34  ? 8.211   -11.059 -0.338  1.00 8.86  ? 34  ASN A OD1 1 
ATOM   286  N  ND2 . ASN A 1 34  ? 9.324   -11.146 -2.284  1.00 10.90 ? 34  ASN A ND2 1 
ATOM   287  N  N   . TYR A 1 35  ? 7.231   -14.254 0.222   1.00 5.89  ? 35  TYR A N   1 
ATOM   288  C  CA  . TYR A 1 35  ? 7.006   -14.531 1.636   1.00 6.41  ? 35  TYR A CA  1 
ATOM   289  C  C   . TYR A 1 35  ? 6.985   -13.296 2.523   1.00 6.75  ? 35  TYR A C   1 
ATOM   290  O  O   . TYR A 1 35  ? 6.110   -13.157 3.375   1.00 6.12  ? 35  TYR A O   1 
ATOM   291  C  CB  . TYR A 1 35  ? 8.047   -15.526 2.151   1.00 7.66  ? 35  TYR A CB  1 
ATOM   292  C  CG  . TYR A 1 35  ? 7.972   -16.870 1.466   1.00 9.24  ? 35  TYR A CG  1 
ATOM   293  C  CD1 . TYR A 1 35  ? 9.028   -17.338 0.686   1.00 9.62  ? 35  TYR A CD1 1 
ATOM   294  C  CD2 . TYR A 1 35  ? 6.837   -17.666 1.580   1.00 9.56  ? 35  TYR A CD2 1 
ATOM   295  C  CE1 . TYR A 1 35  ? 8.954   -18.566 0.035   1.00 10.57 ? 35  TYR A CE1 1 
ATOM   296  C  CE2 . TYR A 1 35  ? 6.751   -18.894 0.932   1.00 10.80 ? 35  TYR A CE2 1 
ATOM   297  C  CZ  . TYR A 1 35  ? 7.813   -19.339 0.162   1.00 10.04 ? 35  TYR A CZ  1 
ATOM   298  O  OH  . TYR A 1 35  ? 7.731   -20.552 -0.485  1.00 12.36 ? 35  TYR A OH  1 
ATOM   299  N  N   . GLN A 1 36  ? 7.937   -12.394 2.327   1.00 5.89  ? 36  GLN A N   1 
ATOM   300  C  CA  . GLN A 1 36  ? 7.989   -11.189 3.144   1.00 6.94  ? 36  GLN A CA  1 
ATOM   301  C  C   . GLN A 1 36  ? 6.763   -10.307 2.941   1.00 5.96  ? 36  GLN A C   1 
ATOM   302  O  O   . GLN A 1 36  ? 6.222   -9.758  3.901   1.00 5.88  ? 36  GLN A O   1 
ATOM   303  C  CB  . GLN A 1 36  ? 9.262   -10.398 2.841   1.00 9.07  ? 36  GLN A CB  1 
ATOM   304  C  CG  . GLN A 1 36  ? 9.326   -9.064  3.558   1.00 14.18 ? 36  GLN A CG  1 
ATOM   305  C  CD  . GLN A 1 36  ? 9.119   -9.193  5.053   1.00 19.14 ? 36  GLN A CD  1 
ATOM   306  O  OE1 . GLN A 1 36  ? 8.681   -8.249  5.711   1.00 23.84 ? 36  GLN A OE1 1 
ATOM   307  N  NE2 . GLN A 1 36  ? 9.444   -10.357 5.602   1.00 21.97 ? 36  GLN A NE2 1 
ATOM   308  N  N   . ALA A 1 37  ? 6.334   -10.158 1.691   1.00 5.14  ? 37  ALA A N   1 
ATOM   309  C  CA  . ALA A 1 37  ? 5.156   -9.347  1.387   1.00 4.72  ? 37  ALA A CA  1 
ATOM   310  C  C   . ALA A 1 37  ? 3.924   -9.989  2.029   1.00 4.32  ? 37  ALA A C   1 
ATOM   311  O  O   . ALA A 1 37  ? 3.076   -9.299  2.605   1.00 4.36  ? 37  ALA A O   1 
ATOM   312  C  CB  . ALA A 1 37  ? 4.972   -9.232  -0.119  1.00 4.81  ? 37  ALA A CB  1 
ATOM   313  N  N   . ARG A 1 38  ? 3.834   -11.311 1.920   1.00 3.80  ? 38  ARG A N   1 
ATOM   314  C  CA  . ARG A 1 38  ? 2.736   -12.062 2.509   1.00 4.65  ? 38  ARG A CA  1 
ATOM   315  C  C   . ARG A 1 38  ? 2.741   -11.858 4.021   1.00 4.28  ? 38  ARG A C   1 
ATOM   316  O  O   . ARG A 1 38  ? 1.700   -11.620 4.632   1.00 4.36  ? 38  ARG A O   1 
ATOM   317  C  CB  . ARG A 1 38  ? 2.897   -13.552 2.209   1.00 4.88  ? 38  ARG A CB  1 
ATOM   318  C  CG  . ARG A 1 38  ? 1.847   -14.435 2.867   1.00 6.01  ? 38  ARG A CG  1 
ATOM   319  C  CD  . ARG A 1 38  ? 2.325   -15.878 2.965   1.00 5.95  ? 38  ARG A CD  1 
ATOM   320  N  NE  . ARG A 1 38  ? 3.448   -16.008 3.890   1.00 6.98  ? 38  ARG A NE  1 
ATOM   321  C  CZ  . ARG A 1 38  ? 4.085   -17.147 4.139   1.00 7.79  ? 38  ARG A CZ  1 
ATOM   322  N  NH1 . ARG A 1 38  ? 3.716   -18.264 3.528   1.00 9.91  ? 38  ARG A NH1 1 
ATOM   323  N  NH2 . ARG A 1 38  ? 5.087   -17.164 5.005   1.00 8.45  ? 38  ARG A NH2 1 
ATOM   324  N  N   . ASN A 1 39  ? 3.921   -11.959 4.623   1.00 3.74  ? 39  ASN A N   1 
ATOM   325  C  CA  . ASN A 1 39  ? 4.044   -11.798 6.062   1.00 5.48  ? 39  ASN A CA  1 
ATOM   326  C  C   . ASN A 1 39  ? 3.697   -10.383 6.493   1.00 4.77  ? 39  ASN A C   1 
ATOM   327  O  O   . ASN A 1 39  ? 3.182   -10.180 7.589   1.00 4.96  ? 39  ASN A O   1 
ATOM   328  C  CB  . ASN A 1 39  ? 5.450   -12.187 6.526   1.00 6.40  ? 39  ASN A CB  1 
ATOM   329  C  CG  . ASN A 1 39  ? 5.735   -13.675 6.342   1.00 7.20  ? 39  ASN A CG  1 
ATOM   330  O  OD1 . ASN A 1 39  ? 4.821   -14.475 6.122   1.00 7.43  ? 39  ASN A OD1 1 
ATOM   331  N  ND2 . ASN A 1 39  ? 7.007   -14.050 6.442   1.00 7.97  ? 39  ASN A ND2 1 
ATOM   332  N  N   . ASN A 1 40  ? 3.977   -9.402  5.639   1.00 3.71  ? 40  ASN A N   1 
ATOM   333  C  CA  . ASN A 1 40  ? 3.626   -8.028  5.969   1.00 4.03  ? 40  ASN A CA  1 
ATOM   334  C  C   . ASN A 1 40  ? 2.101   -7.938  6.023   1.00 3.94  ? 40  ASN A C   1 
ATOM   335  O  O   . ASN A 1 40  ? 1.538   -7.290  6.906   1.00 5.21  ? 40  ASN A O   1 
ATOM   336  C  CB  . ASN A 1 40  ? 4.204   -7.059  4.928   1.00 4.77  ? 40  ASN A CB  1 
ATOM   337  C  CG  . ASN A 1 40  ? 5.701   -6.812  5.124   1.00 5.36  ? 40  ASN A CG  1 
ATOM   338  O  OD1 . ASN A 1 40  ? 6.399   -6.351  4.219   1.00 6.52  ? 40  ASN A OD1 1 
ATOM   339  N  ND2 . ASN A 1 40  ? 6.193   -7.112  6.318   1.00 5.64  ? 40  ASN A ND2 1 
HETATM 340  N  N   . MSE A 1 41  ? 1.425   -8.601  5.093   1.00 3.83  ? 41  MSE A N   1 
HETATM 341  C  CA  . MSE A 1 41  ? -0.030  -8.577  5.115   1.00 3.56  ? 41  MSE A CA  1 
HETATM 342  C  C   . MSE A 1 41  ? -0.560  -9.277  6.366   1.00 4.10  ? 41  MSE A C   1 
HETATM 343  O  O   . MSE A 1 41  ? -1.549  -8.838  6.951   1.00 4.74  ? 41  MSE A O   1 
HETATM 344  C  CB  . MSE A 1 41  ? -0.610  -9.205  3.843   1.00 3.30  ? 41  MSE A CB  1 
HETATM 345  C  CG  . MSE A 1 41  ? -0.406  -8.320  2.618   1.00 4.12  ? 41  MSE A CG  1 
HETATM 346  SE SE  . MSE A 1 41  ? -1.346  -8.888  1.007   1.00 9.85  ? 41  MSE A SE  1 
HETATM 347  C  CE  . MSE A 1 41  ? -0.330  -10.517 0.686   1.00 5.68  ? 41  MSE A CE  1 
ATOM   348  N  N   . ARG A 1 42  ? 0.084   -10.365 6.776   1.00 4.03  ? 42  ARG A N   1 
ATOM   349  C  CA  . ARG A 1 42  ? -0.340  -11.071 7.981   1.00 5.30  ? 42  ARG A CA  1 
ATOM   350  C  C   . ARG A 1 42  ? -0.195  -10.196 9.224   1.00 5.95  ? 42  ARG A C   1 
ATOM   351  O  O   . ARG A 1 42  ? -0.842  -10.446 10.236  1.00 8.48  ? 42  ARG A O   1 
ATOM   352  C  CB  . ARG A 1 42  ? 0.479   -12.347 8.180   1.00 6.04  ? 42  ARG A CB  1 
ATOM   353  C  CG  . ARG A 1 42  ? 0.184   -13.439 7.185   1.00 6.14  ? 42  ARG A CG  1 
ATOM   354  C  CD  . ARG A 1 42  ? 1.104   -14.617 7.407   1.00 7.72  ? 42  ARG A CD  1 
ATOM   355  N  NE  . ARG A 1 42  ? 0.789   -15.719 6.511   1.00 6.96  ? 42  ARG A NE  1 
ATOM   356  C  CZ  . ARG A 1 42  ? 1.433   -16.878 6.508   1.00 7.57  ? 42  ARG A CZ  1 
ATOM   357  N  NH1 . ARG A 1 42  ? 2.433   -17.081 7.356   1.00 8.12  ? 42  ARG A NH1 1 
ATOM   358  N  NH2 . ARG A 1 42  ? 1.069   -17.834 5.667   1.00 8.53  ? 42  ARG A NH2 1 
ATOM   359  N  N   . ALA A 1 43  ? 0.656   -9.177  9.153   1.00 5.17  ? 43  ALA A N   1 
ATOM   360  C  CA  . ALA A 1 43  ? 0.872   -8.291  10.292  1.00 6.64  ? 43  ALA A CA  1 
ATOM   361  C  C   . ALA A 1 43  ? -0.119  -7.132  10.324  1.00 5.78  ? 43  ALA A C   1 
ATOM   362  O  O   . ALA A 1 43  ? -0.129  -6.347  11.271  1.00 7.75  ? 43  ALA A O   1 
ATOM   363  C  CB  . ALA A 1 43  ? 2.292   -7.747  10.255  1.00 7.36  ? 43  ALA A CB  1 
HETATM 364  N  N   . MSE A 1 44  ? -0.958  -7.036  9.296   1.00 5.39  ? 44  MSE A N   1 
HETATM 365  C  CA  . MSE A 1 44  ? -1.928  -5.950  9.200   1.00 4.85  ? 44  MSE A CA  1 
HETATM 366  C  C   . MSE A 1 44  ? -3.196  -6.168  10.005  1.00 5.59  ? 44  MSE A C   1 
HETATM 367  O  O   . MSE A 1 44  ? -3.659  -7.297  10.173  1.00 6.12  ? 44  MSE A O   1 
HETATM 368  C  CB  . MSE A 1 44  ? -2.302  -5.711  7.739   1.00 6.18  ? 44  MSE A CB  1 
HETATM 369  C  CG  . MSE A 1 44  ? -1.139  -5.226  6.900   1.00 5.24  ? 44  MSE A CG  1 
HETATM 370  SE SE  . MSE A 1 44  ? -1.583  -5.154  5.033   1.00 11.63 ? 44  MSE A SE  1 
HETATM 371  C  CE  . MSE A 1 44  ? 0.181   -4.748  4.369   1.00 6.45  ? 44  MSE A CE  1 
ATOM   372  N  N   . LYS A 1 45  ? -3.750  -5.067  10.498  1.00 5.24  ? 45  LYS A N   1 
ATOM   373  C  CA  . LYS A 1 45  ? -4.986  -5.095  11.260  1.00 6.18  ? 45  LYS A CA  1 
ATOM   374  C  C   . LYS A 1 45  ? -6.050  -4.322  10.487  1.00 6.26  ? 45  LYS A C   1 
ATOM   375  O  O   . LYS A 1 45  ? -5.734  -3.502  9.622   1.00 6.22  ? 45  LYS A O   1 
ATOM   376  C  CB  . LYS A 1 45  ? -4.775  -4.447  12.631  1.00 9.30  ? 45  LYS A CB  1 
ATOM   377  C  CG  . LYS A 1 45  ? -3.750  -5.161  13.497  1.00 11.63 ? 45  LYS A CG  1 
ATOM   378  C  CD  . LYS A 1 45  ? -3.639  -4.532  14.878  1.00 14.15 ? 45  LYS A CD  1 
ATOM   379  C  CE  . LYS A 1 45  ? -2.506  -5.154  15.681  1.00 15.08 ? 45  LYS A CE  1 
ATOM   380  N  NZ  . LYS A 1 45  ? -1.175  -4.821  15.113  1.00 15.23 ? 45  LYS A NZ  1 
ATOM   381  N  N   . ILE A 1 46  ? -7.313  -4.595  10.794  1.00 6.73  ? 46  ILE A N   1 
ATOM   382  C  CA  . ILE A 1 46  ? -8.409  -3.891  10.148  1.00 6.83  ? 46  ILE A CA  1 
ATOM   383  C  C   . ILE A 1 46  ? -8.220  -2.405  10.422  1.00 6.87  ? 46  ILE A C   1 
ATOM   384  O  O   . ILE A 1 46  ? -7.947  -2.009  11.556  1.00 6.87  ? 46  ILE A O   1 
ATOM   385  C  CB  . ILE A 1 46  ? -9.772  -4.340  10.723  1.00 7.49  ? 46  ILE A CB  1 
ATOM   386  C  CG1 . ILE A 1 46  ? -10.034 -5.802  10.358  1.00 9.46  ? 46  ILE A CG1 1 
ATOM   387  C  CG2 . ILE A 1 46  ? -10.892 -3.450  10.197  1.00 9.58  ? 46  ILE A CG2 1 
ATOM   388  C  CD1 . ILE A 1 46  ? -10.048 -6.067  8.865   1.00 9.84  ? 46  ILE A CD1 1 
ATOM   389  N  N   . GLY A 1 47  ? -8.338  -1.586  9.385   1.00 6.53  ? 47  GLY A N   1 
ATOM   390  C  CA  . GLY A 1 47  ? -8.178  -0.158  9.577   1.00 7.26  ? 47  GLY A CA  1 
ATOM   391  C  C   . GLY A 1 47  ? -6.779  0.380   9.327   1.00 5.87  ? 47  GLY A C   1 
ATOM   392  O  O   . GLY A 1 47  ? -6.596  1.592   9.224   1.00 6.66  ? 47  GLY A O   1 
ATOM   393  N  N   . ASP A 1 48  ? -5.782  -0.498  9.244   1.00 6.20  ? 48  ASP A N   1 
ATOM   394  C  CA  . ASP A 1 48  ? -4.415  -0.043  8.981   1.00 5.94  ? 48  ASP A CA  1 
ATOM   395  C  C   . ASP A 1 48  ? -4.413  0.705   7.658   1.00 5.73  ? 48  ASP A C   1 
ATOM   396  O  O   . ASP A 1 48  ? -4.981  0.234   6.672   1.00 5.46  ? 48  ASP A O   1 
ATOM   397  C  CB  . ASP A 1 48  ? -3.442  -1.219  8.886   1.00 5.43  ? 48  ASP A CB  1 
ATOM   398  C  CG  . ASP A 1 48  ? -2.940  -1.688  10.242  1.00 6.05  ? 48  ASP A CG  1 
ATOM   399  O  OD1 . ASP A 1 48  ? -3.374  -1.156  11.285  1.00 7.02  ? 48  ASP A OD1 1 
ATOM   400  O  OD2 . ASP A 1 48  ? -2.092  -2.601  10.269  1.00 5.84  ? 48  ASP A OD2 1 
ATOM   401  N  N   . LYS A 1 49  ? -3.763  1.864   7.646   1.00 4.63  ? 49  LYS A N   1 
ATOM   402  C  CA  . LYS A 1 49  ? -3.691  2.701   6.461   1.00 5.38  ? 49  LYS A CA  1 
ATOM   403  C  C   . LYS A 1 49  ? -2.400  2.470   5.694   1.00 4.62  ? 49  LYS A C   1 
ATOM   404  O  O   . LYS A 1 49  ? -1.382  2.066   6.260   1.00 4.48  ? 49  LYS A O   1 
ATOM   405  C  CB  . LYS A 1 49  ? -3.801  4.170   6.865   1.00 5.72  ? 49  LYS A CB  1 
ATOM   406  C  CG  . LYS A 1 49  ? -5.049  4.497   7.671   1.00 6.37  ? 49  LYS A CG  1 
ATOM   407  C  CD  . LYS A 1 49  ? -6.317  4.226   6.877   1.00 7.65  ? 49  LYS A CD  1 
ATOM   408  C  CE  . LYS A 1 49  ? -7.572  4.701   7.610   1.00 6.03  ? 49  LYS A CE  1 
ATOM   409  N  NZ  . LYS A 1 49  ? -7.783  4.033   8.921   1.00 8.32  ? 49  LYS A NZ  1 
ATOM   410  N  N   . GLY A 1 50  ? -2.452  2.719   4.392   1.00 5.62  ? 50  GLY A N   1 
ATOM   411  C  CA  . GLY A 1 50  ? -1.278  2.531   3.569   1.00 5.70  ? 50  GLY A CA  1 
ATOM   412  C  C   . GLY A 1 50  ? -1.357  3.290   2.262   1.00 4.25  ? 50  GLY A C   1 
ATOM   413  O  O   . GLY A 1 50  ? -2.397  3.863   1.906   1.00 7.31  ? 50  GLY A O   1 
ATOM   414  N  N   . PHE A 1 51  ? -0.241  3.293   1.546   1.00 3.98  ? 51  PHE A N   1 
ATOM   415  C  CA  . PHE A 1 51  ? -0.155  3.981   0.267   1.00 3.58  ? 51  PHE A CA  1 
ATOM   416  C  C   . PHE A 1 51  ? -0.421  3.051   -0.897  1.00 2.69  ? 51  PHE A C   1 
ATOM   417  O  O   . PHE A 1 51  ? -0.011  1.890   -0.888  1.00 4.11  ? 51  PHE A O   1 
ATOM   418  C  CB  . PHE A 1 51  ? 1.233   4.592   0.066   1.00 4.01  ? 51  PHE A CB  1 
ATOM   419  C  CG  . PHE A 1 51  ? 1.563   5.698   1.023   1.00 3.03  ? 51  PHE A CG  1 
ATOM   420  C  CD1 . PHE A 1 51  ? 0.656   6.725   1.264   1.00 4.40  ? 51  PHE A CD1 1 
ATOM   421  C  CD2 . PHE A 1 51  ? 2.801   5.738   1.650   1.00 3.71  ? 51  PHE A CD2 1 
ATOM   422  C  CE1 . PHE A 1 51  ? 0.980   7.780   2.114   1.00 4.04  ? 51  PHE A CE1 1 
ATOM   423  C  CE2 . PHE A 1 51  ? 3.134   6.787   2.498   1.00 3.94  ? 51  PHE A CE2 1 
ATOM   424  C  CZ  . PHE A 1 51  ? 2.221   7.812   2.732   1.00 4.48  ? 51  PHE A CZ  1 
ATOM   425  N  N   . PHE A 1 52  ? -1.135  3.567   -1.890  1.00 4.37  ? 52  PHE A N   1 
ATOM   426  C  CA  . PHE A 1 52  ? -1.400  2.824   -3.111  1.00 4.36  ? 52  PHE A CA  1 
ATOM   427  C  C   . PHE A 1 52  ? -0.389  3.480   -4.058  1.00 3.99  ? 52  PHE A C   1 
ATOM   428  O  O   . PHE A 1 52  ? -0.484  4.673   -4.362  1.00 4.95  ? 52  PHE A O   1 
ATOM   429  C  CB  . PHE A 1 52  ? -2.842  3.043   -3.576  1.00 4.54  ? 52  PHE A CB  1 
ATOM   430  C  CG  . PHE A 1 52  ? -3.275  2.136   -4.704  1.00 3.85  ? 52  PHE A CG  1 
ATOM   431  C  CD1 . PHE A 1 52  ? -2.945  2.430   -6.026  1.00 5.47  ? 52  PHE A CD1 1 
ATOM   432  C  CD2 . PHE A 1 52  ? -4.033  0.995   -4.445  1.00 4.15  ? 52  PHE A CD2 1 
ATOM   433  C  CE1 . PHE A 1 52  ? -3.375  1.606   -7.074  1.00 5.71  ? 52  PHE A CE1 1 
ATOM   434  C  CE2 . PHE A 1 52  ? -4.467  0.162   -5.488  1.00 6.20  ? 52  PHE A CE2 1 
ATOM   435  C  CZ  . PHE A 1 52  ? -4.137  0.467   -6.800  1.00 5.22  ? 52  PHE A CZ  1 
ATOM   436  N  N   . TYR A 1 53  ? 0.588   2.691   -4.490  1.00 3.76  ? 53  TYR A N   1 
ATOM   437  C  CA  . TYR A 1 53  ? 1.670   3.162   -5.342  1.00 4.44  ? 53  TYR A CA  1 
ATOM   438  C  C   . TYR A 1 53  ? 1.650   2.505   -6.703  1.00 4.49  ? 53  TYR A C   1 
ATOM   439  O  O   . TYR A 1 53  ? 1.621   1.277   -6.801  1.00 4.66  ? 53  TYR A O   1 
ATOM   440  C  CB  . TYR A 1 53  ? 3.007   2.877   -4.646  1.00 4.56  ? 53  TYR A CB  1 
ATOM   441  C  CG  . TYR A 1 53  ? 4.241   3.182   -5.462  1.00 5.39  ? 53  TYR A CG  1 
ATOM   442  C  CD1 . TYR A 1 53  ? 4.861   2.196   -6.231  1.00 5.93  ? 53  TYR A CD1 1 
ATOM   443  C  CD2 . TYR A 1 53  ? 4.802   4.456   -5.452  1.00 5.24  ? 53  TYR A CD2 1 
ATOM   444  C  CE1 . TYR A 1 53  ? 6.014   2.474   -6.971  1.00 5.96  ? 53  TYR A CE1 1 
ATOM   445  C  CE2 . TYR A 1 53  ? 5.950   4.742   -6.186  1.00 6.94  ? 53  TYR A CE2 1 
ATOM   446  C  CZ  . TYR A 1 53  ? 6.548   3.749   -6.941  1.00 5.52  ? 53  TYR A CZ  1 
ATOM   447  O  OH  . TYR A 1 53  ? 7.678   4.050   -7.664  1.00 7.59  ? 53  TYR A OH  1 
ATOM   448  N  N   . HIS A 1 54  ? 1.649   3.321   -7.752  1.00 4.41  ? 54  HIS A N   1 
ATOM   449  C  CA  . HIS A 1 54  ? 1.661   2.790   -9.108  1.00 4.97  ? 54  HIS A CA  1 
ATOM   450  C  C   . HIS A 1 54  ? 3.088   2.395   -9.469  1.00 5.28  ? 54  HIS A C   1 
ATOM   451  O  O   . HIS A 1 54  ? 3.986   3.237   -9.532  1.00 5.38  ? 54  HIS A O   1 
ATOM   452  C  CB  . HIS A 1 54  ? 1.128   3.826   -10.099 1.00 5.72  ? 54  HIS A CB  1 
ATOM   453  C  CG  . HIS A 1 54  ? -0.366  3.869   -10.182 1.00 5.71  ? 54  HIS A CG  1 
ATOM   454  N  ND1 . HIS A 1 54  ? -1.046  4.893   -10.805 1.00 7.77  ? 54  HIS A ND1 1 
ATOM   455  C  CD2 . HIS A 1 54  ? -1.312  3.003   -9.746  1.00 6.68  ? 54  HIS A CD2 1 
ATOM   456  C  CE1 . HIS A 1 54  ? -2.344  4.657   -10.749 1.00 8.15  ? 54  HIS A CE1 1 
ATOM   457  N  NE2 . HIS A 1 54  ? -2.532  3.515   -10.112 1.00 8.04  ? 54  HIS A NE2 1 
ATOM   458  N  N   . SER A 1 55  ? 3.288   1.102   -9.693  1.00 6.26  ? 55  SER A N   1 
ATOM   459  C  CA  . SER A 1 55  ? 4.599   0.567   -10.030 1.00 5.72  ? 55  SER A CA  1 
ATOM   460  C  C   . SER A 1 55  ? 4.677   0.210   -11.510 1.00 5.59  ? 55  SER A C   1 
ATOM   461  O  O   . SER A 1 55  ? 3.652   0.026   -12.171 1.00 5.80  ? 55  SER A O   1 
ATOM   462  C  CB  . SER A 1 55  ? 4.897   -0.662  -9.171  1.00 6.84  ? 55  SER A CB  1 
ATOM   463  O  OG  . SER A 1 55  ? 3.885   -1.633  -9.336  1.00 8.64  ? 55  SER A OG  1 
ATOM   464  N  N   . ASN A 1 56  ? 5.909   0.097   -12.002 1.00 6.29  ? 56  ASN A N   1 
ATOM   465  C  CA  . ASN A 1 56  ? 6.213   -0.193  -13.407 1.00 8.36  ? 56  ASN A CA  1 
ATOM   466  C  C   . ASN A 1 56  ? 5.960   1.101   -14.183 1.00 7.55  ? 56  ASN A C   1 
ATOM   467  O  O   . ASN A 1 56  ? 6.875   1.660   -14.786 1.00 9.80  ? 56  ASN A O   1 
ATOM   468  C  CB  . ASN A 1 56  ? 5.335   -1.321  -13.958 1.00 11.03 ? 56  ASN A CB  1 
ATOM   469  C  CG  . ASN A 1 56  ? 5.838   -1.845  -15.297 1.00 13.13 ? 56  ASN A CG  1 
ATOM   470  O  OD1 . ASN A 1 56  ? 5.109   -2.514  -16.033 1.00 16.77 ? 56  ASN A OD1 1 
ATOM   471  N  ND2 . ASN A 1 56  ? 7.094   -1.549  -15.611 1.00 12.77 ? 56  ASN A ND2 1 
ATOM   472  N  N   . GLU A 1 57  ? 4.715   1.568   -14.170 1.00 7.28  ? 57  GLU A N   1 
ATOM   473  C  CA  . GLU A 1 57  ? 4.350   2.822   -14.820 1.00 6.48  ? 57  GLU A CA  1 
ATOM   474  C  C   . GLU A 1 57  ? 3.819   3.758   -13.740 1.00 6.72  ? 57  GLU A C   1 
ATOM   475  O  O   . GLU A 1 57  ? 3.380   3.301   -12.680 1.00 6.87  ? 57  GLU A O   1 
ATOM   476  C  CB  . GLU A 1 57  ? 3.274   2.589   -15.876 1.00 6.25  ? 57  GLU A CB  1 
ATOM   477  C  CG  . GLU A 1 57  ? 3.752   1.817   -17.084 1.00 7.20  ? 57  GLU A CG  1 
ATOM   478  C  CD  . GLU A 1 57  ? 2.660   1.647   -18.118 1.00 9.37  ? 57  GLU A CD  1 
ATOM   479  O  OE1 . GLU A 1 57  ? 1.686   0.911   -17.853 1.00 10.65 ? 57  GLU A OE1 1 
ATOM   480  O  OE2 . GLU A 1 57  ? 2.768   2.262   -19.197 1.00 8.74  ? 57  GLU A OE2 1 
ATOM   481  N  N   . GLY A 1 58  ? 3.862   5.061   -14.008 1.00 6.08  ? 58  GLY A N   1 
ATOM   482  C  CA  . GLY A 1 58  ? 3.379   6.038   -13.044 1.00 5.95  ? 58  GLY A CA  1 
ATOM   483  C  C   . GLY A 1 58  ? 4.456   6.368   -12.033 1.00 5.77  ? 58  GLY A C   1 
ATOM   484  O  O   . GLY A 1 58  ? 4.929   7.504   -11.963 1.00 6.68  ? 58  GLY A O   1 
ATOM   485  N  N   . LEU A 1 59  ? 4.846   5.363   -11.256 1.00 6.82  ? 59  LEU A N   1 
ATOM   486  C  CA  . LEU A 1 59  ? 5.889   5.494   -10.246 1.00 6.75  ? 59  LEU A CA  1 
ATOM   487  C  C   . LEU A 1 59  ? 5.595   6.597   -9.238  1.00 6.87  ? 59  LEU A C   1 
ATOM   488  O  O   . LEU A 1 59  ? 6.447   7.432   -8.942  1.00 7.65  ? 59  LEU A O   1 
ATOM   489  C  CB  . LEU A 1 59  ? 7.242   5.729   -10.927 1.00 7.70  ? 59  LEU A CB  1 
ATOM   490  C  CG  . LEU A 1 59  ? 7.569   4.702   -12.018 1.00 7.87  ? 59  LEU A CG  1 
ATOM   491  C  CD1 . LEU A 1 59  ? 8.920   5.023   -12.635 1.00 8.90  ? 59  LEU A CD1 1 
ATOM   492  C  CD2 . LEU A 1 59  ? 7.569   3.295   -11.436 1.00 10.68 ? 59  LEU A CD2 1 
ATOM   493  N  N   . ASP A 1 60  ? 4.379   6.592   -8.707  1.00 6.29  ? 60  ASP A N   1 
ATOM   494  C  CA  . ASP A 1 60  ? 3.996   7.585   -7.721  1.00 7.48  ? 60  ASP A CA  1 
ATOM   495  C  C   . ASP A 1 60  ? 2.927   7.094   -6.756  1.00 5.93  ? 60  ASP A C   1 
ATOM   496  O  O   . ASP A 1 60  ? 2.182   6.152   -7.042  1.00 6.23  ? 60  ASP A O   1 
ATOM   497  C  CB  . ASP A 1 60  ? 3.531   8.882   -8.403  1.00 8.73  ? 60  ASP A CB  1 
ATOM   498  C  CG  . ASP A 1 60  ? 2.478   8.658   -9.484  1.00 10.97 ? 60  ASP A CG  1 
ATOM   499  O  OD1 . ASP A 1 60  ? 1.997   9.672   -10.035 1.00 13.27 ? 60  ASP A OD1 1 
ATOM   500  O  OD2 . ASP A 1 60  ? 2.126   7.501   -9.793  1.00 10.26 ? 60  ASP A OD2 1 
ATOM   501  N  N   . VAL A 1 61  ? 2.891   7.729   -5.589  1.00 5.98  ? 61  VAL A N   1 
ATOM   502  C  CA  . VAL A 1 61  ? 1.902   7.419   -4.566  1.00 5.05  ? 61  VAL A CA  1 
ATOM   503  C  C   . VAL A 1 61  ? 0.675   8.231   -4.962  1.00 5.12  ? 61  VAL A C   1 
ATOM   504  O  O   . VAL A 1 61  ? 0.700   9.464   -4.924  1.00 5.27  ? 61  VAL A O   1 
ATOM   505  C  CB  . VAL A 1 61  ? 2.387   7.849   -3.166  1.00 5.87  ? 61  VAL A CB  1 
ATOM   506  C  CG1 . VAL A 1 61  ? 1.284   7.622   -2.138  1.00 5.78  ? 61  VAL A CG1 1 
ATOM   507  C  CG2 . VAL A 1 61  ? 3.631   7.057   -2.785  1.00 7.58  ? 61  VAL A CG2 1 
ATOM   508  N  N   . VAL A 1 62  ? -0.400  7.538   -5.325  1.00 5.07  ? 62  VAL A N   1 
ATOM   509  C  CA  . VAL A 1 62  ? -1.607  8.200   -5.793  1.00 5.42  ? 62  VAL A CA  1 
ATOM   510  C  C   . VAL A 1 62  ? -2.800  8.187   -4.856  1.00 5.97  ? 62  VAL A C   1 
ATOM   511  O  O   . VAL A 1 62  ? -3.769  8.904   -5.085  1.00 6.15  ? 62  VAL A O   1 
ATOM   512  C  CB  . VAL A 1 62  ? -2.047  7.602   -7.141  1.00 5.71  ? 62  VAL A CB  1 
ATOM   513  C  CG1 . VAL A 1 62  ? -0.994  7.889   -8.188  1.00 6.75  ? 62  VAL A CG1 1 
ATOM   514  C  CG2 . VAL A 1 62  ? -2.251  6.095   -7.003  1.00 7.39  ? 62  VAL A CG2 1 
ATOM   515  N  N   . GLY A 1 63  ? -2.743  7.382   -3.804  1.00 5.32  ? 63  GLY A N   1 
ATOM   516  C  CA  . GLY A 1 63  ? -3.865  7.340   -2.889  1.00 6.72  ? 63  GLY A CA  1 
ATOM   517  C  C   . GLY A 1 63  ? -3.571  6.624   -1.594  1.00 4.67  ? 63  GLY A C   1 
ATOM   518  O  O   . GLY A 1 63  ? -2.498  6.045   -1.411  1.00 4.83  ? 63  GLY A O   1 
ATOM   519  N  N   . ILE A 1 64  ? -4.534  6.693   -0.685  1.00 5.05  ? 64  ILE A N   1 
ATOM   520  C  CA  . ILE A 1 64  ? -4.430  6.031   0.603   1.00 5.81  ? 64  ILE A CA  1 
ATOM   521  C  C   . ILE A 1 64  ? -5.534  4.984   0.684   1.00 4.02  ? 64  ILE A C   1 
ATOM   522  O  O   . ILE A 1 64  ? -6.676  5.227   0.273   1.00 5.15  ? 64  ILE A O   1 
ATOM   523  C  CB  . ILE A 1 64  ? -4.587  7.036   1.758   1.00 8.07  ? 64  ILE A CB  1 
ATOM   524  C  CG1 . ILE A 1 64  ? -3.403  8.008   1.745   1.00 11.55 ? 64  ILE A CG1 1 
ATOM   525  C  CG2 . ILE A 1 64  ? -4.674  6.298   3.092   1.00 7.95  ? 64  ILE A CG2 1 
ATOM   526  C  CD1 . ILE A 1 64  ? -3.429  9.053   2.855   1.00 11.91 ? 64  ILE A CD1 1 
ATOM   527  N  N   . VAL A 1 65  ? -5.175  3.813   1.198   1.00 4.46  ? 65  VAL A N   1 
ATOM   528  C  CA  . VAL A 1 65  ? -6.115  2.717   1.355   1.00 4.88  ? 65  VAL A CA  1 
ATOM   529  C  C   . VAL A 1 65  ? -6.119  2.251   2.800   1.00 5.16  ? 65  VAL A C   1 
ATOM   530  O  O   . VAL A 1 65  ? -5.320  2.699   3.619   1.00 5.55  ? 65  VAL A O   1 
ATOM   531  C  CB  . VAL A 1 65  ? -5.734  1.502   0.478   1.00 5.05  ? 65  VAL A CB  1 
ATOM   532  C  CG1 . VAL A 1 65  ? -5.857  1.859   -0.993  1.00 6.43  ? 65  VAL A CG1 1 
ATOM   533  C  CG2 . VAL A 1 65  ? -4.319  1.046   0.805   1.00 7.80  ? 65  VAL A CG2 1 
ATOM   534  N  N   . GLU A 1 66  ? -7.045  1.351   3.103   1.00 4.91  ? 66  GLU A N   1 
ATOM   535  C  CA  . GLU A 1 66  ? -7.143  0.770   4.430   1.00 5.65  ? 66  GLU A CA  1 
ATOM   536  C  C   . GLU A 1 66  ? -7.472  -0.707  4.286   1.00 5.01  ? 66  GLU A C   1 
ATOM   537  O  O   . GLU A 1 66  ? -8.085  -1.134  3.306   1.00 5.27  ? 66  GLU A O   1 
ATOM   538  C  CB  . GLU A 1 66  ? -8.229  1.464   5.256   1.00 7.56  ? 66  GLU A CB  1 
ATOM   539  C  CG  . GLU A 1 66  ? -9.647  1.242   4.752   1.00 8.71  ? 66  GLU A CG  1 
ATOM   540  C  CD  . GLU A 1 66  ? -10.678 2.020   5.554   1.00 11.44 ? 66  GLU A CD  1 
ATOM   541  O  OE1 . GLU A 1 66  ? -11.875 1.953   5.208   1.00 12.17 ? 66  GLU A OE1 1 
ATOM   542  O  OE2 . GLU A 1 66  ? -10.288 2.699   6.526   1.00 15.45 ? 66  GLU A OE2 1 
ATOM   543  N  N   . VAL A 1 67  ? -7.046  -1.485  5.269   1.00 5.27  ? 67  VAL A N   1 
ATOM   544  C  CA  . VAL A 1 67  ? -7.301  -2.913  5.271   1.00 5.11  ? 67  VAL A CA  1 
ATOM   545  C  C   . VAL A 1 67  ? -8.752  -3.142  5.692   1.00 5.03  ? 67  VAL A C   1 
ATOM   546  O  O   . VAL A 1 67  ? -9.188  -2.615  6.716   1.00 5.43  ? 67  VAL A O   1 
ATOM   547  C  CB  . VAL A 1 67  ? -6.351  -3.625  6.259   1.00 6.38  ? 67  VAL A CB  1 
ATOM   548  C  CG1 . VAL A 1 67  ? -6.728  -5.084  6.387   1.00 7.63  ? 67  VAL A CG1 1 
ATOM   549  C  CG2 . VAL A 1 67  ? -4.903  -3.487  5.786   1.00 6.62  ? 67  VAL A CG2 1 
ATOM   550  N  N   . CYS A 1 68  ? -9.504  -3.903  4.901   1.00 6.05  ? 68  CYS A N   1 
ATOM   551  C  CA  . CYS A 1 68  ? -10.895 -4.172  5.250   1.00 5.75  ? 68  CYS A CA  1 
ATOM   552  C  C   . CYS A 1 68  ? -11.184 -5.656  5.482   1.00 6.53  ? 68  CYS A C   1 
ATOM   553  O  O   . CYS A 1 68  ? -12.324 -6.047  5.745   1.00 7.80  ? 68  CYS A O   1 
ATOM   554  C  CB  . CYS A 1 68  ? -11.846 -3.598  4.196   1.00 7.34  ? 68  CYS A CB  1 
ATOM   555  S  SG  . CYS A 1 68  ? -11.523 -4.055  2.487   1.00 7.60  ? 68  CYS A SG  1 
ATOM   556  N  N   . ALA A 1 69  ? -10.145 -6.479  5.379   1.00 6.45  ? 69  ALA A N   1 
ATOM   557  C  CA  . ALA A 1 69  ? -10.252 -7.913  5.635   1.00 6.39  ? 69  ALA A CA  1 
ATOM   558  C  C   . ALA A 1 69  ? -8.874  -8.426  6.020   1.00 5.54  ? 69  ALA A C   1 
ATOM   559  O  O   . ALA A 1 69  ? -7.883  -8.146  5.342   1.00 6.53  ? 69  ALA A O   1 
ATOM   560  C  CB  . ALA A 1 69  ? -10.773 -8.657  4.405   1.00 7.91  ? 69  ALA A CB  1 
ATOM   561  N  N   . LEU A 1 70  ? -8.814  -9.160  7.126   1.00 5.87  ? 70  LEU A N   1 
ATOM   562  C  CA  . LEU A 1 70  ? -7.563  -9.725  7.614   1.00 5.70  ? 70  LEU A CA  1 
ATOM   563  C  C   . LEU A 1 70  ? -7.083  -10.836 6.689   1.00 5.70  ? 70  LEU A C   1 
ATOM   564  O  O   . LEU A 1 70  ? -7.854  -11.366 5.892   1.00 5.86  ? 70  LEU A O   1 
ATOM   565  C  CB  . LEU A 1 70  ? -7.755  -10.280 9.027   1.00 6.08  ? 70  LEU A CB  1 
ATOM   566  C  CG  . LEU A 1 70  ? -8.077  -9.266  10.128  1.00 5.77  ? 70  LEU A CG  1 
ATOM   567  C  CD1 . LEU A 1 70  ? -8.375  -10.002 11.428  1.00 8.18  ? 70  LEU A CD1 1 
ATOM   568  C  CD2 . LEU A 1 70  ? -6.906  -8.311  10.307  1.00 8.54  ? 70  LEU A CD2 1 
ATOM   569  N  N   . SER A 1 71  ? -5.808  -11.188 6.805   1.00 6.35  ? 71  SER A N   1 
ATOM   570  C  CA  . SER A 1 71  ? -5.220  -12.233 5.977   1.00 6.26  ? 71  SER A CA  1 
ATOM   571  C  C   . SER A 1 71  ? -6.067  -13.491 5.906   1.00 6.24  ? 71  SER A C   1 
ATOM   572  O  O   . SER A 1 71  ? -6.475  -14.036 6.932   1.00 7.29  ? 71  SER A O   1 
ATOM   573  C  CB  . SER A 1 71  ? -3.833  -12.606 6.503   1.00 6.66  ? 71  SER A CB  1 
ATOM   574  O  OG  . SER A 1 71  ? -2.904  -11.565 6.281   1.00 8.48  ? 71  SER A OG  1 
ATOM   575  N  N   . HIS A 1 72  ? -6.310  -13.954 4.684   1.00 6.04  ? 72  HIS A N   1 
ATOM   576  C  CA  . HIS A 1 72  ? -7.093  -15.158 4.452   1.00 5.80  ? 72  HIS A CA  1 
ATOM   577  C  C   . HIS A 1 72  ? -6.533  -15.818 3.191   1.00 6.40  ? 72  HIS A C   1 
ATOM   578  O  O   . HIS A 1 72  ? -5.816  -15.179 2.420   1.00 6.93  ? 72  HIS A O   1 
ATOM   579  C  CB  . HIS A 1 72  ? -8.565  -14.798 4.241   1.00 6.42  ? 72  HIS A CB  1 
ATOM   580  C  CG  . HIS A 1 72  ? -8.803  -13.950 3.031   1.00 7.19  ? 72  HIS A CG  1 
ATOM   581  N  ND1 . HIS A 1 72  ? -8.885  -12.573 3.081   1.00 9.29  ? 72  HIS A ND1 1 
ATOM   582  C  CD2 . HIS A 1 72  ? -8.921  -14.283 1.725   1.00 7.72  ? 72  HIS A CD2 1 
ATOM   583  C  CE1 . HIS A 1 72  ? -9.042  -12.100 1.860   1.00 7.74  ? 72  HIS A CE1 1 
ATOM   584  N  NE2 . HIS A 1 72  ? -9.066  -13.118 1.016   1.00 11.59 ? 72  HIS A NE2 1 
ATOM   585  N  N   . PRO A 1 73  ? -6.851  -17.102 2.965   1.00 6.43  ? 73  PRO A N   1 
ATOM   586  C  CA  . PRO A 1 73  ? -6.334  -17.768 1.768   1.00 7.67  ? 73  PRO A CA  1 
ATOM   587  C  C   . PRO A 1 73  ? -6.575  -16.965 0.489   1.00 7.19  ? 73  PRO A C   1 
ATOM   588  O  O   . PRO A 1 73  ? -7.661  -16.433 0.270   1.00 6.73  ? 73  PRO A O   1 
ATOM   589  C  CB  . PRO A 1 73  ? -7.082  -19.099 1.770   1.00 8.52  ? 73  PRO A CB  1 
ATOM   590  C  CG  . PRO A 1 73  ? -7.206  -19.394 3.225   1.00 9.74  ? 73  PRO A CG  1 
ATOM   591  C  CD  . PRO A 1 73  ? -7.604  -18.047 3.809   1.00 7.05  ? 73  PRO A CD  1 
ATOM   592  N  N   . ASP A 1 74  ? -5.547  -16.872 -0.348  1.00 7.26  ? 74  ASP A N   1 
ATOM   593  C  CA  . ASP A 1 74  ? -5.625  -16.152 -1.619  1.00 7.43  ? 74  ASP A CA  1 
ATOM   594  C  C   . ASP A 1 74  ? -6.499  -16.976 -2.570  1.00 8.76  ? 74  ASP A C   1 
ATOM   595  O  O   . ASP A 1 74  ? -6.131  -18.088 -2.942  1.00 8.43  ? 74  ASP A O   1 
ATOM   596  C  CB  . ASP A 1 74  ? -4.212  -16.004 -2.197  1.00 7.65  ? 74  ASP A CB  1 
ATOM   597  C  CG  . ASP A 1 74  ? -4.171  -15.188 -3.479  1.00 6.72  ? 74  ASP A CG  1 
ATOM   598  O  OD1 . ASP A 1 74  ? -5.191  -15.134 -4.195  1.00 7.85  ? 74  ASP A OD1 1 
ATOM   599  O  OD2 . ASP A 1 74  ? -3.099  -14.616 -3.778  1.00 7.70  ? 74  ASP A OD2 1 
ATOM   600  N  N   . SER A 1 75  ? -7.640  -16.425 -2.976  1.00 8.60  ? 75  SER A N   1 
ATOM   601  C  CA  . SER A 1 75  ? -8.568  -17.132 -3.858  1.00 9.48  ? 75  SER A CA  1 
ATOM   602  C  C   . SER A 1 75  ? -7.961  -17.566 -5.187  1.00 10.31 ? 75  SER A C   1 
ATOM   603  O  O   . SER A 1 75  ? -8.537  -18.396 -5.890  1.00 12.55 ? 75  SER A O   1 
ATOM   604  C  CB  . SER A 1 75  ? -9.793  -16.261 -4.135  1.00 10.15 ? 75  SER A CB  1 
ATOM   605  O  OG  . SER A 1 75  ? -9.451  -15.163 -4.963  1.00 11.27 ? 75  SER A OG  1 
ATOM   606  N  N   . THR A 1 76  ? -6.810  -17.004 -5.538  1.00 10.57 ? 76  THR A N   1 
ATOM   607  C  CA  . THR A 1 76  ? -6.156  -17.351 -6.795  1.00 11.30 ? 76  THR A CA  1 
ATOM   608  C  C   . THR A 1 76  ? -5.036  -18.369 -6.598  1.00 12.30 ? 76  THR A C   1 
ATOM   609  O  O   . THR A 1 76  ? -4.380  -18.765 -7.559  1.00 14.04 ? 76  THR A O   1 
ATOM   610  C  CB  . THR A 1 76  ? -5.553  -16.104 -7.482  1.00 11.50 ? 76  THR A CB  1 
ATOM   611  O  OG1 . THR A 1 76  ? -4.458  -15.604 -6.703  1.00 12.08 ? 76  THR A OG1 1 
ATOM   612  C  CG2 . THR A 1 76  ? -6.607  -15.013 -7.632  1.00 11.60 ? 76  THR A CG2 1 
ATOM   613  N  N   . ALA A 1 77  ? -4.824  -18.791 -5.355  1.00 12.97 ? 77  ALA A N   1 
ATOM   614  C  CA  . ALA A 1 77  ? -3.774  -19.756 -5.047  1.00 14.96 ? 77  ALA A CA  1 
ATOM   615  C  C   . ALA A 1 77  ? -4.310  -21.181 -5.043  1.00 17.06 ? 77  ALA A C   1 
ATOM   616  O  O   . ALA A 1 77  ? -3.717  -22.074 -4.441  1.00 17.79 ? 77  ALA A O   1 
ATOM   617  C  CB  . ALA A 1 77  ? -3.147  -19.433 -3.698  1.00 14.48 ? 77  ALA A CB  1 
ATOM   618  N  N   . GLU A 1 78  ? -5.430  -21.383 -5.730  1.00 20.03 ? 78  GLU A N   1 
ATOM   619  C  CA  . GLU A 1 78  ? -6.074  -22.689 -5.828  1.00 22.66 ? 78  GLU A CA  1 
ATOM   620  C  C   . GLU A 1 78  ? -6.033  -23.502 -4.535  1.00 23.53 ? 78  GLU A C   1 
ATOM   621  O  O   . GLU A 1 78  ? -5.529  -24.625 -4.500  1.00 24.90 ? 78  GLU A O   1 
ATOM   622  C  CB  . GLU A 1 78  ? -5.474  -23.486 -6.998  1.00 23.78 ? 78  GLU A CB  1 
ATOM   623  C  CG  . GLU A 1 78  ? -3.954  -23.498 -7.082  1.00 26.05 ? 78  GLU A CG  1 
ATOM   624  C  CD  . GLU A 1 78  ? -3.318  -24.522 -6.169  1.00 26.96 ? 78  GLU A CD  1 
ATOM   625  O  OE1 . GLU A 1 78  ? -3.654  -25.719 -6.297  1.00 28.45 ? 78  GLU A OE1 1 
ATOM   626  O  OE2 . GLU A 1 78  ? -2.479  -24.137 -5.327  1.00 28.32 ? 78  GLU A OE2 1 
ATOM   627  N  N   . GLY A 1 79  ? -6.578  -22.916 -3.473  1.00 24.26 ? 79  GLY A N   1 
ATOM   628  C  CA  . GLY A 1 79  ? -6.622  -23.584 -2.186  1.00 25.07 ? 79  GLY A CA  1 
ATOM   629  C  C   . GLY A 1 79  ? -5.277  -23.987 -1.616  1.00 25.43 ? 79  GLY A C   1 
ATOM   630  O  O   . GLY A 1 79  ? -5.188  -24.964 -0.871  1.00 26.79 ? 79  GLY A O   1 
ATOM   631  N  N   . ASP A 1 80  ? -4.228  -23.245 -1.960  1.00 25.53 ? 80  ASP A N   1 
ATOM   632  C  CA  . ASP A 1 80  ? -2.898  -23.553 -1.453  1.00 24.86 ? 80  ASP A CA  1 
ATOM   633  C  C   . ASP A 1 80  ? -2.891  -23.248 0.041   1.00 23.88 ? 80  ASP A C   1 
ATOM   634  O  O   . ASP A 1 80  ? -3.919  -22.865 0.606   1.00 24.99 ? 80  ASP A O   1 
ATOM   635  C  CB  . ASP A 1 80  ? -1.838  -22.717 -2.181  1.00 26.15 ? 80  ASP A CB  1 
ATOM   636  C  CG  . ASP A 1 80  ? -0.441  -23.290 -2.032  1.00 26.46 ? 80  ASP A CG  1 
ATOM   637  O  OD1 . ASP A 1 80  ? 0.505   -22.714 -2.610  1.00 28.06 ? 80  ASP A OD1 1 
ATOM   638  O  OD2 . ASP A 1 80  ? -0.286  -24.318 -1.341  1.00 27.16 ? 80  ASP A OD2 1 
ATOM   639  N  N   . LEU A 1 81  ? -1.741  -23.412 0.687   1.00 22.28 ? 81  LEU A N   1 
ATOM   640  C  CA  . LEU A 1 81  ? -1.660  -23.170 2.121   1.00 19.94 ? 81  LEU A CA  1 
ATOM   641  C  C   . LEU A 1 81  ? -0.738  -22.016 2.501   1.00 18.66 ? 81  LEU A C   1 
ATOM   642  O  O   . LEU A 1 81  ? -0.983  -21.321 3.489   1.00 19.58 ? 81  LEU A O   1 
ATOM   643  C  CB  . LEU A 1 81  ? -1.206  -24.451 2.826   1.00 21.60 ? 81  LEU A CB  1 
ATOM   644  C  CG  . LEU A 1 81  ? -1.738  -24.728 4.234   1.00 22.47 ? 81  LEU A CG  1 
ATOM   645  C  CD1 . LEU A 1 81  ? -1.295  -26.114 4.674   1.00 23.24 ? 81  LEU A CD1 1 
ATOM   646  C  CD2 . LEU A 1 81  ? -1.239  -23.674 5.202   1.00 22.44 ? 81  LEU A CD2 1 
ATOM   647  N  N   . LYS A 1 82  ? 0.314   -21.792 1.727   1.00 16.23 ? 82  LYS A N   1 
ATOM   648  C  CA  . LYS A 1 82  ? 1.230   -20.719 2.074   1.00 15.46 ? 82  LYS A CA  1 
ATOM   649  C  C   . LYS A 1 82  ? 0.942   -19.357 1.455   1.00 12.27 ? 82  LYS A C   1 
ATOM   650  O  O   . LYS A 1 82  ? 1.643   -18.399 1.753   1.00 11.49 ? 82  LYS A O   1 
ATOM   651  C  CB  . LYS A 1 82  ? 2.672   -21.133 1.776   1.00 18.48 ? 82  LYS A CB  1 
ATOM   652  C  CG  . LYS A 1 82  ? 2.911   -21.599 0.362   1.00 20.72 ? 82  LYS A CG  1 
ATOM   653  C  CD  . LYS A 1 82  ? 4.349   -22.029 0.184   1.00 22.39 ? 82  LYS A CD  1 
ATOM   654  C  CE  . LYS A 1 82  ? 4.576   -22.582 -1.204  1.00 21.41 ? 82  LYS A CE  1 
ATOM   655  N  NZ  . LYS A 1 82  ? 5.998   -22.967 -1.427  1.00 20.37 ? 82  LYS A NZ  1 
ATOM   656  N  N   . TRP A 1 83  ? -0.082  -19.251 0.614   1.00 9.83  ? 83  TRP A N   1 
ATOM   657  C  CA  . TRP A 1 83  ? -0.395  -17.956 0.020   1.00 8.56  ? 83  TRP A CA  1 
ATOM   658  C  C   . TRP A 1 83  ? -1.712  -17.382 0.531   1.00 9.09  ? 83  TRP A C   1 
ATOM   659  O  O   . TRP A 1 83  ? -2.791  -17.898 0.235   1.00 9.05  ? 83  TRP A O   1 
ATOM   660  C  CB  . TRP A 1 83  ? -0.429  -18.060 -1.508  1.00 10.54 ? 83  TRP A CB  1 
ATOM   661  C  CG  . TRP A 1 83  ? 0.899   -18.441 -2.112  1.00 9.48  ? 83  TRP A CG  1 
ATOM   662  C  CD1 . TRP A 1 83  ? 1.120   -19.404 -3.057  1.00 10.03 ? 83  TRP A CD1 1 
ATOM   663  C  CD2 . TRP A 1 83  ? 2.182   -17.870 -1.815  1.00 8.98  ? 83  TRP A CD2 1 
ATOM   664  N  NE1 . TRP A 1 83  ? 2.455   -19.471 -3.362  1.00 10.90 ? 83  TRP A NE1 1 
ATOM   665  C  CE2 . TRP A 1 83  ? 3.132   -18.542 -2.616  1.00 10.41 ? 83  TRP A CE2 1 
ATOM   666  C  CE3 . TRP A 1 83  ? 2.624   -16.860 -0.950  1.00 9.96  ? 83  TRP A CE3 1 
ATOM   667  C  CZ2 . TRP A 1 83  ? 4.495   -18.236 -2.580  1.00 9.94  ? 83  TRP A CZ2 1 
ATOM   668  C  CZ3 . TRP A 1 83  ? 3.984   -16.556 -0.915  1.00 10.29 ? 83  TRP A CZ3 1 
ATOM   669  C  CH2 . TRP A 1 83  ? 4.900   -17.245 -1.725  1.00 10.86 ? 83  TRP A CH2 1 
ATOM   670  N  N   . ASP A 1 84  ? -1.609  -16.325 1.331   1.00 8.10  ? 84  ASP A N   1 
ATOM   671  C  CA  . ASP A 1 84  ? -2.784  -15.648 1.855   1.00 7.21  ? 84  ASP A CA  1 
ATOM   672  C  C   . ASP A 1 84  ? -2.618  -14.136 1.684   1.00 6.70  ? 84  ASP A C   1 
ATOM   673  O  O   . ASP A 1 84  ? -1.521  -13.652 1.402   1.00 6.10  ? 84  ASP A O   1 
ATOM   674  C  CB  . ASP A 1 84  ? -3.068  -16.036 3.327   1.00 7.91  ? 84  ASP A CB  1 
ATOM   675  C  CG  . ASP A 1 84  ? -1.815  -16.128 4.187   1.00 8.87  ? 84  ASP A CG  1 
ATOM   676  O  OD1 . ASP A 1 84  ? -1.127  -15.105 4.378   1.00 8.17  ? 84  ASP A OD1 1 
ATOM   677  O  OD2 . ASP A 1 84  ? -1.524  -17.232 4.694   1.00 9.99  ? 84  ASP A OD2 1 
ATOM   678  N  N   . CYS A 1 85  ? -3.709  -13.397 1.844   1.00 5.47  ? 85  CYS A N   1 
ATOM   679  C  CA  . CYS A 1 85  ? -3.671  -11.954 1.654   1.00 5.24  ? 85  CYS A CA  1 
ATOM   680  C  C   . CYS A 1 85  ? -4.827  -11.230 2.330   1.00 4.80  ? 85  CYS A C   1 
ATOM   681  O  O   . CYS A 1 85  ? -5.810  -11.846 2.765   1.00 5.43  ? 85  CYS A O   1 
ATOM   682  C  CB  . CYS A 1 85  ? -3.718  -11.652 0.154   1.00 4.72  ? 85  CYS A CB  1 
ATOM   683  S  SG  . CYS A 1 85  ? -5.181  -12.402 -0.671  1.00 6.88  ? 85  CYS A SG  1 
ATOM   684  N  N   . VAL A 1 86  ? -4.690  -9.910  2.425   1.00 4.36  ? 86  VAL A N   1 
ATOM   685  C  CA  . VAL A 1 86  ? -5.739  -9.075  2.989   1.00 4.83  ? 86  VAL A CA  1 
ATOM   686  C  C   . VAL A 1 86  ? -6.564  -8.523  1.830   1.00 4.63  ? 86  VAL A C   1 
ATOM   687  O  O   . VAL A 1 86  ? -6.290  -8.798  0.659   1.00 4.55  ? 86  VAL A O   1 
ATOM   688  C  CB  . VAL A 1 86  ? -5.165  -7.853  3.772   1.00 4.67  ? 86  VAL A CB  1 
ATOM   689  C  CG1 . VAL A 1 86  ? -4.421  -8.323  5.008   1.00 6.59  ? 86  VAL A CG1 1 
ATOM   690  C  CG2 . VAL A 1 86  ? -4.237  -7.035  2.878   1.00 4.38  ? 86  VAL A CG2 1 
ATOM   691  N  N   . ASP A 1 87  ? -7.598  -7.770  2.185   1.00 4.52  ? 87  ASP A N   1 
ATOM   692  C  CA  . ASP A 1 87  ? -8.441  -7.077  1.220   1.00 5.01  ? 87  ASP A CA  1 
ATOM   693  C  C   . ASP A 1 87  ? -8.218  -5.618  1.603   1.00 4.94  ? 87  ASP A C   1 
ATOM   694  O  O   . ASP A 1 87  ? -8.106  -5.313  2.792   1.00 5.14  ? 87  ASP A O   1 
ATOM   695  C  CB  . ASP A 1 87  ? -9.924  -7.385  1.437   1.00 6.78  ? 87  ASP A CB  1 
ATOM   696  C  CG  . ASP A 1 87  ? -10.336 -8.756  0.936   1.00 7.90  ? 87  ASP A CG  1 
ATOM   697  O  OD1 . ASP A 1 87  ? -9.471  -9.629  0.750   1.00 7.89  ? 87  ASP A OD1 1 
ATOM   698  O  OD2 . ASP A 1 87  ? -11.555 -8.958  0.742   1.00 10.34 ? 87  ASP A OD2 1 
ATOM   699  N  N   . ILE A 1 88  ? -8.146  -4.722  0.623   1.00 4.83  ? 88  ILE A N   1 
ATOM   700  C  CA  . ILE A 1 88  ? -7.969  -3.303  0.915   1.00 4.82  ? 88  ILE A CA  1 
ATOM   701  C  C   . ILE A 1 88  ? -9.015  -2.483  0.171   1.00 4.52  ? 88  ILE A C   1 
ATOM   702  O  O   . ILE A 1 88  ? -9.580  -2.938  -0.823  1.00 4.96  ? 88  ILE A O   1 
ATOM   703  C  CB  . ILE A 1 88  ? -6.557  -2.779  0.508   1.00 4.98  ? 88  ILE A CB  1 
ATOM   704  C  CG1 . ILE A 1 88  ? -6.329  -2.960  -0.995  1.00 6.35  ? 88  ILE A CG1 1 
ATOM   705  C  CG2 . ILE A 1 88  ? -5.481  -3.501  1.306   1.00 6.41  ? 88  ILE A CG2 1 
ATOM   706  C  CD1 . ILE A 1 88  ? -5.039  -2.317  -1.504  1.00 7.27  ? 88  ILE A CD1 1 
ATOM   707  N  N   . ARG A 1 89  ? -9.274  -1.275  0.662   1.00 5.36  ? 89  ARG A N   1 
ATOM   708  C  CA  . ARG A 1 89  ? -10.235 -0.388  0.017   1.00 5.30  ? 89  ARG A CA  1 
ATOM   709  C  C   . ARG A 1 89  ? -9.743  1.050   0.063   1.00 4.50  ? 89  ARG A C   1 
ATOM   710  O  O   . ARG A 1 89  ? -8.956  1.424   0.929   1.00 4.70  ? 89  ARG A O   1 
ATOM   711  C  CB  . ARG A 1 89  ? -11.612 -0.492  0.680   1.00 6.19  ? 89  ARG A CB  1 
ATOM   712  C  CG  . ARG A 1 89  ? -11.664 -0.109  2.139   1.00 6.98  ? 89  ARG A CG  1 
ATOM   713  C  CD  . ARG A 1 89  ? -13.048 -0.417  2.693   1.00 7.34  ? 89  ARG A CD  1 
ATOM   714  N  NE  . ARG A 1 89  ? -13.129 -0.310  4.145   1.00 8.18  ? 89  ARG A NE  1 
ATOM   715  C  CZ  . ARG A 1 89  ? -14.164 -0.737  4.862   1.00 8.22  ? 89  ARG A CZ  1 
ATOM   716  N  NH1 . ARG A 1 89  ? -14.160 -0.605  6.181   1.00 11.69 ? 89  ARG A NH1 1 
ATOM   717  N  NH2 . ARG A 1 89  ? -15.202 -1.303  4.257   1.00 9.08  ? 89  ARG A NH2 1 
ATOM   718  N  N   . ALA A 1 90  ? -10.215 1.855   -0.876  1.00 5.08  ? 90  ALA A N   1 
ATOM   719  C  CA  . ALA A 1 90  ? -9.809  3.247   -0.948  1.00 5.32  ? 90  ALA A CA  1 
ATOM   720  C  C   . ALA A 1 90  ? -10.310 4.070   0.232   1.00 6.60  ? 90  ALA A C   1 
ATOM   721  O  O   . ALA A 1 90  ? -11.403 3.838   0.753   1.00 7.45  ? 90  ALA A O   1 
ATOM   722  C  CB  . ALA A 1 90  ? -10.304 3.856   -2.242  1.00 8.14  ? 90  ALA A CB  1 
ATOM   723  N  N   . VAL A 1 91  ? -9.484  5.019   0.659   1.00 6.38  ? 91  VAL A N   1 
ATOM   724  C  CA  . VAL A 1 91  ? -9.842  5.923   1.741   1.00 7.21  ? 91  VAL A CA  1 
ATOM   725  C  C   . VAL A 1 91  ? -9.950  7.318   1.122   1.00 7.63  ? 91  VAL A C   1 
ATOM   726  O  O   . VAL A 1 91  ? -10.967 7.996   1.270   1.00 8.61  ? 91  VAL A O   1 
ATOM   727  C  CB  . VAL A 1 91  ? -8.784  5.935   2.869   1.00 6.53  ? 91  VAL A CB  1 
ATOM   728  C  CG1 . VAL A 1 91  ? -9.132  7.004   3.894   1.00 8.60  ? 91  VAL A CG1 1 
ATOM   729  C  CG2 . VAL A 1 91  ? -8.736  4.574   3.550   1.00 8.59  ? 91  VAL A CG2 1 
ATOM   730  N  N   . CYS A 1 92  ? -8.904  7.741   0.419   1.00 6.54  ? 92  CYS A N   1 
ATOM   731  C  CA  . CYS A 1 92  ? -8.905  9.048   -0.229  1.00 7.98  ? 92  CYS A CA  1 
ATOM   732  C  C   . CYS A 1 92  ? -7.756  9.160   -1.222  1.00 7.29  ? 92  CYS A C   1 
ATOM   733  O  O   . CYS A 1 92  ? -6.789  8.404   -1.157  1.00 7.01  ? 92  CYS A O   1 
ATOM   734  C  CB  . CYS A 1 92  ? -8.787  10.163  0.814   1.00 8.72  ? 92  CYS A CB  1 
ATOM   735  S  SG  . CYS A 1 92  ? -7.214  10.189  1.717   1.00 10.13 ? 92  CYS A SG  1 
ATOM   736  N  N   . ASP A 1 93  ? -7.868  10.100  -2.152  1.00 8.59  ? 93  ASP A N   1 
ATOM   737  C  CA  . ASP A 1 93  ? -6.814  10.304  -3.132  1.00 9.04  ? 93  ASP A CA  1 
ATOM   738  C  C   . ASP A 1 93  ? -5.700  11.085  -2.460  1.00 8.19  ? 93  ASP A C   1 
ATOM   739  O  O   . ASP A 1 93  ? -5.899  11.691  -1.406  1.00 8.16  ? 93  ASP A O   1 
ATOM   740  C  CB  . ASP A 1 93  ? -7.321  11.136  -4.314  1.00 12.33 ? 93  ASP A CB  1 
ATOM   741  C  CG  . ASP A 1 93  ? -8.573  10.569  -4.938  1.00 16.86 ? 93  ASP A CG  1 
ATOM   742  O  OD1 . ASP A 1 93  ? -8.554  9.390   -5.340  1.00 18.69 ? 93  ASP A OD1 1 
ATOM   743  O  OD2 . ASP A 1 93  ? -9.574  11.308  -5.034  1.00 22.15 ? 93  ASP A OD2 1 
HETATM 744  N  N   . MSE A 1 94  ? -4.517  11.042  -3.053  1.00 8.10  ? 94  MSE A N   1 
HETATM 745  C  CA  . MSE A 1 94  ? -3.412  11.832  -2.544  1.00 7.72  ? 94  MSE A CA  1 
HETATM 746  C  C   . MSE A 1 94  ? -3.599  13.093  -3.385  1.00 8.15  ? 94  MSE A C   1 
HETATM 747  O  O   . MSE A 1 94  ? -3.480  13.040  -4.606  1.00 8.90  ? 94  MSE A O   1 
HETATM 748  C  CB  . MSE A 1 94  ? -2.071  11.176  -2.867  1.00 7.62  ? 94  MSE A CB  1 
HETATM 749  C  CG  . MSE A 1 94  ? -0.869  11.948  -2.333  1.00 9.21  ? 94  MSE A CG  1 
HETATM 750  SE SE  . MSE A 1 94  ? -0.860  12.089  -0.408  1.00 13.83 ? 94  MSE A SE  1 
HETATM 751  C  CE  . MSE A 1 94  ? -0.101  10.362  -0.018  1.00 10.41 ? 94  MSE A CE  1 
ATOM   752  N  N   . PRO A 1 95  ? -3.931  14.231  -2.749  1.00 8.94  ? 95  PRO A N   1 
ATOM   753  C  CA  . PRO A 1 95  ? -4.142  15.501  -3.457  1.00 10.37 ? 95  PRO A CA  1 
ATOM   754  C  C   . PRO A 1 95  ? -3.148  15.749  -4.587  1.00 10.61 ? 95  PRO A C   1 
ATOM   755  O  O   . PRO A 1 95  ? -3.539  16.023  -5.723  1.00 12.71 ? 95  PRO A O   1 
ATOM   756  C  CB  . PRO A 1 95  ? -4.040  16.526  -2.339  1.00 11.19 ? 95  PRO A CB  1 
ATOM   757  C  CG  . PRO A 1 95  ? -4.694  15.803  -1.203  1.00 11.27 ? 95  PRO A CG  1 
ATOM   758  C  CD  . PRO A 1 95  ? -4.081  14.418  -1.294  1.00 10.19 ? 95  PRO A CD  1 
ATOM   759  N  N   . GLN A 1 96  ? -1.862  15.667  -4.264  1.00 9.87  ? 96  GLN A N   1 
ATOM   760  C  CA  . GLN A 1 96  ? -0.806  15.844  -5.251  1.00 9.53  ? 96  GLN A CA  1 
ATOM   761  C  C   . GLN A 1 96  ? 0.054   14.587  -5.198  1.00 9.08  ? 96  GLN A C   1 
ATOM   762  O  O   . GLN A 1 96  ? 0.939   14.466  -4.351  1.00 9.71  ? 96  GLN A O   1 
ATOM   763  C  CB  . GLN A 1 96  ? 0.048   17.079  -4.934  1.00 10.96 ? 96  GLN A CB  1 
ATOM   764  C  CG  . GLN A 1 96  ? -0.673  18.412  -5.093  1.00 12.80 ? 96  GLN A CG  1 
ATOM   765  C  CD  . GLN A 1 96  ? -1.590  18.730  -3.932  1.00 14.04 ? 96  GLN A CD  1 
ATOM   766  O  OE1 . GLN A 1 96  ? -1.154  18.787  -2.782  1.00 16.64 ? 96  GLN A OE1 1 
ATOM   767  N  NE2 . GLN A 1 96  ? -2.867  18.946  -4.227  1.00 17.92 ? 96  GLN A NE2 1 
ATOM   768  N  N   . PRO A 1 97  ? -0.212  13.623  -6.092  1.00 8.72  ? 97  PRO A N   1 
ATOM   769  C  CA  . PRO A 1 97  ? 0.545   12.370  -6.134  1.00 8.67  ? 97  PRO A CA  1 
ATOM   770  C  C   . PRO A 1 97  ? 2.047   12.598  -5.977  1.00 8.80  ? 97  PRO A C   1 
ATOM   771  O  O   . PRO A 1 97  ? 2.623   13.475  -6.620  1.00 9.69  ? 97  PRO A O   1 
ATOM   772  C  CB  . PRO A 1 97  ? 0.157   11.789  -7.489  1.00 8.25  ? 97  PRO A CB  1 
ATOM   773  C  CG  . PRO A 1 97  ? -1.285  12.197  -7.595  1.00 9.16  ? 97  PRO A CG  1 
ATOM   774  C  CD  . PRO A 1 97  ? -1.230  13.655  -7.157  1.00 8.86  ? 97  PRO A CD  1 
ATOM   775  N  N   . VAL A 1 98  ? 2.671   11.799  -5.118  1.00 7.60  ? 98  VAL A N   1 
ATOM   776  C  CA  . VAL A 1 98  ? 4.095   11.919  -4.825  1.00 7.19  ? 98  VAL A CA  1 
ATOM   777  C  C   . VAL A 1 98  ? 4.946   10.976  -5.671  1.00 7.06  ? 98  VAL A C   1 
ATOM   778  O  O   . VAL A 1 98  ? 4.848   9.754   -5.551  1.00 7.52  ? 98  VAL A O   1 
ATOM   779  C  CB  . VAL A 1 98  ? 4.352   11.642  -3.327  1.00 6.36  ? 98  VAL A CB  1 
ATOM   780  C  CG1 . VAL A 1 98  ? 5.808   11.885  -2.991  1.00 8.25  ? 98  VAL A CG1 1 
ATOM   781  C  CG2 . VAL A 1 98  ? 3.443   12.521  -2.476  1.00 8.09  ? 98  VAL A CG2 1 
ATOM   782  N  N   . SER A 1 99  ? 5.791   11.555  -6.517  1.00 6.70  ? 99  SER A N   1 
ATOM   783  C  CA  . SER A 1 99  ? 6.645   10.765  -7.397  1.00 7.75  ? 99  SER A CA  1 
ATOM   784  C  C   . SER A 1 99  ? 7.794   10.089  -6.662  1.00 7.62  ? 99  SER A C   1 
ATOM   785  O  O   . SER A 1 99  ? 8.262   10.565  -5.626  1.00 7.76  ? 99  SER A O   1 
ATOM   786  C  CB  . SER A 1 99  ? 7.224   11.645  -8.505  1.00 8.04  ? 99  SER A CB  1 
ATOM   787  O  OG  . SER A 1 99  ? 8.183   12.544  -7.976  1.00 10.44 ? 99  SER A OG  1 
ATOM   788  N  N   . LEU A 1 100 ? 8.248   8.974   -7.222  1.00 7.62  ? 100 LEU A N   1 
ATOM   789  C  CA  . LEU A 1 100 ? 9.356   8.223   -6.659  1.00 9.14  ? 100 LEU A CA  1 
ATOM   790  C  C   . LEU A 1 100 ? 10.588  9.120   -6.651  1.00 8.79  ? 100 LEU A C   1 
ATOM   791  O  O   . LEU A 1 100 ? 11.411  9.058   -5.734  1.00 9.67  ? 100 LEU A O   1 
ATOM   792  C  CB  . LEU A 1 100 ? 9.631   6.978   -7.504  1.00 10.59 ? 100 LEU A CB  1 
ATOM   793  C  CG  . LEU A 1 100 ? 10.834  6.128   -7.092  1.00 10.78 ? 100 LEU A CG  1 
ATOM   794  C  CD1 . LEU A 1 100 ? 10.596  5.529   -5.716  1.00 10.80 ? 100 LEU A CD1 1 
ATOM   795  C  CD2 . LEU A 1 100 ? 11.057  5.033   -8.123  1.00 11.36 ? 100 LEU A CD2 1 
ATOM   796  N  N   . LYS A 1 101 ? 10.708  9.953   -7.682  1.00 9.76  ? 101 LYS A N   1 
ATOM   797  C  CA  . LYS A 1 101 ? 11.836  10.868  -7.796  1.00 10.30 ? 101 LYS A CA  1 
ATOM   798  C  C   . LYS A 1 101 ? 11.893  11.791  -6.584  1.00 9.17  ? 101 LYS A C   1 
ATOM   799  O  O   . LYS A 1 101 ? 12.954  11.977  -5.986  1.00 9.52  ? 101 LYS A O   1 
ATOM   800  C  CB  . LYS A 1 101 ? 11.715  11.695  -9.076  1.00 11.90 ? 101 LYS A CB  1 
ATOM   801  C  CG  . LYS A 1 101 ? 12.859  12.674  -9.295  1.00 14.52 ? 101 LYS A CG  1 
ATOM   802  C  CD  . LYS A 1 101 ? 12.732  13.363  -10.645 1.00 17.30 ? 101 LYS A CD  1 
ATOM   803  C  CE  . LYS A 1 101 ? 13.864  14.349  -10.878 1.00 18.48 ? 101 LYS A CE  1 
ATOM   804  N  NZ  . LYS A 1 101 ? 13.857  15.452  -9.876  1.00 21.47 ? 101 LYS A NZ  1 
ATOM   805  N  N   . ASP A 1 102 ? 10.753  12.371  -6.221  1.00 9.18  ? 102 ASP A N   1 
ATOM   806  C  CA  . ASP A 1 102 ? 10.715  13.263  -5.073  1.00 9.88  ? 102 ASP A CA  1 
ATOM   807  C  C   . ASP A 1 102 ? 11.006  12.515  -3.776  1.00 8.55  ? 102 ASP A C   1 
ATOM   808  O  O   . ASP A 1 102 ? 11.653  13.053  -2.879  1.00 10.00 ? 102 ASP A O   1 
ATOM   809  C  CB  . ASP A 1 102 ? 9.361   13.976  -4.980  1.00 11.89 ? 102 ASP A CB  1 
ATOM   810  C  CG  . ASP A 1 102 ? 9.179   15.023  -6.066  1.00 13.62 ? 102 ASP A CG  1 
ATOM   811  O  OD1 . ASP A 1 102 ? 10.195  15.478  -6.629  1.00 16.90 ? 102 ASP A OD1 1 
ATOM   812  O  OD2 . ASP A 1 102 ? 8.024   15.400  -6.343  1.00 17.81 ? 102 ASP A OD2 1 
ATOM   813  N  N   . VAL A 1 103 ? 10.536  11.275  -3.674  1.00 7.74  ? 103 VAL A N   1 
ATOM   814  C  CA  . VAL A 1 103 ? 10.782  10.480  -2.476  1.00 7.79  ? 103 VAL A CA  1 
ATOM   815  C  C   . VAL A 1 103 ? 12.282  10.235  -2.311  1.00 7.80  ? 103 VAL A C   1 
ATOM   816  O  O   . VAL A 1 103 ? 12.829  10.390  -1.215  1.00 7.65  ? 103 VAL A O   1 
ATOM   817  C  CB  . VAL A 1 103 ? 10.037  9.121   -2.534  1.00 8.02  ? 103 VAL A CB  1 
ATOM   818  C  CG1 . VAL A 1 103 ? 10.508  8.211   -1.406  1.00 7.72  ? 103 VAL A CG1 1 
ATOM   819  C  CG2 . VAL A 1 103 ? 8.537   9.352   -2.419  1.00 7.61  ? 103 VAL A CG2 1 
ATOM   820  N  N   . LYS A 1 104 ? 12.946  9.865   -3.403  1.00 8.59  ? 104 LYS A N   1 
ATOM   821  C  CA  . LYS A 1 104 ? 14.380  9.598   -3.372  1.00 10.12 ? 104 LYS A CA  1 
ATOM   822  C  C   . LYS A 1 104 ? 15.217  10.836  -3.058  1.00 10.37 ? 104 LYS A C   1 
ATOM   823  O  O   . LYS A 1 104 ? 16.356  10.719  -2.611  1.00 13.11 ? 104 LYS A O   1 
ATOM   824  C  CB  . LYS A 1 104 ? 14.833  8.992   -4.706  1.00 11.76 ? 104 LYS A CB  1 
ATOM   825  C  CG  . LYS A 1 104 ? 14.338  7.573   -4.936  1.00 14.19 ? 104 LYS A CG  1 
ATOM   826  C  CD  . LYS A 1 104 ? 14.921  6.982   -6.207  1.00 16.35 ? 104 LYS A CD  1 
ATOM   827  C  CE  . LYS A 1 104 ? 14.511  5.527   -6.380  1.00 18.61 ? 104 LYS A CE  1 
ATOM   828  N  NZ  . LYS A 1 104 ? 15.144  4.927   -7.586  1.00 21.07 ? 104 LYS A NZ  1 
ATOM   829  N  N   . ALA A 1 105 ? 14.650  12.018  -3.278  1.00 9.30  ? 105 ALA A N   1 
ATOM   830  C  CA  . ALA A 1 105 ? 15.360  13.266  -3.018  1.00 10.12 ? 105 ALA A CA  1 
ATOM   831  C  C   . ALA A 1 105 ? 15.166  13.763  -1.586  1.00 9.79  ? 105 ALA A C   1 
ATOM   832  O  O   . ALA A 1 105 ? 15.839  14.695  -1.154  1.00 10.58 ? 105 ALA A O   1 
ATOM   833  C  CB  . ALA A 1 105 ? 14.903  14.336  -4.003  1.00 10.91 ? 105 ALA A CB  1 
ATOM   834  N  N   . ASN A 1 106 ? 14.250  13.142  -0.848  1.00 9.02  ? 106 ASN A N   1 
ATOM   835  C  CA  . ASN A 1 106 ? 13.973  13.549  0.529   1.00 7.49  ? 106 ASN A CA  1 
ATOM   836  C  C   . ASN A 1 106 ? 14.845  12.779  1.526   1.00 7.83  ? 106 ASN A C   1 
ATOM   837  O  O   . ASN A 1 106 ? 14.671  11.576  1.711   1.00 7.49  ? 106 ASN A O   1 
ATOM   838  C  CB  . ASN A 1 106 ? 12.498  13.309  0.848   1.00 7.65  ? 106 ASN A CB  1 
ATOM   839  C  CG  . ASN A 1 106 ? 12.058  13.999  2.118   1.00 7.83  ? 106 ASN A CG  1 
ATOM   840  O  OD1 . ASN A 1 106 ? 12.828  14.114  3.070   1.00 8.55  ? 106 ASN A OD1 1 
ATOM   841  N  ND2 . ASN A 1 106 ? 10.811  14.450  2.148   1.00 8.38  ? 106 ASN A ND2 1 
ATOM   842  N  N   . PRO A 1 107 ? 15.776  13.470  2.208   1.00 7.77  ? 107 PRO A N   1 
ATOM   843  C  CA  . PRO A 1 107 ? 16.633  12.764  3.167   1.00 7.96  ? 107 PRO A CA  1 
ATOM   844  C  C   . PRO A 1 107 ? 15.901  12.018  4.283   1.00 7.55  ? 107 PRO A C   1 
ATOM   845  O  O   . PRO A 1 107 ? 16.411  11.032  4.808   1.00 9.04  ? 107 PRO A O   1 
ATOM   846  C  CB  . PRO A 1 107 ? 17.537  13.875  3.702   1.00 9.36  ? 107 PRO A CB  1 
ATOM   847  C  CG  . PRO A 1 107 ? 16.670  15.084  3.621   1.00 9.09  ? 107 PRO A CG  1 
ATOM   848  C  CD  . PRO A 1 107 ? 16.011  14.923  2.266   1.00 8.11  ? 107 PRO A CD  1 
ATOM   849  N  N   . LYS A 1 108 ? 14.710  12.482  4.640   1.00 7.03  ? 108 LYS A N   1 
ATOM   850  C  CA  . LYS A 1 108 ? 13.936  11.844  5.701   1.00 7.65  ? 108 LYS A CA  1 
ATOM   851  C  C   . LYS A 1 108 ? 13.365  10.495  5.269   1.00 6.63  ? 108 LYS A C   1 
ATOM   852  O  O   . LYS A 1 108 ? 12.916  9.703   6.101   1.00 8.24  ? 108 LYS A O   1 
ATOM   853  C  CB  . LYS A 1 108 ? 12.799  12.771  6.136   1.00 8.48  ? 108 LYS A CB  1 
ATOM   854  C  CG  . LYS A 1 108 ? 13.285  14.129  6.625   1.00 12.46 ? 108 LYS A CG  1 
ATOM   855  C  CD  . LYS A 1 108 ? 12.147  15.125  6.788   1.00 16.81 ? 108 LYS A CD  1 
ATOM   856  C  CE  . LYS A 1 108 ? 11.190  14.717  7.894   1.00 20.08 ? 108 LYS A CE  1 
ATOM   857  N  NZ  . LYS A 1 108 ? 10.073  15.691  8.024   1.00 22.94 ? 108 LYS A NZ  1 
ATOM   858  N  N   . LEU A 1 109 ? 13.399  10.230  3.968   1.00 7.49  ? 109 LEU A N   1 
ATOM   859  C  CA  . LEU A 1 109 ? 12.855  8.988   3.433   1.00 6.45  ? 109 LEU A CA  1 
ATOM   860  C  C   . LEU A 1 109 ? 13.918  8.020   2.915   1.00 6.76  ? 109 LEU A C   1 
ATOM   861  O  O   . LEU A 1 109 ? 13.590  7.040   2.246   1.00 7.34  ? 109 LEU A O   1 
ATOM   862  C  CB  . LEU A 1 109 ? 11.859  9.314   2.315   1.00 6.67  ? 109 LEU A CB  1 
ATOM   863  C  CG  . LEU A 1 109 ? 10.734  10.295  2.675   1.00 5.34  ? 109 LEU A CG  1 
ATOM   864  C  CD1 . LEU A 1 109 ? 9.851   10.511  1.459   1.00 6.20  ? 109 LEU A CD1 1 
ATOM   865  C  CD2 . LEU A 1 109 ? 9.921   9.765   3.845   1.00 6.70  ? 109 LEU A CD2 1 
ATOM   866  N  N   . GLU A 1 110 ? 15.182  8.279   3.245   1.00 7.35  ? 110 GLU A N   1 
ATOM   867  C  CA  . GLU A 1 110 ? 16.290  7.435   2.790   1.00 8.69  ? 110 GLU A CA  1 
ATOM   868  C  C   . GLU A 1 110 ? 16.222  5.969   3.194   1.00 8.10  ? 110 GLU A C   1 
ATOM   869  O  O   . GLU A 1 110 ? 16.776  5.109   2.507   1.00 9.36  ? 110 GLU A O   1 
ATOM   870  C  CB  . GLU A 1 110 ? 17.626  7.988   3.281   1.00 11.09 ? 110 GLU A CB  1 
ATOM   871  C  CG  . GLU A 1 110 ? 17.988  9.353   2.758   1.00 17.23 ? 110 GLU A CG  1 
ATOM   872  C  CD  . GLU A 1 110 ? 19.473  9.627   2.878   1.00 19.93 ? 110 GLU A CD  1 
ATOM   873  O  OE1 . GLU A 1 110 ? 20.031  9.423   3.979   1.00 21.46 ? 110 GLU A OE1 1 
ATOM   874  O  OE2 . GLU A 1 110 ? 20.079  10.044  1.870   1.00 22.60 ? 110 GLU A OE2 1 
ATOM   875  N  N   . LYS A 1 111 ? 15.575  5.682   4.318   1.00 8.07  ? 111 LYS A N   1 
ATOM   876  C  CA  . LYS A 1 111 ? 15.478  4.306   4.790   1.00 8.56  ? 111 LYS A CA  1 
ATOM   877  C  C   . LYS A 1 111 ? 14.132  3.674   4.462   1.00 8.00  ? 111 LYS A C   1 
ATOM   878  O  O   . LYS A 1 111 ? 13.847  2.554   4.882   1.00 8.78  ? 111 LYS A O   1 
ATOM   879  C  CB  . LYS A 1 111 ? 15.723  4.248   6.303   1.00 11.32 ? 111 LYS A CB  1 
ATOM   880  C  CG  . LYS A 1 111 ? 17.122  4.688   6.719   1.00 15.06 ? 111 LYS A CG  1 
ATOM   881  C  CD  . LYS A 1 111 ? 17.291  4.663   8.233   1.00 18.92 ? 111 LYS A CD  1 
ATOM   882  C  CE  . LYS A 1 111 ? 18.691  5.090   8.653   1.00 20.99 ? 111 LYS A CE  1 
ATOM   883  N  NZ  . LYS A 1 111 ? 19.741  4.150   8.172   1.00 23.62 ? 111 LYS A NZ  1 
HETATM 884  N  N   . MSE A 1 112 ? 13.312  4.381   3.697   1.00 7.43  ? 112 MSE A N   1 
HETATM 885  C  CA  . MSE A 1 112 ? 11.994  3.871   3.340   1.00 7.25  ? 112 MSE A CA  1 
HETATM 886  C  C   . MSE A 1 112 ? 12.127  2.638   2.451   1.00 6.94  ? 112 MSE A C   1 
HETATM 887  O  O   . MSE A 1 112 ? 12.943  2.609   1.529   1.00 7.58  ? 112 MSE A O   1 
HETATM 888  C  CB  . MSE A 1 112 ? 11.192  4.962   2.627   1.00 7.31  ? 112 MSE A CB  1 
HETATM 889  C  CG  . MSE A 1 112 ? 9.700   4.701   2.538   1.00 6.83  ? 112 MSE A CG  1 
HETATM 890  SE SE  . MSE A 1 112 ? 8.799   6.160   1.677   1.00 12.50 ? 112 MSE A SE  1 
HETATM 891  C  CE  . MSE A 1 112 ? 7.036   5.378   1.587   1.00 7.13  ? 112 MSE A CE  1 
ATOM   892  N  N   . SER A 1 113 ? 11.325  1.618   2.736   1.00 6.63  ? 113 SER A N   1 
ATOM   893  C  CA  . SER A 1 113 ? 11.364  0.383   1.965   1.00 7.77  ? 113 SER A CA  1 
ATOM   894  C  C   . SER A 1 113 ? 11.186  0.650   0.473   1.00 6.32  ? 113 SER A C   1 
ATOM   895  O  O   . SER A 1 113 ? 11.792  -0.019  -0.365  1.00 7.79  ? 113 SER A O   1 
ATOM   896  C  CB  . SER A 1 113 ? 10.274  -0.573  2.453   1.00 9.00  ? 113 SER A CB  1 
ATOM   897  O  OG  . SER A 1 113 ? 10.371  -1.834  1.814   1.00 14.78 ? 113 SER A OG  1 
ATOM   898  N  N   . LEU A 1 114 ? 10.359  1.634   0.138   1.00 6.59  ? 114 LEU A N   1 
ATOM   899  C  CA  . LEU A 1 114 ? 10.108  1.966   -1.258  1.00 7.38  ? 114 LEU A CA  1 
ATOM   900  C  C   . LEU A 1 114 ? 11.384  2.260   -2.039  1.00 9.04  ? 114 LEU A C   1 
ATOM   901  O  O   . LEU A 1 114 ? 11.467  1.973   -3.231  1.00 9.75  ? 114 LEU A O   1 
ATOM   902  C  CB  . LEU A 1 114 ? 9.161   3.167   -1.347  1.00 7.24  ? 114 LEU A CB  1 
ATOM   903  C  CG  . LEU A 1 114 ? 8.788   3.654   -2.751  1.00 8.50  ? 114 LEU A CG  1 
ATOM   904  C  CD1 . LEU A 1 114 ? 8.033   2.562   -3.507  1.00 8.26  ? 114 LEU A CD1 1 
ATOM   905  C  CD2 . LEU A 1 114 ? 7.939   4.905   -2.642  1.00 8.86  ? 114 LEU A CD2 1 
ATOM   906  N  N   . VAL A 1 115 ? 12.379  2.831   -1.370  1.00 10.57 ? 115 VAL A N   1 
ATOM   907  C  CA  . VAL A 1 115 ? 13.634  3.159   -2.037  1.00 12.76 ? 115 VAL A CA  1 
ATOM   908  C  C   . VAL A 1 115 ? 14.778  2.192   -1.734  1.00 13.81 ? 115 VAL A C   1 
ATOM   909  O  O   . VAL A 1 115 ? 15.819  2.237   -2.389  1.00 16.46 ? 115 VAL A O   1 
ATOM   910  C  CB  . VAL A 1 115 ? 14.096  4.589   -1.680  1.00 14.24 ? 115 VAL A CB  1 
ATOM   911  C  CG1 . VAL A 1 115 ? 13.051  5.599   -2.130  1.00 15.46 ? 115 VAL A CG1 1 
ATOM   912  C  CG2 . VAL A 1 115 ? 14.340  4.702   -0.189  1.00 15.87 ? 115 VAL A CG2 1 
ATOM   913  N  N   . THR A 1 116 ? 14.591  1.318   -0.751  1.00 13.99 ? 116 THR A N   1 
ATOM   914  C  CA  . THR A 1 116 ? 15.636  0.366   -0.387  1.00 14.54 ? 116 THR A CA  1 
ATOM   915  C  C   . THR A 1 116 ? 15.370  -1.046  -0.905  1.00 14.76 ? 116 THR A C   1 
ATOM   916  O  O   . THR A 1 116 ? 16.302  -1.768  -1.262  1.00 15.34 ? 116 THR A O   1 
ATOM   917  C  CB  . THR A 1 116 ? 15.825  0.298   1.145   1.00 14.61 ? 116 THR A CB  1 
ATOM   918  O  OG1 . THR A 1 116 ? 14.625  -0.187  1.759   1.00 15.78 ? 116 THR A OG1 1 
ATOM   919  C  CG2 . THR A 1 116 ? 16.154  1.677   1.698   1.00 16.06 ? 116 THR A CG2 1 
ATOM   920  N  N   . SER A 1 117 ? 14.103  -1.440  -0.937  1.00 15.98 ? 117 SER A N   1 
ATOM   921  C  CA  . SER A 1 117 ? 13.726  -2.769  -1.412  1.00 18.85 ? 117 SER A CA  1 
ATOM   922  C  C   . SER A 1 117 ? 13.391  -2.729  -2.900  1.00 20.70 ? 117 SER A C   1 
ATOM   923  O  O   . SER A 1 117 ? 12.642  -1.867  -3.350  1.00 22.38 ? 117 SER A O   1 
ATOM   924  C  CB  . SER A 1 117 ? 12.521  -3.282  -0.624  1.00 19.06 ? 117 SER A CB  1 
ATOM   925  O  OG  . SER A 1 117 ? 12.821  -3.363  0.759   1.00 22.30 ? 117 SER A OG  1 
HETATM 926  N  N   . MSE A 1 118 ? 13.944  -3.666  -3.660  1.00 23.50 ? 118 MSE A N   1 
HETATM 927  C  CA  . MSE A 1 118 ? 13.697  -3.713  -5.096  1.00 25.84 ? 118 MSE A CA  1 
HETATM 928  C  C   . MSE A 1 118 ? 12.683  -4.772  -5.521  1.00 24.60 ? 118 MSE A C   1 
HETATM 929  O  O   . MSE A 1 118 ? 12.215  -4.762  -6.660  1.00 26.05 ? 118 MSE A O   1 
HETATM 930  C  CB  . MSE A 1 118 ? 15.011  -3.960  -5.846  1.00 29.78 ? 118 MSE A CB  1 
HETATM 931  C  CG  . MSE A 1 118 ? 16.041  -2.847  -5.718  1.00 33.98 ? 118 MSE A CG  1 
HETATM 932  SE SE  . MSE A 1 118 ? 15.409  -1.157  -6.420  1.00 41.66 ? 118 MSE A SE  1 
HETATM 933  C  CE  . MSE A 1 118 ? 15.096  -0.247  -4.750  1.00 35.80 ? 118 MSE A CE  1 
ATOM   934  N  N   . ARG A 1 119 ? 12.336  -5.680  -4.613  1.00 21.79 ? 119 ARG A N   1 
ATOM   935  C  CA  . ARG A 1 119 ? 11.405  -6.756  -4.945  1.00 19.36 ? 119 ARG A CA  1 
ATOM   936  C  C   . ARG A 1 119 ? 10.224  -6.955  -3.999  1.00 16.78 ? 119 ARG A C   1 
ATOM   937  O  O   . ARG A 1 119 ? 9.500   -7.944  -4.110  1.00 17.85 ? 119 ARG A O   1 
ATOM   938  C  CB  . ARG A 1 119 ? 12.173  -8.073  -5.045  1.00 20.07 ? 119 ARG A CB  1 
ATOM   939  C  CG  . ARG A 1 119 ? 13.163  -8.133  -6.192  1.00 21.82 ? 119 ARG A CG  1 
ATOM   940  C  CD  . ARG A 1 119 ? 13.999  -9.402  -6.138  1.00 22.43 ? 119 ARG A CD  1 
ATOM   941  N  NE  . ARG A 1 119 ? 13.209  -10.562 -5.726  1.00 23.85 ? 119 ARG A NE  1 
ATOM   942  C  CZ  . ARG A 1 119 ? 13.209  -11.063 -4.495  1.00 24.99 ? 119 ARG A CZ  1 
ATOM   943  N  NH1 . ARG A 1 119 ? 12.457  -12.118 -4.203  1.00 26.12 ? 119 ARG A NH1 1 
ATOM   944  N  NH2 . ARG A 1 119 ? 13.973  -10.518 -3.558  1.00 25.54 ? 119 ARG A NH2 1 
ATOM   945  N  N   . LEU A 1 120 ? 10.024  -6.027  -3.076  1.00 13.05 ? 120 LEU A N   1 
ATOM   946  C  CA  . LEU A 1 120 ? 8.928   -6.145  -2.124  1.00 9.54  ? 120 LEU A CA  1 
ATOM   947  C  C   . LEU A 1 120 ? 7.700   -5.377  -2.616  1.00 8.18  ? 120 LEU A C   1 
ATOM   948  O  O   . LEU A 1 120 ? 7.740   -4.152  -2.728  1.00 8.20  ? 120 LEU A O   1 
ATOM   949  C  CB  . LEU A 1 120 ? 9.380   -5.612  -0.771  1.00 10.91 ? 120 LEU A CB  1 
ATOM   950  C  CG  . LEU A 1 120 ? 8.441   -5.949  0.380   1.00 10.46 ? 120 LEU A CG  1 
ATOM   951  C  CD1 . LEU A 1 120 ? 8.378   -7.462  0.565   1.00 11.10 ? 120 LEU A CD1 1 
ATOM   952  C  CD2 . LEU A 1 120 ? 8.939   -5.280  1.649   1.00 12.81 ? 120 LEU A CD2 1 
ATOM   953  N  N   . SER A 1 121 ? 6.609   -6.092  -2.888  1.00 6.55  ? 121 SER A N   1 
ATOM   954  C  CA  . SER A 1 121 ? 5.385   -5.468  -3.402  1.00 6.71  ? 121 SER A CA  1 
ATOM   955  C  C   . SER A 1 121 ? 4.457   -4.919  -2.322  1.00 5.13  ? 121 SER A C   1 
ATOM   956  O  O   . SER A 1 121 ? 3.587   -4.096  -2.611  1.00 5.63  ? 121 SER A O   1 
ATOM   957  C  CB  . SER A 1 121 ? 4.611   -6.458  -4.281  1.00 9.51  ? 121 SER A CB  1 
ATOM   958  O  OG  . SER A 1 121 ? 4.028   -7.487  -3.502  1.00 12.11 ? 121 SER A OG  1 
ATOM   959  N  N   . VAL A 1 122 ? 4.626   -5.394  -1.091  1.00 3.95  ? 122 VAL A N   1 
ATOM   960  C  CA  . VAL A 1 122 ? 3.829   -4.933  0.049   1.00 4.36  ? 122 VAL A CA  1 
ATOM   961  C  C   . VAL A 1 122 ? 4.883   -4.631  1.103   1.00 4.03  ? 122 VAL A C   1 
ATOM   962  O  O   . VAL A 1 122 ? 5.614   -5.526  1.548   1.00 5.04  ? 122 VAL A O   1 
ATOM   963  C  CB  . VAL A 1 122 ? 2.859   -6.019  0.531   1.00 3.15  ? 122 VAL A CB  1 
ATOM   964  C  CG1 . VAL A 1 122 ? 2.016   -5.478  1.676   1.00 4.97  ? 122 VAL A CG1 1 
ATOM   965  C  CG2 . VAL A 1 122 ? 1.973   -6.464  -0.615  1.00 5.14  ? 122 VAL A CG2 1 
ATOM   966  N  N   . GLN A 1 123 ? 4.949   -3.366  1.502   1.00 4.15  ? 123 GLN A N   1 
ATOM   967  C  CA  . GLN A 1 123 ? 5.996   -2.911  2.405   1.00 4.43  ? 123 GLN A CA  1 
ATOM   968  C  C   . GLN A 1 123 ? 5.577   -2.142  3.643   1.00 4.92  ? 123 GLN A C   1 
ATOM   969  O  O   . GLN A 1 123 ? 4.478   -1.597  3.719   1.00 4.67  ? 123 GLN A O   1 
ATOM   970  C  CB  . GLN A 1 123 ? 6.951   -1.993  1.626   1.00 7.33  ? 123 GLN A CB  1 
ATOM   971  C  CG  . GLN A 1 123 ? 7.328   -2.472  0.233   1.00 7.48  ? 123 GLN A CG  1 
ATOM   972  C  CD  . GLN A 1 123 ? 8.039   -1.408  -0.592  1.00 6.41  ? 123 GLN A CD  1 
ATOM   973  O  OE1 . GLN A 1 123 ? 8.654   -1.718  -1.610  1.00 8.78  ? 123 GLN A OE1 1 
ATOM   974  N  NE2 . GLN A 1 123 ? 7.945   -0.150  -0.164  1.00 4.95  ? 123 GLN A NE2 1 
ATOM   975  N  N   . PRO A 1 124 ? 6.466   -2.098  4.644   1.00 5.78  ? 124 PRO A N   1 
ATOM   976  C  CA  . PRO A 1 124 ? 6.140   -1.348  5.853   1.00 5.18  ? 124 PRO A CA  1 
ATOM   977  C  C   . PRO A 1 124 ? 6.506   0.110   5.543   1.00 5.02  ? 124 PRO A C   1 
ATOM   978  O  O   . PRO A 1 124 ? 7.303   0.391   4.639   1.00 5.73  ? 124 PRO A O   1 
ATOM   979  C  CB  . PRO A 1 124 ? 7.061   -1.958  6.905   1.00 6.25  ? 124 PRO A CB  1 
ATOM   980  C  CG  . PRO A 1 124 ? 8.260   -2.334  6.111   1.00 8.47  ? 124 PRO A CG  1 
ATOM   981  C  CD  . PRO A 1 124 ? 7.678   -2.915  4.835   1.00 5.65  ? 124 PRO A CD  1 
ATOM   982  N  N   . VAL A 1 125 ? 5.900   1.022   6.287   1.00 4.62  ? 125 VAL A N   1 
ATOM   983  C  CA  . VAL A 1 125 ? 6.156   2.450   6.155   1.00 4.25  ? 125 VAL A CA  1 
ATOM   984  C  C   . VAL A 1 125 ? 6.163   2.951   7.590   1.00 3.99  ? 125 VAL A C   1 
ATOM   985  O  O   . VAL A 1 125 ? 5.212   2.702   8.326   1.00 5.07  ? 125 VAL A O   1 
ATOM   986  C  CB  . VAL A 1 125 ? 5.020   3.170   5.372   1.00 4.70  ? 125 VAL A CB  1 
ATOM   987  C  CG1 . VAL A 1 125 ? 5.262   4.675   5.365   1.00 5.06  ? 125 VAL A CG1 1 
ATOM   988  C  CG2 . VAL A 1 125 ? 4.942   2.652   3.938   1.00 4.56  ? 125 VAL A CG2 1 
ATOM   989  N  N   . THR A 1 126 ? 7.228   3.622   8.017   1.00 3.93  ? 126 THR A N   1 
ATOM   990  C  CA  . THR A 1 126 ? 7.252   4.123   9.386   1.00 5.58  ? 126 THR A CA  1 
ATOM   991  C  C   . THR A 1 126 ? 6.234   5.253   9.497   1.00 5.26  ? 126 THR A C   1 
ATOM   992  O  O   . THR A 1 126 ? 5.832   5.838   8.489   1.00 5.49  ? 126 THR A O   1 
ATOM   993  C  CB  . THR A 1 126 ? 8.632   4.678   9.784   1.00 5.95  ? 126 THR A CB  1 
ATOM   994  O  OG1 . THR A 1 126 ? 8.882   5.893   9.069   1.00 6.64  ? 126 THR A OG1 1 
ATOM   995  C  CG2 . THR A 1 126 ? 9.723   3.664   9.483   1.00 7.78  ? 126 THR A CG2 1 
ATOM   996  N  N   . GLU A 1 127 ? 5.809   5.556   10.718  1.00 5.84  ? 127 GLU A N   1 
ATOM   997  C  CA  . GLU A 1 127 ? 4.839   6.625   10.919  1.00 6.90  ? 127 GLU A CA  1 
ATOM   998  C  C   . GLU A 1 127 ? 5.379   7.942   10.367  1.00 6.48  ? 127 GLU A C   1 
ATOM   999  O  O   . GLU A 1 127 ? 4.655   8.694   9.719   1.00 6.25  ? 127 GLU A O   1 
ATOM   1000 C  CB  . GLU A 1 127 ? 4.508   6.774   12.407  1.00 8.55  ? 127 GLU A CB  1 
ATOM   1001 C  CG  . GLU A 1 127 ? 3.371   7.746   12.696  1.00 12.57 ? 127 GLU A CG  1 
ATOM   1002 C  CD  . GLU A 1 127 ? 3.004   7.803   14.170  1.00 17.64 ? 127 GLU A CD  1 
ATOM   1003 O  OE1 . GLU A 1 127 ? 2.056   8.540   14.520  1.00 22.15 ? 127 GLU A OE1 1 
ATOM   1004 O  OE2 . GLU A 1 127 ? 3.662   7.114   14.978  1.00 22.02 ? 127 GLU A OE2 1 
ATOM   1005 N  N   . GLU A 1 128 ? 6.653   8.220   10.624  1.00 6.28  ? 128 GLU A N   1 
ATOM   1006 C  CA  . GLU A 1 128 ? 7.268   9.449   10.138  1.00 6.30  ? 128 GLU A CA  1 
ATOM   1007 C  C   . GLU A 1 128 ? 7.328   9.481   8.615   1.00 5.79  ? 128 GLU A C   1 
ATOM   1008 O  O   . GLU A 1 128 ? 7.124   10.532  8.006   1.00 5.66  ? 128 GLU A O   1 
ATOM   1009 C  CB  . GLU A 1 128 ? 8.669   9.617   10.736  1.00 7.33  ? 128 GLU A CB  1 
ATOM   1010 C  CG  . GLU A 1 128 ? 8.648   10.234  12.129  1.00 9.36  ? 128 GLU A CG  1 
ATOM   1011 C  CD  . GLU A 1 128 ? 8.310   11.717  12.081  1.00 11.34 ? 128 GLU A CD  1 
ATOM   1012 O  OE1 . GLU A 1 128 ? 9.237   12.543  11.930  1.00 13.36 ? 128 GLU A OE1 1 
ATOM   1013 O  OE2 . GLU A 1 128 ? 7.115   12.058  12.169  1.00 11.47 ? 128 GLU A OE2 1 
ATOM   1014 N  N   . GLU A 1 129 ? 7.607   8.338   7.999   1.00 5.29  ? 129 GLU A N   1 
ATOM   1015 C  CA  . GLU A 1 129 ? 7.660   8.273   6.540   1.00 4.76  ? 129 GLU A CA  1 
ATOM   1016 C  C   . GLU A 1 129 ? 6.263   8.525   5.981   1.00 4.06  ? 129 GLU A C   1 
ATOM   1017 O  O   . GLU A 1 129 ? 6.091   9.246   4.996   1.00 5.01  ? 129 GLU A O   1 
ATOM   1018 C  CB  . GLU A 1 129 ? 8.174   6.904   6.080   1.00 5.11  ? 129 GLU A CB  1 
ATOM   1019 C  CG  . GLU A 1 129 ? 9.679   6.737   6.246   1.00 5.92  ? 129 GLU A CG  1 
ATOM   1020 C  CD  . GLU A 1 129 ? 10.133  5.287   6.208   1.00 6.52  ? 129 GLU A CD  1 
ATOM   1021 O  OE1 . GLU A 1 129 ? 11.354  5.052   6.339   1.00 8.36  ? 129 GLU A OE1 1 
ATOM   1022 O  OE2 . GLU A 1 129 ? 9.281   4.384   6.059   1.00 5.92  ? 129 GLU A OE2 1 
ATOM   1023 N  N   . TYR A 1 130 ? 5.261   7.934   6.623   1.00 3.38  ? 130 TYR A N   1 
ATOM   1024 C  CA  . TYR A 1 130 ? 3.883   8.102   6.193   1.00 3.79  ? 130 TYR A CA  1 
ATOM   1025 C  C   . TYR A 1 130 ? 3.456   9.566   6.281   1.00 3.79  ? 130 TYR A C   1 
ATOM   1026 O  O   . TYR A 1 130 ? 2.889   10.117  5.338   1.00 4.59  ? 130 TYR A O   1 
ATOM   1027 C  CB  . TYR A 1 130 ? 2.963   7.222   7.046   1.00 4.85  ? 130 TYR A CB  1 
ATOM   1028 C  CG  . TYR A 1 130 ? 1.484   7.388   6.763   1.00 5.28  ? 130 TYR A CG  1 
ATOM   1029 C  CD1 . TYR A 1 130 ? 0.679   8.177   7.590   1.00 5.38  ? 130 TYR A CD1 1 
ATOM   1030 C  CD2 . TYR A 1 130 ? 0.880   6.733   5.687   1.00 4.48  ? 130 TYR A CD2 1 
ATOM   1031 C  CE1 . TYR A 1 130 ? -0.688  8.299   7.364   1.00 5.21  ? 130 TYR A CE1 1 
ATOM   1032 C  CE2 . TYR A 1 130 ? -0.489  6.854   5.449   1.00 5.81  ? 130 TYR A CE2 1 
ATOM   1033 C  CZ  . TYR A 1 130 ? -1.262  7.636   6.292   1.00 5.79  ? 130 TYR A CZ  1 
ATOM   1034 O  OH  . TYR A 1 130 ? -2.614  7.746   6.069   1.00 6.13  ? 130 TYR A OH  1 
ATOM   1035 N  N   . LEU A 1 131 ? 3.733   10.203  7.413   1.00 4.58  ? 131 LEU A N   1 
ATOM   1036 C  CA  . LEU A 1 131 ? 3.356   11.598  7.585   1.00 4.69  ? 131 LEU A CA  1 
ATOM   1037 C  C   . LEU A 1 131 ? 4.082   12.521  6.608   1.00 5.07  ? 131 LEU A C   1 
ATOM   1038 O  O   . LEU A 1 131 ? 3.498   13.483  6.109   1.00 5.86  ? 131 LEU A O   1 
ATOM   1039 C  CB  . LEU A 1 131 ? 3.624   12.041  9.027   1.00 6.54  ? 131 LEU A CB  1 
ATOM   1040 C  CG  . LEU A 1 131 ? 2.740   11.362  10.081  1.00 6.93  ? 131 LEU A CG  1 
ATOM   1041 C  CD1 . LEU A 1 131 ? 3.228   11.709  11.473  1.00 7.99  ? 131 LEU A CD1 1 
ATOM   1042 C  CD2 . LEU A 1 131 ? 1.292   11.787  9.899   1.00 9.10  ? 131 LEU A CD2 1 
ATOM   1043 N  N   . GLU A 1 132 ? 5.350   12.231  6.332   1.00 5.15  ? 132 GLU A N   1 
ATOM   1044 C  CA  . GLU A 1 132 ? 6.126   13.058  5.416   1.00 5.08  ? 132 GLU A CA  1 
ATOM   1045 C  C   . GLU A 1 132 ? 5.630   12.925  3.972   1.00 4.85  ? 132 GLU A C   1 
ATOM   1046 O  O   . GLU A 1 132 ? 5.467   13.928  3.277   1.00 5.25  ? 132 GLU A O   1 
ATOM   1047 C  CB  . GLU A 1 132 ? 7.608   12.690  5.513   1.00 6.22  ? 132 GLU A CB  1 
ATOM   1048 C  CG  . GLU A 1 132 ? 8.533   13.462  4.575   1.00 8.32  ? 132 GLU A CG  1 
ATOM   1049 C  CD  . GLU A 1 132 ? 8.635   14.949  4.887   1.00 9.82  ? 132 GLU A CD  1 
ATOM   1050 O  OE1 . GLU A 1 132 ? 9.352   15.652  4.145   1.00 11.05 ? 132 GLU A OE1 1 
ATOM   1051 O  OE2 . GLU A 1 132 ? 8.012   15.423  5.861   1.00 9.58  ? 132 GLU A OE2 1 
ATOM   1052 N  N   . VAL A 1 133 ? 5.395   11.699  3.514   1.00 4.60  ? 133 VAL A N   1 
ATOM   1053 C  CA  . VAL A 1 133 ? 4.894   11.500  2.158   1.00 4.34  ? 133 VAL A CA  1 
ATOM   1054 C  C   . VAL A 1 133 ? 3.517   12.157  2.047   1.00 4.19  ? 133 VAL A C   1 
ATOM   1055 O  O   . VAL A 1 133 ? 3.211   12.794  1.038   1.00 4.92  ? 133 VAL A O   1 
ATOM   1056 C  CB  . VAL A 1 133 ? 4.815   9.990   1.800   1.00 3.98  ? 133 VAL A CB  1 
ATOM   1057 C  CG1 . VAL A 1 133 ? 4.067   9.785   0.486   1.00 5.64  ? 133 VAL A CG1 1 
ATOM   1058 C  CG2 . VAL A 1 133 ? 6.228   9.425   1.671   1.00 6.29  ? 133 VAL A CG2 1 
ATOM   1059 N  N   . CYS A 1 134 ? 2.691   12.015  3.079   1.00 3.61  ? 134 CYS A N   1 
ATOM   1060 C  CA  . CYS A 1 134 ? 1.372   12.639  3.054   1.00 5.02  ? 134 CYS A CA  1 
ATOM   1061 C  C   . CYS A 1 134 ? 1.488   14.160  2.935   1.00 5.68  ? 134 CYS A C   1 
ATOM   1062 O  O   . CYS A 1 134 ? 0.767   14.776  2.144   1.00 5.80  ? 134 CYS A O   1 
ATOM   1063 C  CB  . CYS A 1 134 ? 0.568   12.265  4.303   1.00 5.12  ? 134 CYS A CB  1 
ATOM   1064 S  SG  . CYS A 1 134 ? -0.159  10.606  4.225   1.00 6.19  ? 134 CYS A SG  1 
ATOM   1065 N  N   . ARG A 1 135 ? 2.388   14.765  3.710   1.00 6.10  ? 135 ARG A N   1 
ATOM   1066 C  CA  . ARG A 1 135 ? 2.586   16.215  3.637   1.00 7.83  ? 135 ARG A CA  1 
ATOM   1067 C  C   . ARG A 1 135 ? 3.011   16.615  2.227   1.00 7.03  ? 135 ARG A C   1 
ATOM   1068 O  O   . ARG A 1 135 ? 2.504   17.586  1.663   1.00 8.71  ? 135 ARG A O   1 
ATOM   1069 C  CB  . ARG A 1 135 ? 3.659   16.680  4.628   1.00 11.81 ? 135 ARG A CB  1 
ATOM   1070 C  CG  . ARG A 1 135 ? 3.170   16.957  6.037   1.00 14.98 ? 135 ARG A CG  1 
ATOM   1071 C  CD  . ARG A 1 135 ? 4.276   17.622  6.847   1.00 15.60 ? 135 ARG A CD  1 
ATOM   1072 N  NE  . ARG A 1 135 ? 5.398   16.720  7.078   1.00 16.44 ? 135 ARG A NE  1 
ATOM   1073 C  CZ  . ARG A 1 135 ? 5.445   15.834  8.066   1.00 13.67 ? 135 ARG A CZ  1 
ATOM   1074 N  NH1 . ARG A 1 135 ? 6.501   15.048  8.199   1.00 14.86 ? 135 ARG A NH1 1 
ATOM   1075 N  NH2 . ARG A 1 135 ? 4.447   15.749  8.935   1.00 14.50 ? 135 ARG A NH2 1 
HETATM 1076 N  N   . MSE A 1 136 ? 3.957   15.871  1.667   1.00 6.30  ? 136 MSE A N   1 
HETATM 1077 C  CA  . MSE A 1 136 ? 4.438   16.144  0.320   1.00 6.63  ? 136 MSE A CA  1 
HETATM 1078 C  C   . MSE A 1 136 ? 3.270   16.055  -0.650  1.00 7.25  ? 136 MSE A C   1 
HETATM 1079 O  O   . MSE A 1 136 ? 3.221   16.781  -1.641  1.00 8.77  ? 136 MSE A O   1 
HETATM 1080 C  CB  . MSE A 1 136 ? 5.499   15.122  -0.083  1.00 6.81  ? 136 MSE A CB  1 
HETATM 1081 C  CG  . MSE A 1 136 ? 6.784   15.192  0.722   1.00 7.97  ? 136 MSE A CG  1 
HETATM 1082 SE SE  . MSE A 1 136 ? 7.893   13.656  0.372   1.00 13.24 ? 136 MSE A SE  1 
HETATM 1083 C  CE  . MSE A 1 136 ? 8.506   14.129  -1.394  1.00 10.29 ? 136 MSE A CE  1 
ATOM   1084 N  N   . GLY A 1 137 ? 2.333   15.161  -0.346  1.00 6.41  ? 137 GLY A N   1 
ATOM   1085 C  CA  . GLY A 1 137 ? 1.176   14.960  -1.198  1.00 8.07  ? 137 GLY A CA  1 
ATOM   1086 C  C   . GLY A 1 137 ? -0.022  15.839  -0.900  1.00 8.22  ? 137 GLY A C   1 
ATOM   1087 O  O   . GLY A 1 137 ? -1.090  15.639  -1.478  1.00 9.21  ? 137 GLY A O   1 
ATOM   1088 N  N   . GLY A 1 138 ? 0.141   16.799  0.006   1.00 8.97  ? 138 GLY A N   1 
ATOM   1089 C  CA  . GLY A 1 138 ? -0.950  17.704  0.329   1.00 9.89  ? 138 GLY A CA  1 
ATOM   1090 C  C   . GLY A 1 138 ? -1.890  17.294  1.449   1.00 10.06 ? 138 GLY A C   1 
ATOM   1091 O  O   . GLY A 1 138 ? -2.976  17.864  1.582   1.00 11.02 ? 138 GLY A O   1 
ATOM   1092 N  N   . LEU A 1 139 ? -1.492  16.315  2.256   1.00 9.84  ? 139 LEU A N   1 
ATOM   1093 C  CA  . LEU A 1 139 ? -2.328  15.860  3.366   1.00 9.10  ? 139 LEU A CA  1 
ATOM   1094 C  C   . LEU A 1 139 ? -1.697  16.143  4.726   1.00 9.98  ? 139 LEU A C   1 
ATOM   1095 O  O   . LEU A 1 139 ? -0.838  15.390  5.191   1.00 9.90  ? 139 LEU A O   1 
ATOM   1096 C  CB  . LEU A 1 139 ? -2.613  14.363  3.249   1.00 10.35 ? 139 LEU A CB  1 
ATOM   1097 C  CG  . LEU A 1 139 ? -3.616  13.927  2.182   1.00 11.30 ? 139 LEU A CG  1 
ATOM   1098 C  CD1 . LEU A 1 139 ? -3.777  12.417  2.234   1.00 11.46 ? 139 LEU A CD1 1 
ATOM   1099 C  CD2 . LEU A 1 139 ? -4.962  14.610  2.420   1.00 12.68 ? 139 LEU A CD2 1 
ATOM   1100 N  N   . ALA A 1 140 ? -2.142  17.226  5.360   1.00 10.47 ? 140 ALA A N   1 
ATOM   1101 C  CA  . ALA A 1 140 ? -1.643  17.635  6.670   1.00 13.77 ? 140 ALA A CA  1 
ATOM   1102 C  C   . ALA A 1 140 ? -1.906  16.569  7.732   1.00 16.04 ? 140 ALA A C   1 
ATOM   1103 O  O   . ALA A 1 140 ? -0.977  15.923  8.210   1.00 20.79 ? 140 ALA A O   1 
ATOM   1104 C  CB  . ALA A 1 140 ? -2.290  18.950  7.076   1.00 14.89 ? 140 ALA A CB  1 
ATOM   1105 N  N   . ASN A 1 141 ? -3.174  16.395  8.096   1.00 14.92 ? 141 ASN A N   1 
ATOM   1106 C  CA  . ASN A 1 141 ? -3.578  15.400  9.093   1.00 12.57 ? 141 ASN A CA  1 
ATOM   1107 C  C   . ASN A 1 141 ? -4.243  14.234  8.370   1.00 11.43 ? 141 ASN A C   1 
ATOM   1108 O  O   . ASN A 1 141 ? -5.467  14.123  8.347   1.00 10.90 ? 141 ASN A O   1 
ATOM   1109 C  CB  . ASN A 1 141 ? -4.567  16.005  10.096  1.00 14.23 ? 141 ASN A CB  1 
ATOM   1110 C  CG  . ASN A 1 141 ? -3.888  16.873  11.135  1.00 14.86 ? 141 ASN A CG  1 
ATOM   1111 O  OD1 . ASN A 1 141 ? -3.026  16.407  11.879  1.00 15.22 ? 141 ASN A OD1 1 
ATOM   1112 N  ND2 . ASN A 1 141 ? -4.278  18.140  11.195  1.00 15.79 ? 141 ASN A ND2 1 
ATOM   1113 N  N   . PRO A 1 142 ? -3.436  13.337  7.787   1.00 9.17  ? 142 PRO A N   1 
ATOM   1114 C  CA  . PRO A 1 142 ? -3.927  12.172  7.048   1.00 8.28  ? 142 PRO A CA  1 
ATOM   1115 C  C   . PRO A 1 142 ? -4.613  11.102  7.890   1.00 7.97  ? 142 PRO A C   1 
ATOM   1116 O  O   . PRO A 1 142 ? -4.551  11.119  9.119   1.00 8.19  ? 142 PRO A O   1 
ATOM   1117 C  CB  . PRO A 1 142 ? -2.660  11.643  6.386   1.00 8.18  ? 142 PRO A CB  1 
ATOM   1118 C  CG  . PRO A 1 142 ? -1.634  11.890  7.438   1.00 7.77  ? 142 PRO A CG  1 
ATOM   1119 C  CD  . PRO A 1 142 ? -1.963  13.307  7.873   1.00 8.53  ? 142 PRO A CD  1 
ATOM   1120 N  N   . PRO A 1 143 ? -5.287  10.153  7.223   1.00 7.90  ? 143 PRO A N   1 
ATOM   1121 C  CA  . PRO A 1 143 ? -5.984  9.061   7.907   1.00 8.70  ? 143 PRO A CA  1 
ATOM   1122 C  C   . PRO A 1 143 ? -4.991  8.312   8.795   1.00 8.44  ? 143 PRO A C   1 
ATOM   1123 O  O   . PRO A 1 143 ? -3.836  8.117   8.413   1.00 8.51  ? 143 PRO A O   1 
ATOM   1124 C  CB  . PRO A 1 143 ? -6.484  8.202   6.750   1.00 9.55  ? 143 PRO A CB  1 
ATOM   1125 C  CG  . PRO A 1 143 ? -6.759  9.219   5.684   1.00 9.99  ? 143 PRO A CG  1 
ATOM   1126 C  CD  . PRO A 1 143 ? -5.540  10.110  5.771   1.00 8.75  ? 143 PRO A CD  1 
ATOM   1127 N  N   . LYS A 1 144 ? -5.438  7.885   9.971   1.00 8.81  ? 144 LYS A N   1 
ATOM   1128 C  CA  . LYS A 1 144 ? -4.559  7.186   10.899  1.00 8.92  ? 144 LYS A CA  1 
ATOM   1129 C  C   . LYS A 1 144 ? -4.903  5.709   11.080  1.00 8.25  ? 144 LYS A C   1 
ATOM   1130 O  O   . LYS A 1 144 ? -6.060  5.301   10.936  1.00 8.65  ? 144 LYS A O   1 
ATOM   1131 C  CB  . LYS A 1 144 ? -4.587  7.888   12.264  1.00 11.70 ? 144 LYS A CB  1 
ATOM   1132 C  CG  . LYS A 1 144 ? -4.274  9.380   12.203  1.00 13.62 ? 144 LYS A CG  1 
ATOM   1133 C  CD  . LYS A 1 144 ? -2.838  9.644   11.766  1.00 17.50 ? 144 LYS A CD  1 
ATOM   1134 C  CE  . LYS A 1 144 ? -2.598  11.131  11.512  1.00 19.16 ? 144 LYS A CE  1 
ATOM   1135 N  NZ  . LYS A 1 144 ? -2.906  11.972  12.706  1.00 23.56 ? 144 LYS A NZ  1 
ATOM   1136 N  N   . SER A 1 145 ? -3.880  4.910   11.376  1.00 8.73  ? 145 SER A N   1 
ATOM   1137 C  CA  . SER A 1 145 ? -4.055  3.480   11.621  1.00 8.51  ? 145 SER A CA  1 
ATOM   1138 C  C   . SER A 1 145 ? -4.423  3.310   13.092  1.00 9.59  ? 145 SER A C   1 
ATOM   1139 O  O   . SER A 1 145 ? -4.086  4.158   13.923  1.00 10.32 ? 145 SER A O   1 
ATOM   1140 C  CB  . SER A 1 145 ? -2.757  2.715   11.345  1.00 7.40  ? 145 SER A CB  1 
ATOM   1141 O  OG  . SER A 1 145 ? -2.471  2.655   9.961   1.00 6.74  ? 145 SER A OG  1 
ATOM   1142 N  N   . PRO A 1 146 ? -5.112  2.210   13.434  1.00 11.35 ? 146 PRO A N   1 
ATOM   1143 C  CA  . PRO A 1 146 ? -5.512  1.954   14.822  1.00 12.91 ? 146 PRO A CA  1 
ATOM   1144 C  C   . PRO A 1 146 ? -4.317  1.720   15.745  1.00 15.09 ? 146 PRO A C   1 
ATOM   1145 O  O   . PRO A 1 146 ? -3.321  1.116   15.346  1.00 14.63 ? 146 PRO A O   1 
ATOM   1146 C  CB  . PRO A 1 146 ? -6.405  0.724   14.697  1.00 13.08 ? 146 PRO A CB  1 
ATOM   1147 C  CG  . PRO A 1 146 ? -5.804  -0.001  13.529  1.00 12.60 ? 146 PRO A CG  1 
ATOM   1148 C  CD  . PRO A 1 146 ? -5.565  1.122   12.550  1.00 11.47 ? 146 PRO A CD  1 
ATOM   1149 N  N   . ASP A 1 147 ? -4.421  2.204   16.978  1.00 18.04 ? 147 ASP A N   1 
ATOM   1150 C  CA  . ASP A 1 147 ? -3.351  2.048   17.955  1.00 21.96 ? 147 ASP A CA  1 
ATOM   1151 C  C   . ASP A 1 147 ? -3.352  0.645   18.553  1.00 23.05 ? 147 ASP A C   1 
ATOM   1152 O  O   . ASP A 1 147 ? -4.337  -0.089  18.330  1.00 24.48 ? 147 ASP A O   1 
ATOM   1153 C  CB  . ASP A 1 147 ? -3.508  3.079   19.074  1.00 23.46 ? 147 ASP A CB  1 
ATOM   1154 C  CG  . ASP A 1 147 ? -3.410  4.504   18.568  1.00 25.28 ? 147 ASP A CG  1 
ATOM   1155 O  OD1 . ASP A 1 147 ? -2.333  4.879   18.058  1.00 26.89 ? 147 ASP A OD1 1 
ATOM   1156 O  OD2 . ASP A 1 147 ? -4.409  5.247   18.679  1.00 27.01 ? 147 ASP A OD2 1 
HETATM 1157 O  O   . HOH B 2 .   ? -3.954  -9.502  8.413   1.00 5.48  ? 156 HOH A O   1 
HETATM 1158 O  O   . HOH B 2 .   ? -1.235  -12.417 4.234   1.00 6.74  ? 157 HOH A O   1 
HETATM 1159 O  O   . HOH B 2 .   ? -1.773  -12.442 -2.553  1.00 6.37  ? 158 HOH A O   1 
HETATM 1160 O  O   . HOH B 2 .   ? 7.816   1.775   1.802   1.00 7.00  ? 159 HOH A O   1 
HETATM 1161 O  O   . HOH B 2 .   ? -11.910 0.395   -2.718  1.00 6.83  ? 160 HOH A O   1 
HETATM 1162 O  O   . HOH B 2 .   ? -0.861  -3.810  12.246  1.00 8.17  ? 161 HOH A O   1 
HETATM 1163 O  O   . HOH B 2 .   ? 1.321   -0.554  -15.534 1.00 9.26  ? 162 HOH A O   1 
HETATM 1164 O  O   . HOH B 2 .   ? 9.721   1.807   5.075   1.00 9.28  ? 163 HOH A O   1 
HETATM 1165 O  O   . HOH B 2 .   ? 1.053   14.506  7.109   1.00 7.86  ? 164 HOH A O   1 
HETATM 1166 O  O   . HOH B 2 .   ? 4.506   -1.313  9.246   1.00 9.23  ? 165 HOH A O   1 
HETATM 1167 O  O   . HOH B 2 .   ? 9.298   -5.829  4.922   1.00 9.41  ? 166 HOH A O   1 
HETATM 1168 O  O   . HOH B 2 .   ? 0.541   -14.380 -0.366  1.00 8.04  ? 167 HOH A O   1 
HETATM 1169 O  O   . HOH B 2 .   ? -7.833  -6.179  13.260  1.00 9.32  ? 168 HOH A O   1 
HETATM 1170 O  O   . HOH B 2 .   ? -1.909  -0.312  13.461  1.00 9.58  ? 169 HOH A O   1 
HETATM 1171 O  O   . HOH B 2 .   ? 1.383   -5.296  -4.061  1.00 9.10  ? 170 HOH A O   1 
HETATM 1172 O  O   . HOH B 2 .   ? 4.488   1.312   10.470  1.00 9.86  ? 171 HOH A O   1 
HETATM 1173 O  O   . HOH B 2 .   ? 12.171  2.662   7.115   1.00 11.13 ? 172 HOH A O   1 
HETATM 1174 O  O   . HOH B 2 .   ? 6.784   4.051   12.946  1.00 11.48 ? 173 HOH A O   1 
HETATM 1175 O  O   . HOH B 2 .   ? 11.305  7.159   9.624   1.00 11.69 ? 174 HOH A O   1 
HETATM 1176 O  O   . HOH B 2 .   ? -13.044 -1.630  -10.240 1.00 12.50 ? 175 HOH A O   1 
HETATM 1177 O  O   . HOH B 2 .   ? -4.812  10.327  -7.250  1.00 10.72 ? 176 HOH A O   1 
HETATM 1178 O  O   . HOH B 2 .   ? -4.067  18.830  3.865   1.00 11.00 ? 177 HOH A O   1 
HETATM 1179 O  O   . HOH B 2 .   ? 13.442  6.870   6.073   1.00 10.13 ? 178 HOH A O   1 
HETATM 1180 O  O   . HOH B 2 .   ? -10.326 -12.423 6.363   1.00 10.57 ? 179 HOH A O   1 
HETATM 1181 O  O   . HOH B 2 .   ? -5.644  5.664   -12.066 1.00 12.41 ? 180 HOH A O   1 
HETATM 1182 O  O   . HOH B 2 .   ? 8.246   6.806   12.682  1.00 13.04 ? 181 HOH A O   1 
HETATM 1183 O  O   . HOH B 2 .   ? -11.310 -9.764  8.657   1.00 9.91  ? 182 HOH A O   1 
HETATM 1184 O  O   . HOH B 2 .   ? 9.274   15.001  10.787  1.00 11.55 ? 183 HOH A O   1 
HETATM 1185 O  O   . HOH B 2 .   ? 0.090   -5.297  -9.979  1.00 13.56 ? 184 HOH A O   1 
HETATM 1186 O  O   . HOH B 2 .   ? 5.867   14.430  11.640  1.00 13.63 ? 185 HOH A O   1 
HETATM 1187 O  O   . HOH B 2 .   ? -7.242  -16.625 8.058   1.00 12.50 ? 186 HOH A O   1 
HETATM 1188 O  O   . HOH B 2 .   ? 14.991  9.295   0.083   1.00 14.03 ? 187 HOH A O   1 
HETATM 1189 O  O   . HOH B 2 .   ? -17.916 -2.009  4.513   1.00 12.92 ? 188 HOH A O   1 
HETATM 1190 O  O   . HOH B 2 .   ? 11.511  9.832   8.481   1.00 16.14 ? 189 HOH A O   1 
HETATM 1191 O  O   . HOH B 2 .   ? -4.866  12.986  -6.935  1.00 12.63 ? 190 HOH A O   1 
HETATM 1192 O  O   . HOH B 2 .   ? -8.024  13.432  -0.829  1.00 14.24 ? 191 HOH A O   1 
HETATM 1193 O  O   . HOH B 2 .   ? 0.058   7.232   -11.767 1.00 12.06 ? 192 HOH A O   1 
HETATM 1194 O  O   . HOH B 2 .   ? 13.180  16.765  4.222   1.00 16.41 ? 193 HOH A O   1 
HETATM 1195 O  O   . HOH B 2 .   ? -12.929 5.257   -9.945  1.00 15.29 ? 194 HOH A O   1 
HETATM 1196 O  O   . HOH B 2 .   ? -13.883 2.785   -0.087  1.00 12.06 ? 195 HOH A O   1 
HETATM 1197 O  O   . HOH B 2 .   ? -3.561  -11.847 9.771   1.00 16.73 ? 196 HOH A O   1 
HETATM 1198 O  O   . HOH B 2 .   ? -12.763 3.761   3.338   1.00 13.36 ? 197 HOH A O   1 
HETATM 1199 O  O   . HOH B 2 .   ? 9.226   1.870   -8.211  1.00 17.41 ? 198 HOH A O   1 
HETATM 1200 O  O   . HOH B 2 .   ? 1.337   -13.633 -9.133  1.00 13.61 ? 199 HOH A O   1 
HETATM 1201 O  O   . HOH B 2 .   ? 3.581   15.791  -4.506  1.00 14.58 ? 200 HOH A O   1 
HETATM 1202 O  O   . HOH B 2 .   ? -3.858  -11.857 -8.877  1.00 17.23 ? 201 HOH A O   1 
HETATM 1203 O  O   . HOH B 2 .   ? 6.608   9.577   -11.218 1.00 12.10 ? 202 HOH A O   1 
HETATM 1204 O  O   . HOH B 2 .   ? 14.770  17.136  6.653   1.00 18.28 ? 203 HOH A O   1 
HETATM 1205 O  O   . HOH B 2 .   ? 15.419  12.329  -7.029  1.00 18.46 ? 204 HOH A O   1 
HETATM 1206 O  O   . HOH B 2 .   ? 8.242   -0.131  -10.483 1.00 18.11 ? 205 HOH A O   1 
HETATM 1207 O  O   . HOH B 2 .   ? 3.638   -21.649 -4.609  1.00 16.04 ? 206 HOH A O   1 
HETATM 1208 O  O   . HOH B 2 .   ? 11.731  12.247  12.983  1.00 21.09 ? 207 HOH A O   1 
HETATM 1209 O  O   . HOH B 2 .   ? -0.666  -15.238 -10.027 1.00 14.11 ? 208 HOH A O   1 
HETATM 1210 O  O   . HOH B 2 .   ? -11.780 -8.701  -4.734  1.00 18.72 ? 209 HOH A O   1 
HETATM 1211 O  O   . HOH B 2 .   ? 8.887   17.718  2.216   1.00 15.40 ? 210 HOH A O   1 
HETATM 1212 O  O   . HOH B 2 .   ? 10.999  -3.723  4.344   1.00 13.98 ? 211 HOH A O   1 
HETATM 1213 O  O   . HOH B 2 .   ? -2.210  -4.985  -8.161  1.00 15.15 ? 212 HOH A O   1 
HETATM 1214 O  O   . HOH B 2 .   ? 3.837   9.533   -13.579 1.00 14.27 ? 213 HOH A O   1 
HETATM 1215 O  O   . HOH B 2 .   ? 1.969   -3.982  16.058  1.00 17.66 ? 214 HOH A O   1 
HETATM 1216 O  O   . HOH B 2 .   ? 4.912   -20.844 3.737   1.00 19.26 ? 215 HOH A O   1 
HETATM 1217 O  O   . HOH B 2 .   ? -10.297 11.445  -2.406  1.00 16.39 ? 216 HOH A O   1 
HETATM 1218 O  O   . HOH B 2 .   ? -8.768  -9.475  -6.456  1.00 15.92 ? 217 HOH A O   1 
HETATM 1219 O  O   . HOH B 2 .   ? -12.824 -7.315  -1.085  1.00 15.34 ? 218 HOH A O   1 
HETATM 1220 O  O   . HOH B 2 .   ? -6.543  13.565  5.631   1.00 23.24 ? 219 HOH A O   1 
HETATM 1221 O  O   . HOH B 2 .   ? 6.644   -8.814  -3.289  1.00 16.73 ? 220 HOH A O   1 
HETATM 1222 O  O   . HOH B 2 .   ? -11.528 -0.715  7.272   1.00 14.97 ? 221 HOH A O   1 
HETATM 1223 O  O   . HOH B 2 .   ? 1.817   15.643  -8.094  1.00 17.48 ? 222 HOH A O   1 
HETATM 1224 O  O   . HOH B 2 .   ? 4.568   -10.020 -4.724  1.00 14.71 ? 223 HOH A O   1 
HETATM 1225 O  O   . HOH B 2 .   ? 2.359   -3.157  -16.101 1.00 17.87 ? 224 HOH A O   1 
HETATM 1226 O  O   . HOH B 2 .   ? -12.829 8.378   -0.816  1.00 18.10 ? 225 HOH A O   1 
HETATM 1227 O  O   . HOH B 2 .   ? 5.673   -3.659  -10.305 1.00 24.49 ? 226 HOH A O   1 
HETATM 1228 O  O   . HOH B 2 .   ? -0.418  6.964   14.028  1.00 17.49 ? 227 HOH A O   1 
HETATM 1229 O  O   . HOH B 2 .   ? 5.606   14.316  -6.850  1.00 18.77 ? 228 HOH A O   1 
HETATM 1230 O  O   . HOH B 2 .   ? -4.358  19.416  -0.338  1.00 19.65 ? 229 HOH A O   1 
HETATM 1231 O  O   . HOH B 2 .   ? -6.739  -7.019  -7.980  1.00 22.26 ? 230 HOH A O   1 
HETATM 1232 O  O   . HOH B 2 .   ? 12.044  15.735  -2.569  1.00 23.96 ? 231 HOH A O   1 
HETATM 1233 O  O   . HOH B 2 .   ? -3.017  -14.465 -8.939  1.00 16.32 ? 232 HOH A O   1 
HETATM 1234 O  O   . HOH B 2 .   ? -15.777 -1.859  -9.650  1.00 15.72 ? 233 HOH A O   1 
HETATM 1235 O  O   . HOH B 2 .   ? 1.480   -0.998  16.225  1.00 18.23 ? 234 HOH A O   1 
HETATM 1236 O  O   . HOH B 2 .   ? -2.025  -9.136  12.084  1.00 23.60 ? 235 HOH A O   1 
HETATM 1237 O  O   . HOH B 2 .   ? 0.792   15.408  9.792   1.00 20.40 ? 236 HOH A O   1 
HETATM 1238 O  O   . HOH B 2 .   ? -10.477 -11.586 -6.010  1.00 18.52 ? 237 HOH A O   1 
HETATM 1239 O  O   . HOH B 2 .   ? -2.695  6.136   15.606  1.00 27.61 ? 238 HOH A O   1 
HETATM 1240 O  O   . HOH B 2 .   ? 9.566   1.216   -14.446 1.00 17.11 ? 239 HOH A O   1 
HETATM 1241 O  O   . HOH B 2 .   ? -10.128 -17.459 -0.538  1.00 27.85 ? 240 HOH A O   1 
HETATM 1242 O  O   . HOH B 2 .   ? 7.638   -17.192 7.129   1.00 26.86 ? 241 HOH A O   1 
HETATM 1243 O  O   . HOH B 2 .   ? -8.165  -3.479  13.905  1.00 17.16 ? 242 HOH A O   1 
HETATM 1244 O  O   . HOH B 2 .   ? -5.495  17.468  -7.109  1.00 20.27 ? 243 HOH A O   1 
HETATM 1245 O  O   . HOH B 2 .   ? 16.838  7.627   -1.366  1.00 23.54 ? 244 HOH A O   1 
HETATM 1246 O  O   . HOH B 2 .   ? -1.755  -19.250 -8.070  1.00 30.57 ? 245 HOH A O   1 
HETATM 1247 O  O   . HOH B 2 .   ? 1.238   -20.723 5.379   1.00 17.36 ? 246 HOH A O   1 
HETATM 1248 O  O   . HOH B 2 .   ? -6.489  -13.614 9.589   1.00 17.53 ? 247 HOH A O   1 
HETATM 1249 O  O   . HOH B 2 .   ? 1.919   18.176  8.587   1.00 15.43 ? 248 HOH A O   1 
HETATM 1250 O  O   . HOH B 2 .   ? -4.230  -20.612 2.305   1.00 18.55 ? 249 HOH A O   1 
HETATM 1251 O  O   . HOH B 2 .   ? -11.588 5.796   7.413   1.00 21.58 ? 250 HOH A O   1 
HETATM 1252 O  O   . HOH B 2 .   ? 11.545  -11.985 5.291   1.00 30.09 ? 251 HOH A O   1 
HETATM 1253 O  O   . HOH B 2 .   ? 2.282   -5.447  -7.858  1.00 23.14 ? 252 HOH A O   1 
HETATM 1254 O  O   . HOH B 2 .   ? -14.760 -5.102  5.023   1.00 21.60 ? 253 HOH A O   1 
HETATM 1255 O  O   . HOH B 2 .   ? 0.832   -6.669  13.829  1.00 14.81 ? 254 HOH A O   1 
HETATM 1256 O  O   . HOH B 2 .   ? 0.163   19.080  3.228   1.00 25.19 ? 255 HOH A O   1 
HETATM 1257 O  O   . HOH B 2 .   ? 19.957  5.546   5.766   1.00 27.89 ? 256 HOH A O   1 
HETATM 1258 O  O   . HOH B 2 .   ? -11.689 -11.481 -0.327  1.00 20.08 ? 257 HOH A O   1 
HETATM 1259 O  O   . HOH B 2 .   ? 11.119  18.702  5.057   1.00 26.46 ? 258 HOH A O   1 
HETATM 1260 O  O   . HOH B 2 .   ? -6.982  -4.522  -16.031 1.00 29.91 ? 259 HOH A O   1 
HETATM 1261 O  O   . HOH B 2 .   ? -13.312 -9.580  6.820   1.00 22.94 ? 260 HOH A O   1 
HETATM 1262 O  O   . HOH B 2 .   ? 6.264   15.663  -3.639  1.00 21.20 ? 261 HOH A O   1 
HETATM 1263 O  O   . HOH B 2 .   ? -19.108 -4.742  1.559   1.00 23.65 ? 262 HOH A O   1 
HETATM 1264 O  O   . HOH B 2 .   ? 1.864   -25.531 0.202   1.00 24.18 ? 263 HOH A O   1 
HETATM 1265 O  O   . HOH B 2 .   ? 18.139  5.578   0.122   1.00 19.84 ? 264 HOH A O   1 
HETATM 1266 O  O   . HOH B 2 .   ? -8.165  8.518   10.619  1.00 23.40 ? 265 HOH A O   1 
HETATM 1267 O  O   . HOH B 2 .   ? 1.621   19.094  -2.179  1.00 17.50 ? 266 HOH A O   1 
HETATM 1268 O  O   . HOH B 2 .   ? -15.570 -6.682  1.560   1.00 26.77 ? 267 HOH A O   1 
HETATM 1269 O  O   . HOH B 2 .   ? -9.646  -0.174  13.304  1.00 27.60 ? 268 HOH A O   1 
HETATM 1270 O  O   . HOH B 2 .   ? -8.029  14.815  9.736   1.00 23.65 ? 269 HOH A O   1 
HETATM 1271 O  O   . HOH B 2 .   ? -0.684  10.290  -10.842 1.00 23.50 ? 270 HOH A O   1 
HETATM 1272 O  O   . HOH B 2 .   ? 9.112   -4.324  -5.914  1.00 30.10 ? 271 HOH A O   1 
HETATM 1273 O  O   . HOH B 2 .   ? -12.399 10.044  -7.204  1.00 25.55 ? 272 HOH A O   1 
HETATM 1274 O  O   . HOH B 2 .   ? 15.478  0.504   5.430   1.00 24.35 ? 273 HOH A O   1 
HETATM 1275 O  O   . HOH B 2 .   ? -1.025  -1.913  15.517  1.00 15.88 ? 274 HOH A O   1 
HETATM 1276 O  O   . HOH B 2 .   ? -1.337  14.166  11.740  1.00 24.37 ? 275 HOH A O   1 
HETATM 1277 O  O   . HOH B 2 .   ? -10.640 3.710   8.878   1.00 18.03 ? 276 HOH A O   1 
HETATM 1278 O  O   . HOH B 2 .   ? 12.668  16.249  -6.167  1.00 26.22 ? 277 HOH A O   1 
HETATM 1279 O  O   . HOH B 2 .   ? 9.783   11.931  7.965   1.00 22.76 ? 278 HOH A O   1 
HETATM 1280 O  O   . HOH B 2 .   ? -6.251  -20.522 -1.871  1.00 25.33 ? 279 HOH A O   1 
HETATM 1281 O  O   . HOH B 2 .   ? -13.811 -9.271  2.338   1.00 27.11 ? 280 HOH A O   1 
HETATM 1282 O  O   . HOH B 2 .   ? 1.257   -7.120  -6.160  1.00 32.33 ? 281 HOH A O   1 
HETATM 1283 O  O   . HOH B 2 .   ? 0.706   11.314  14.179  1.00 30.17 ? 282 HOH A O   1 
HETATM 1284 O  O   . HOH B 2 .   ? -15.444 4.753   -4.223  1.00 20.02 ? 283 HOH A O   1 
HETATM 1285 O  O   . HOH B 2 .   ? 0.052   -9.398  -6.957  1.00 27.49 ? 284 HOH A O   1 
HETATM 1286 O  O   . HOH B 2 .   ? 12.799  -6.182  1.114   1.00 30.92 ? 285 HOH A O   1 
HETATM 1287 O  O   . HOH B 2 .   ? -7.677  4.384   12.975  1.00 28.68 ? 286 HOH A O   1 
HETATM 1288 O  O   . HOH B 2 .   ? 3.715   -19.617 7.337   1.00 25.42 ? 287 HOH A O   1 
HETATM 1289 O  O   . HOH B 2 .   ? -12.272 8.536   3.639   1.00 20.31 ? 288 HOH A O   1 
HETATM 1290 O  O   . HOH B 2 .   ? -18.213 2.102   -8.180  1.00 26.12 ? 289 HOH A O   1 
HETATM 1291 O  O   . HOH B 2 .   ? 16.733  2.322   -8.979  1.00 33.43 ? 290 HOH A O   1 
HETATM 1292 O  O   . HOH B 2 .   ? 2.074   15.462  -12.083 1.00 31.74 ? 291 HOH A O   1 
HETATM 1293 O  O   . HOH B 2 .   ? -4.224  -6.562  -7.326  1.00 33.86 ? 292 HOH A O   1 
HETATM 1294 O  O   . HOH B 2 .   ? -5.035  16.131  5.887   1.00 23.85 ? 293 HOH A O   1 
HETATM 1295 O  O   . HOH B 2 .   ? -10.281 -15.531 -7.587  1.00 24.20 ? 294 HOH A O   1 
HETATM 1296 O  O   . HOH B 2 .   ? 3.648   -0.158  15.271  1.00 16.34 ? 295 HOH A O   1 
HETATM 1297 O  O   . HOH B 2 .   ? 4.760   2.122   12.969  1.00 18.68 ? 296 HOH A O   1 
HETATM 1298 O  O   . HOH B 2 .   ? -5.199  -5.397  -17.819 1.00 26.62 ? 297 HOH A O   1 
HETATM 1299 O  O   . HOH B 2 .   ? -5.625  0.672   -16.402 1.00 32.66 ? 298 HOH A O   1 
HETATM 1300 O  O   . HOH B 2 .   ? -4.257  -9.030  -10.764 1.00 25.17 ? 299 HOH A O   1 
HETATM 1301 O  O   . HOH B 2 .   ? -2.419  -7.203  -10.053 1.00 29.22 ? 300 HOH A O   1 
HETATM 1302 O  O   . HOH B 2 .   ? -4.807  7.842   -10.815 1.00 26.06 ? 301 HOH A O   1 
HETATM 1303 O  O   . HOH B 2 .   ? -3.523  10.010  -9.814  1.00 18.83 ? 302 HOH A O   1 
HETATM 1304 O  O   . HOH B 2 .   ? -10.373 2.099   -15.324 1.00 25.13 ? 303 HOH A O   1 
HETATM 1305 O  O   . HOH B 2 .   ? -12.161 2.202   -12.971 1.00 19.75 ? 304 HOH A O   1 
HETATM 1306 O  O   . HOH B 2 .   ? -13.256 -0.213  -12.753 1.00 17.03 ? 305 HOH A O   1 
HETATM 1307 O  O   . HOH B 2 .   ? -2.589  8.107   -12.116 1.00 27.44 ? 306 HOH A O   1 
HETATM 1308 O  O   . HOH B 2 .   ? -13.854 4.226   -12.518 1.00 25.70 ? 307 HOH A O   1 
HETATM 1309 O  O   . HOH B 2 .   ? -7.768  3.082   -14.923 1.00 24.44 ? 308 HOH A O   1 
HETATM 1310 O  O   . HOH B 2 .   ? -7.052  10.020  -8.708  1.00 25.58 ? 309 HOH A O   1 
HETATM 1311 O  O   . HOH B 2 .   ? -11.594 -5.079  -13.491 1.00 26.93 ? 310 HOH A O   1 
HETATM 1312 O  O   . HOH B 2 .   ? -12.911 -4.332  -11.149 1.00 18.21 ? 311 HOH A O   1 
HETATM 1313 O  O   . HOH B 2 .   ? -16.243 -4.698  -9.697  1.00 23.84 ? 312 HOH A O   1 
HETATM 1314 O  O   . HOH B 2 .   ? -12.850 -6.249  -9.109  1.00 27.60 ? 313 HOH A O   1 
HETATM 1315 O  O   . HOH B 2 .   ? -10.770 -7.650  -9.587  1.00 28.35 ? 314 HOH A O   1 
HETATM 1316 O  O   . HOH B 2 .   ? -8.349  -7.817  -10.719 1.00 33.00 ? 315 HOH A O   1 
HETATM 1317 O  O   . HOH B 2 .   ? -17.626 3.977   -9.961  1.00 26.15 ? 316 HOH A O   1 
HETATM 1318 O  O   . HOH B 2 .   ? -16.897 3.222   -12.381 1.00 27.77 ? 317 HOH A O   1 
HETATM 1319 O  O   . HOH B 2 .   ? -18.059 4.070   -5.913  1.00 20.71 ? 318 HOH A O   1 
HETATM 1320 O  O   . HOH B 2 .   ? -15.612 4.517   -1.329  1.00 14.27 ? 319 HOH A O   1 
HETATM 1321 O  O   . HOH B 2 .   ? -14.728 7.366   -4.562  1.00 22.94 ? 320 HOH A O   1 
HETATM 1322 O  O   . HOH B 2 .   ? -11.972 7.299   -3.115  1.00 26.47 ? 321 HOH A O   1 
HETATM 1323 O  O   . HOH B 2 .   ? -11.888 10.132  -4.326  1.00 23.42 ? 322 HOH A O   1 
HETATM 1324 O  O   . HOH B 2 .   ? -14.486 8.450   -6.936  1.00 28.66 ? 323 HOH A O   1 
HETATM 1325 O  O   . HOH B 2 .   ? -18.449 2.548   -1.913  1.00 20.14 ? 324 HOH A O   1 
HETATM 1326 O  O   . HOH B 2 .   ? -21.358 -0.018  -1.347  1.00 24.90 ? 325 HOH A O   1 
HETATM 1327 O  O   . HOH B 2 .   ? -18.584 -1.435  -2.949  1.00 15.00 ? 326 HOH A O   1 
HETATM 1328 O  O   . HOH B 2 .   ? 0.244   13.687  -10.733 1.00 29.10 ? 327 HOH A O   1 
HETATM 1329 O  O   . HOH B 2 .   ? 1.618   13.476  -13.813 1.00 36.58 ? 328 HOH A O   1 
HETATM 1330 O  O   . HOH B 2 .   ? -21.870 -4.169  0.415   1.00 26.92 ? 329 HOH A O   1 
HETATM 1331 O  O   . HOH B 2 .   ? 2.802   -9.157  -6.183  1.00 26.01 ? 330 HOH A O   1 
HETATM 1332 O  O   . HOH B 2 .   ? 4.864   -8.076  -7.722  1.00 31.34 ? 331 HOH A O   1 
HETATM 1333 O  O   . HOH B 2 .   ? 5.297   -12.139 -5.855  1.00 15.82 ? 332 HOH A O   1 
HETATM 1334 O  O   . HOH B 2 .   ? 2.720   -11.009 -9.913  1.00 34.48 ? 333 HOH A O   1 
HETATM 1335 O  O   . HOH B 2 .   ? -1.562  -10.245 -9.082  1.00 27.00 ? 334 HOH A O   1 
HETATM 1336 O  O   . HOH B 2 .   ? 11.461  -7.102  3.859   1.00 22.60 ? 335 HOH A O   1 
HETATM 1337 O  O   . HOH B 2 .   ? 5.874   -19.974 6.012   1.00 23.02 ? 336 HOH A O   1 
HETATM 1338 O  O   . HOH B 2 .   ? 5.716   -17.627 9.230   1.00 27.70 ? 337 HOH A O   1 
HETATM 1339 O  O   . HOH B 2 .   ? 7.880   -18.060 11.869  1.00 21.55 ? 338 HOH A O   1 
HETATM 1340 O  O   . HOH B 2 .   ? -6.224  -8.410  14.119  1.00 16.74 ? 339 HOH A O   1 
HETATM 1341 O  O   . HOH B 2 .   ? -4.857  -10.826 13.061  1.00 25.08 ? 340 HOH A O   1 
HETATM 1342 O  O   . HOH B 2 .   ? -9.123  2.046   12.090  1.00 25.68 ? 341 HOH A O   1 
HETATM 1343 O  O   . HOH B 2 .   ? -11.493 2.572   11.031  1.00 24.14 ? 342 HOH A O   1 
HETATM 1344 O  O   . HOH B 2 .   ? 1.346   2.154   -21.427 1.00 12.97 ? 343 HOH A O   1 
HETATM 1345 O  O   . HOH B 2 .   ? 1.562   -0.207  -22.822 1.00 25.55 ? 344 HOH A O   1 
HETATM 1346 O  O   . HOH B 2 .   ? 2.435   -1.478  -19.532 1.00 25.79 ? 345 HOH A O   1 
HETATM 1347 O  O   . HOH B 2 .   ? -2.836  -19.675 4.374   1.00 10.24 ? 346 HOH A O   1 
HETATM 1348 O  O   . HOH B 2 .   ? -15.297 7.238   -0.495  1.00 13.98 ? 347 HOH A O   1 
HETATM 1349 O  O   . HOH B 2 .   ? 0.961   -19.267 -8.419  1.00 16.10 ? 348 HOH A O   1 
HETATM 1350 O  O   . HOH B 2 .   ? -6.572  18.063  4.120   1.00 17.11 ? 349 HOH A O   1 
HETATM 1351 O  O   . HOH B 2 .   ? 9.305   9.667   -10.506 1.00 14.46 ? 350 HOH A O   1 
HETATM 1352 O  O   . HOH B 2 .   ? -16.283 9.500   -3.919  1.00 18.61 ? 351 HOH A O   1 
HETATM 1353 O  O   . HOH B 2 .   ? -12.585 5.944   4.972   1.00 20.53 ? 352 HOH A O   1 
HETATM 1354 O  O   . HOH B 2 .   ? 13.820  6.331   8.956   1.00 18.09 ? 353 HOH A O   1 
HETATM 1355 O  O   . HOH B 2 .   ? -12.370 -12.473 4.814   1.00 18.97 ? 354 HOH A O   1 
HETATM 1356 O  O   . HOH B 2 .   ? -8.060  15.199  -2.949  1.00 17.58 ? 355 HOH A O   1 
HETATM 1357 O  O   . HOH B 2 .   ? -12.461 -13.362 1.992   1.00 24.22 ? 356 HOH A O   1 
HETATM 1358 O  O   . HOH B 2 .   ? -6.102  -22.789 2.428   1.00 19.36 ? 357 HOH A O   1 
HETATM 1359 O  O   . HOH B 2 .   ? -8.633  14.316  1.563   1.00 21.74 ? 358 HOH A O   1 
HETATM 1360 O  O   . HOH B 2 .   ? 13.324  -6.745  -1.596  1.00 27.04 ? 359 HOH A O   1 
HETATM 1361 O  O   . HOH B 2 .   ? -4.310  14.614  -9.063  1.00 24.42 ? 360 HOH A O   1 
HETATM 1362 O  O   . HOH B 2 .   ? 7.039   8.343   14.794  1.00 23.20 ? 361 HOH A O   1 
HETATM 1363 O  O   . HOH B 2 .   ? 11.471  2.468   -10.209 1.00 22.28 ? 362 HOH A O   1 
HETATM 1364 O  O   . HOH B 2 .   ? 2.418   20.837  -4.255  1.00 24.00 ? 363 HOH A O   1 
HETATM 1365 O  O   . HOH B 2 .   ? -0.647  17.139  -8.544  1.00 24.93 ? 364 HOH A O   1 
HETATM 1366 O  O   . HOH B 2 .   ? -6.828  -2.888  16.388  1.00 24.52 ? 365 HOH A O   1 
HETATM 1367 O  O   . HOH B 2 .   ? -13.975 11.708  -3.549  1.00 26.01 ? 366 HOH A O   1 
HETATM 1368 O  O   . HOH B 2 .   ? 13.763  3.147   9.353   1.00 27.86 ? 367 HOH A O   1 
HETATM 1369 O  O   . HOH B 2 .   ? -7.471  14.010  -6.907  1.00 26.71 ? 368 HOH A O   1 
HETATM 1370 O  O   . HOH B 2 .   ? 18.256  1.367   5.181   1.00 24.15 ? 369 HOH A O   1 
HETATM 1371 O  O   . HOH B 2 .   ? -6.736  3.805   17.530  1.00 22.52 ? 370 HOH A O   1 
HETATM 1372 O  O   . HOH B 2 .   ? -10.070 -7.530  13.945  1.00 23.70 ? 371 HOH A O   1 
HETATM 1373 O  O   . HOH B 2 .   ? 3.439   11.979  -9.647  1.00 27.75 ? 372 HOH A O   1 
HETATM 1374 O  O   . HOH B 2 .   ? -10.474 9.719   6.088   1.00 29.97 ? 373 HOH A O   1 
HETATM 1375 O  O   . HOH B 2 .   ? 19.005  3.718   3.388   1.00 26.59 ? 374 HOH A O   1 
HETATM 1376 O  O   . HOH B 2 .   ? 11.500  1.826   -5.923  1.00 25.85 ? 375 HOH A O   1 
HETATM 1377 O  O   . HOH B 2 .   ? 3.007   -22.666 4.488   1.00 28.55 ? 376 HOH A O   1 
HETATM 1378 O  O   . HOH B 2 .   ? -9.956  12.001  -8.578  1.00 27.74 ? 377 HOH A O   1 
HETATM 1379 O  O   . HOH B 2 .   ? 17.864  12.157  -5.397  1.00 26.95 ? 378 HOH A O   1 
HETATM 1380 O  O   . HOH B 2 .   ? 5.185   -24.773 2.363   1.00 28.17 ? 379 HOH A O   1 
HETATM 1381 O  O   . HOH B 2 .   ? 5.426   -6.196  -14.803 1.00 27.31 ? 380 HOH A O   1 
HETATM 1382 O  O   . HOH B 2 .   ? -2.980  -0.301  21.794  1.00 29.62 ? 381 HOH A O   1 
HETATM 1383 O  O   . HOH B 2 .   ? -7.002  18.432  0.065   1.00 30.00 ? 382 HOH A O   1 
HETATM 1384 O  O   . HOH B 2 .   ? 8.623   14.359  -10.001 1.00 21.45 ? 383 HOH A O   1 
HETATM 1385 O  O   . HOH B 2 .   ? -8.537  -17.283 -9.862  1.00 32.27 ? 384 HOH A O   1 
HETATM 1386 O  O   . HOH B 2 .   ? 1.399   -5.212  -17.780 1.00 23.40 ? 385 HOH A O   1 
HETATM 1387 O  O   . HOH B 2 .   ? -18.111 -7.257  1.882   1.00 31.44 ? 386 HOH A O   1 
HETATM 1388 O  O   . HOH B 2 .   ? -9.896  -12.935 -8.304  1.00 31.99 ? 387 HOH A O   1 
HETATM 1389 O  O   . HOH B 2 .   ? -16.216 -10.156 3.786   1.00 33.57 ? 388 HOH A O   1 
HETATM 1390 O  O   . HOH B 2 .   ? 17.710  16.575  -0.573  1.00 23.34 ? 389 HOH A O   1 
HETATM 1391 O  O   . HOH B 2 .   ? 19.530  4.006   -2.002  1.00 32.26 ? 390 HOH A O   1 
HETATM 1392 O  O   . HOH B 2 .   ? -12.284 11.217  -0.206  1.00 29.78 ? 391 HOH A O   1 
HETATM 1393 O  O   . HOH B 2 .   ? 9.769   -2.872  -15.892 1.00 33.13 ? 392 HOH A O   1 
HETATM 1394 O  O   . HOH B 2 .   ? -15.914 0.371   -12.991 1.00 27.90 ? 393 HOH A O   1 
HETATM 1395 O  O   . HOH B 2 .   ? -7.320  -12.099 -8.927  1.00 37.61 ? 394 HOH A O   1 
HETATM 1396 O  O   . HOH B 2 .   ? 19.611  1.033   0.238   1.00 27.59 ? 395 HOH A O   1 
HETATM 1397 O  O   . HOH B 2 .   ? 5.976   15.040  -9.813  1.00 27.83 ? 396 HOH A O   1 
HETATM 1398 O  O   . HOH B 2 .   ? -3.907  -20.388 -0.364  1.00 29.50 ? 397 HOH A O   1 
HETATM 1399 O  O   . HOH B 2 .   ? -14.759 6.127   -8.292  1.00 28.22 ? 398 HOH A O   1 
HETATM 1400 O  O   . HOH B 2 .   ? 7.055   -21.995 1.788   1.00 38.04 ? 399 HOH A O   1 
HETATM 1401 O  O   . HOH B 2 .   ? 2.356   -22.198 -7.402  1.00 29.96 ? 400 HOH A O   1 
HETATM 1402 O  O   . HOH B 2 .   ? -6.224  12.420  11.016  1.00 28.42 ? 401 HOH A O   1 
HETATM 1403 O  O   . HOH B 2 .   ? -7.818  12.614  7.747   1.00 26.54 ? 402 HOH A O   1 
HETATM 1404 O  O   . HOH B 2 .   ? -9.390  6.117   10.970  1.00 28.79 ? 403 HOH A O   1 
HETATM 1405 O  O   . HOH B 2 .   ? 14.591  18.248  2.065   1.00 32.74 ? 404 HOH A O   1 
HETATM 1406 O  O   . HOH B 2 .   ? 17.378  4.344   -4.507  1.00 32.49 ? 405 HOH A O   1 
HETATM 1407 O  O   . HOH B 2 .   ? 11.682  -10.127 -0.239  1.00 28.59 ? 406 HOH A O   1 
HETATM 1408 O  O   . HOH B 2 .   ? 7.852   -11.472 -5.956  1.00 29.81 ? 407 HOH A O   1 
HETATM 1409 O  O   . HOH B 2 .   ? 15.349  8.908   8.935   1.00 27.76 ? 408 HOH A O   1 
HETATM 1410 O  O   . HOH B 2 .   ? 13.625  -6.108  4.981   1.00 30.65 ? 409 HOH A O   1 
HETATM 1411 O  O   . HOH B 2 .   ? 8.546   -2.452  -8.894  1.00 31.23 ? 410 HOH A O   1 
HETATM 1412 O  O   . HOH B 2 .   ? -15.399 -13.282 1.699   1.00 24.27 ? 411 HOH A O   1 
HETATM 1413 O  O   . HOH B 2 .   ? 2.762   -24.162 -3.336  1.00 27.99 ? 412 HOH A O   1 
HETATM 1414 O  O   . HOH B 2 .   ? 16.558  -5.108  -1.371  1.00 29.15 ? 413 HOH A O   1 
HETATM 1415 O  O   . HOH B 2 .   ? -4.679  -16.946 5.904   1.00 30.31 ? 414 HOH A O   1 
HETATM 1416 O  O   . HOH B 2 .   ? -9.360  10.541  8.569   1.00 34.92 ? 415 HOH A O   1 
HETATM 1417 O  O   . HOH B 2 .   ? -20.463 -6.475  3.257   1.00 40.98 ? 416 HOH A O   1 
HETATM 1418 O  O   . HOH B 2 .   ? 11.818  -0.797  -7.165  1.00 34.24 ? 417 HOH A O   1 
HETATM 1419 O  O   . HOH B 2 .   ? -10.521 -19.818 -1.755  1.00 29.54 ? 418 HOH A O   1 
HETATM 1420 O  O   . HOH B 2 .   ? -10.531 14.047  -2.950  1.00 29.71 ? 419 HOH A O   1 
HETATM 1421 O  O   . HOH B 2 .   ? 2.761   16.928  10.781  1.00 19.66 ? 420 HOH A O   1 
HETATM 1422 O  O   . HOH B 2 .   ? 15.244  15.141  -7.416  1.00 31.62 ? 421 HOH A O   1 
HETATM 1423 O  O   . HOH B 2 .   ? 3.583   -23.602 7.111   1.00 36.94 ? 422 HOH A O   1 
HETATM 1424 O  O   . HOH B 2 .   ? 19.057  14.227  -3.916  1.00 29.51 ? 423 HOH A O   1 
HETATM 1425 O  O   . HOH B 2 .   ? 0.145   1.142   18.815  1.00 37.27 ? 424 HOH A O   1 
HETATM 1426 O  O   . HOH B 2 .   ? 8.420   18.343  -6.931  1.00 29.74 ? 425 HOH A O   1 
HETATM 1427 O  O   . HOH B 2 .   ? 14.060  20.923  2.221   1.00 26.69 ? 426 HOH A O   1 
HETATM 1428 O  O   . HOH B 2 .   ? 4.579   -3.064  -20.064 1.00 34.83 ? 427 HOH A O   1 
HETATM 1429 O  O   . HOH B 2 .   ? -17.536 -9.137  0.070   1.00 28.20 ? 428 HOH A O   1 
HETATM 1430 O  O   . HOH B 2 .   ? -12.377 -13.814 -2.908  1.00 39.46 ? 429 HOH A O   1 
HETATM 1431 O  O   . HOH B 2 .   ? 1.439   7.579   17.290  1.00 27.68 ? 430 HOH A O   1 
HETATM 1432 O  O   . HOH B 2 .   ? 10.557  0.439   -12.040 1.00 28.88 ? 431 HOH A O   1 
HETATM 1433 O  O   . HOH B 2 .   ? 16.274  11.663  -9.703  1.00 39.88 ? 432 HOH A O   1 
HETATM 1434 O  O   . HOH B 2 .   ? -7.644  -20.529 -7.096  1.00 21.05 ? 433 HOH A O   1 
HETATM 1435 O  O   . HOH B 2 .   ? 10.539  -0.521  -3.702  1.00 10.48 ? 434 HOH A O   1 
HETATM 1436 O  O   . HOH B 2 .   ? 6.927   -5.582  -6.412  1.00 23.06 ? 435 HOH A O   1 
HETATM 1437 O  O   . HOH B 2 .   ? 16.411  8.746   6.433   1.00 19.88 ? 436 HOH A O   1 
HETATM 1438 O  O   . HOH B 2 .   ? 19.120  8.238   6.602   1.00 20.15 ? 437 HOH A O   1 
HETATM 1439 O  O   . HOH B 2 .   ? 3.593   1.659   16.890  1.00 26.28 ? 438 HOH A O   1 
HETATM 1440 O  O   . HOH B 2 .   ? 5.803   17.980  -9.739  1.00 31.03 ? 439 HOH A O   1 
HETATM 1441 O  O   . HOH B 2 .   ? -17.182 -4.408  5.379   1.00 23.53 ? 440 HOH A O   1 
HETATM 1442 O  O   . HOH B 2 .   ? -15.595 -4.472  2.746   1.00 27.17 ? 441 HOH A O   1 
HETATM 1443 O  O   . HOH B 2 .   ? -19.772 -5.409  -0.849  1.00 26.93 ? 442 HOH A O   1 
HETATM 1444 O  O   . HOH B 2 .   ? -13.217 -6.843  2.282   1.00 28.05 ? 443 HOH A O   1 
HETATM 1445 O  O   . HOH B 2 .   ? -13.846 -8.155  -3.216  1.00 27.97 ? 444 HOH A O   1 
HETATM 1446 O  O   . HOH B 2 .   ? -2.502  -7.655  -5.670  1.00 25.89 ? 445 HOH A O   1 
HETATM 1447 O  O   . HOH B 2 .   ? 9.789   -12.381 -5.026  1.00 25.35 ? 446 HOH A O   1 
HETATM 1448 O  O   . HOH B 2 .   ? 4.696   -1.888  -22.856 1.00 27.54 ? 447 HOH A O   1 
HETATM 1449 O  O   . HOH B 2 .   ? 7.635   -18.813 4.599   1.00 29.69 ? 448 HOH A O   1 
HETATM 1450 O  O   . HOH B 2 .   ? 8.447   -21.014 6.075   1.00 24.53 ? 449 HOH A O   1 
HETATM 1451 O  O   . HOH B 2 .   ? 8.300   -21.675 10.321  1.00 25.31 ? 450 HOH A O   1 
HETATM 1452 O  O   . HOH B 2 .   ? 9.077   -12.478 7.931   1.00 22.92 ? 451 HOH A O   1 
HETATM 1453 O  O   . HOH B 2 .   ? 10.175  -6.919  7.350   1.00 27.91 ? 452 HOH A O   1 
HETATM 1454 O  O   . HOH B 2 .   ? -4.295  -8.457  12.442  1.00 24.53 ? 453 HOH A O   1 
HETATM 1455 O  O   . HOH B 2 .   ? -12.346 -6.990  13.012  1.00 25.28 ? 454 HOH A O   1 
HETATM 1456 O  O   . HOH B 2 .   ? -9.606  7.463   7.542   1.00 17.82 ? 455 HOH A O   1 
HETATM 1457 O  O   . HOH B 2 .   ? 4.510   -4.228  -8.191  1.00 27.77 ? 456 HOH A O   1 
HETATM 1458 O  O   . HOH B 2 .   ? -13.639 -16.071 -3.672  1.00 30.91 ? 457 HOH A O   1 
HETATM 1459 O  O   . HOH B 2 .   ? 2.709   -25.006 3.004   1.00 26.10 ? 458 HOH A O   1 
HETATM 1460 O  O   . HOH B 2 .   ? -13.425 6.576   2.644   1.00 28.02 ? 459 HOH A O   1 
HETATM 1461 O  O   . HOH B 2 .   ? -8.109  12.673  3.441   1.00 28.23 ? 460 HOH A O   1 
HETATM 1462 O  O   . HOH B 2 .   ? -10.254 11.014  3.867   1.00 25.46 ? 461 HOH A O   1 
HETATM 1463 O  O   . HOH B 2 .   ? -0.016  -21.841 -10.402 1.00 26.79 ? 462 HOH A O   1 
HETATM 1464 O  O   . HOH B 2 .   ? 22.451  3.907   0.510   1.00 28.80 ? 463 HOH A O   1 
HETATM 1465 O  O   . HOH B 2 .   ? 17.710  6.855   -3.712  1.00 28.95 ? 464 HOH A O   1 
HETATM 1466 O  O   . HOH B 2 .   ? 14.920  17.276  -0.828  1.00 27.60 ? 465 HOH A O   1 
HETATM 1467 O  O   . HOH B 2 .   ? 10.769  16.958  0.052   1.00 26.22 ? 466 HOH A O   1 
HETATM 1468 O  O   . HOH B 2 .   ? 15.189  -2.779  2.640   1.00 27.68 ? 467 HOH A O   1 
HETATM 1469 O  O   . HOH B 2 .   ? 13.944  -1.666  4.748   1.00 29.35 ? 468 HOH A O   1 
HETATM 1470 O  O   . HOH B 2 .   ? 11.143  -11.034 -7.668  1.00 23.56 ? 469 HOH A O   1 
HETATM 1471 O  O   . HOH B 2 .   ? 13.244  -13.010 -1.729  1.00 30.30 ? 470 HOH A O   1 
HETATM 1472 O  O   . HOH B 2 .   ? 5.888   6.815   16.654  1.00 29.67 ? 471 HOH A O   1 
HETATM 1473 O  O   . HOH B 2 .   ? 7.364   12.957  9.275   1.00 17.06 ? 472 HOH A O   1 
HETATM 1474 O  O   . HOH B 2 .   ? -9.462  8.390   13.155  1.00 29.87 ? 473 HOH A O   1 
HETATM 1475 O  O   . HOH B 2 .   ? -9.650  -0.222  15.881  1.00 28.21 ? 474 HOH A O   1 
# 
